data_6E7Z
#
_entry.id   6E7Z
#
loop_
_entity.id
_entity.type
_entity.pdbx_description
1 polymer Mucolipin-1
2 non-polymer '(1R,2S,3S,4R,5S,6R)-5-{[(R)-[(2R)-2,3-bis{[(1S)-1-hydroxyoctyl]oxy}propoxy](hydroxy)phosphoryl]oxy}-2,4,6-trihydroxycyclohexane-1,3-diyl bis[dihydrogen (phosphate)]'
3 non-polymer 2-{2-oxo-2-[(4S)-2,2,4-trimethyl-3,4-dihydroquinolin-1(2H)-yl]ethyl}-1H-isoindole-1,3(2H)-dione
#
_entity_poly.entity_id   1
_entity_poly.type   'polypeptide(L)'
_entity_poly.pdbx_seq_one_letter_code
;MTAPAGPRGSETERLLTPNPGYGTQAGPSPAPPTPPEEEDLRRRLKYFFMSPCDKFRAKGRKPCKLMLQVVKILVVTVQL
ILFGLSNQLAVTFREENTIAFRHLFLLGYSDGADDTFAAYTREQLYQAIFHAVDQYLALPDVSLGRYAYVRGGGDPWTNG
SGLALCQRYYHRGHVDPANDTFDIDPMVVTDCIQVDPPERPPPPPSDDLTLLESSSSYKNLTLKFHKLVNVTIHFRLKTI
NLQSLINNEIPDCYTFSVLITFDNKAHSGRIPISLETQAHIQECKHPSVFQHGDNSFRLLFDVVVILTCSLSFLLCARSL
LRGFLLQNEFVGFMWRQRGRVISLWERLEFVNGWYILLVTSDVLTISGTIMKIGIEAKNLASYDVCSILLGTSTLLVWVG
VIRYLTFFHNYNILIATLRVALPSVMRFCCCVAVIYLGYCFCGWIVLGPYHVKFRSLSMVSECLFSLINGDDMFVTFAAM
QAQQGRSSLVWLFSQLYLYSFISLFIYMVLSLFIALITGAYDTIKHPGGAGAEESELQAYIAQCQDSPTSGKFRRGSGSA
CSLLCCCGRDPSEEHSLLVN
;
_entity_poly.pdbx_strand_id   A,B,C,D
#
loop_
_chem_comp.id
_chem_comp.type
_chem_comp.name
_chem_comp.formula
AQV non-polymer 2-{2-oxo-2-[(4S)-2,2,4-trimethyl-3,4-dihydroquinolin-1(2H)-yl]ethyl}-1H-isoindole-1,3(2H)-dione 'C22 H22 N2 O3'
HZ7 non-polymer '(1R,2S,3S,4R,5S,6R)-5-{[(R)-[(2R)-2,3-bis{[(1S)-1-hydroxyoctyl]oxy}propoxy](hydroxy)phosphoryl]oxy}-2,4,6-trihydroxycyclohexane-1,3-diyl bis[dihydrogen (phosphate)]' 'C25 H53 O19 P3'
#
# COMPACT_ATOMS: atom_id res chain seq x y z
N GLU A 38 63.83 2.71 1.98
CA GLU A 38 63.11 2.94 3.21
C GLU A 38 64.06 3.46 4.29
N GLU A 39 65.26 3.87 3.91
CA GLU A 39 66.16 4.51 4.87
C GLU A 39 65.73 5.96 5.09
N ASP A 40 65.80 6.76 4.04
CA ASP A 40 65.28 8.12 4.08
C ASP A 40 63.90 8.23 3.49
N LEU A 41 63.44 7.19 2.78
CA LEU A 41 62.08 7.20 2.25
C LEU A 41 61.06 7.08 3.35
N ARG A 42 61.42 6.41 4.45
CA ARG A 42 60.45 6.08 5.50
C ARG A 42 59.90 7.34 6.14
N ARG A 43 60.78 8.26 6.55
CA ARG A 43 60.32 9.51 7.10
C ARG A 43 59.65 10.36 6.03
N ARG A 44 60.06 10.21 4.77
CA ARG A 44 59.36 10.89 3.69
C ARG A 44 57.99 10.27 3.44
N LEU A 45 57.86 8.96 3.58
CA LEU A 45 56.54 8.34 3.49
C LEU A 45 55.79 8.40 4.80
N LYS A 46 56.45 8.80 5.88
CA LYS A 46 55.77 8.92 7.16
C LYS A 46 54.74 10.03 7.11
N TYR A 47 55.07 11.12 6.41
CA TYR A 47 54.11 12.20 6.25
C TYR A 47 52.96 11.81 5.31
N PHE A 48 53.14 10.74 4.55
CA PHE A 48 52.17 10.38 3.53
C PHE A 48 51.01 9.57 4.10
N PHE A 49 51.08 9.14 5.34
CA PHE A 49 49.96 8.48 6.00
C PHE A 49 49.82 8.94 7.44
N MET A 50 49.92 10.25 7.67
CA MET A 50 49.64 10.80 8.99
C MET A 50 48.15 10.85 9.22
N SER A 51 47.75 11.29 10.39
CA SER A 51 46.39 11.77 10.56
C SER A 51 46.41 13.24 10.18
N PRO A 52 45.25 13.88 10.02
CA PRO A 52 45.27 15.34 9.93
C PRO A 52 45.73 16.01 11.22
N CYS A 53 45.48 15.37 12.37
CA CYS A 53 45.72 16.05 13.64
C CYS A 53 47.20 16.06 14.02
N ASP A 54 47.90 14.93 13.90
CA ASP A 54 49.27 14.88 14.36
C ASP A 54 50.21 15.60 13.39
N LYS A 55 49.81 15.69 12.13
CA LYS A 55 50.61 16.37 11.13
C LYS A 55 50.64 17.87 11.39
N PHE A 56 49.55 18.41 11.95
CA PHE A 56 49.52 19.83 12.31
C PHE A 56 50.49 20.14 13.44
N ARG A 57 50.78 19.16 14.28
CA ARG A 57 51.74 19.42 15.34
C ARG A 57 53.14 18.94 14.97
N ALA A 58 53.25 18.02 14.02
CA ALA A 58 54.57 17.55 13.63
C ALA A 58 55.26 18.52 12.69
N LYS A 59 54.52 19.39 12.00
CA LYS A 59 55.13 20.37 11.14
C LYS A 59 54.71 21.80 11.45
N GLY A 60 53.44 22.03 11.75
CA GLY A 60 53.00 23.37 12.07
C GLY A 60 52.59 24.20 10.88
N ARG A 61 51.64 23.71 10.08
CA ARG A 61 51.04 24.47 8.99
C ARG A 61 49.52 24.37 9.09
N LYS A 62 48.86 25.49 8.86
CA LYS A 62 47.51 25.72 9.35
C LYS A 62 46.47 24.90 8.57
N PRO A 63 45.38 24.49 9.22
CA PRO A 63 44.40 23.61 8.58
C PRO A 63 43.41 24.30 7.64
N CYS A 64 43.73 25.51 7.14
CA CYS A 64 42.94 26.12 6.09
C CYS A 64 42.91 25.28 4.83
N LYS A 65 43.96 24.50 4.61
CA LYS A 65 43.97 23.49 3.56
C LYS A 65 42.88 22.45 3.79
N LEU A 66 42.53 22.21 5.04
CA LEU A 66 41.40 21.33 5.36
C LEU A 66 40.09 22.08 5.36
N MET A 67 40.02 23.21 6.07
CA MET A 67 38.72 23.73 6.50
C MET A 67 37.99 24.44 5.37
N LEU A 68 38.62 24.57 4.20
CA LEU A 68 37.88 25.08 3.05
C LEU A 68 36.83 24.07 2.59
N GLN A 69 37.09 22.78 2.83
CA GLN A 69 36.07 21.76 2.62
C GLN A 69 34.90 21.96 3.57
N VAL A 70 35.17 22.46 4.77
CA VAL A 70 34.10 22.60 5.75
C VAL A 70 33.19 23.76 5.37
N VAL A 71 33.77 24.87 4.92
CA VAL A 71 32.94 26.03 4.65
C VAL A 71 32.17 25.87 3.35
N LYS A 72 32.71 25.12 2.38
CA LYS A 72 32.01 24.96 1.12
C LYS A 72 30.80 24.04 1.25
N ILE A 73 30.73 23.27 2.33
CA ILE A 73 29.45 22.66 2.70
C ILE A 73 28.42 23.74 2.93
N LEU A 74 28.76 24.74 3.75
CA LEU A 74 27.81 25.78 4.07
C LEU A 74 27.66 26.78 2.92
N VAL A 75 28.55 26.71 1.93
CA VAL A 75 28.35 27.52 0.73
C VAL A 75 27.32 26.86 -0.18
N VAL A 76 27.64 25.65 -0.66
CA VAL A 76 26.94 25.08 -1.80
C VAL A 76 25.54 24.65 -1.41
N THR A 77 25.35 24.30 -0.14
CA THR A 77 24.02 23.90 0.33
C THR A 77 23.07 25.09 0.31
N VAL A 78 23.57 26.27 0.67
CA VAL A 78 22.77 27.47 0.55
C VAL A 78 22.56 27.81 -0.92
N GLN A 79 23.55 27.51 -1.75
CA GLN A 79 23.43 27.78 -3.17
C GLN A 79 22.37 26.92 -3.82
N LEU A 80 22.23 25.68 -3.35
CA LEU A 80 21.17 24.80 -3.84
C LEU A 80 19.79 25.33 -3.46
N ILE A 81 19.60 25.70 -2.20
CA ILE A 81 18.28 26.08 -1.74
C ILE A 81 17.89 27.44 -2.32
N LEU A 82 18.86 28.34 -2.47
CA LEU A 82 18.57 29.62 -3.09
C LEU A 82 18.35 29.47 -4.58
N PHE A 83 18.85 28.41 -5.18
CA PHE A 83 18.36 28.03 -6.49
C PHE A 83 16.98 27.40 -6.40
N GLY A 84 16.69 26.74 -5.28
CA GLY A 84 15.48 25.95 -5.17
C GLY A 84 14.22 26.78 -5.10
N LEU A 85 14.31 28.00 -4.60
CA LEU A 85 13.14 28.86 -4.59
C LEU A 85 12.80 29.34 -5.99
N SER A 86 13.83 29.51 -6.82
CA SER A 86 13.57 29.98 -8.17
C SER A 86 13.05 28.87 -9.06
N ASN A 87 13.51 27.66 -8.85
CA ASN A 87 13.10 26.57 -9.73
C ASN A 87 11.67 26.14 -9.43
N GLN A 88 11.34 26.01 -8.15
CA GLN A 88 10.06 25.45 -7.74
C GLN A 88 8.89 26.35 -8.15
N LEU A 89 9.15 27.64 -8.33
CA LEU A 89 8.15 28.52 -8.89
C LEU A 89 8.03 28.34 -10.40
N ALA A 90 9.15 28.16 -11.09
CA ALA A 90 9.14 28.21 -12.55
C ALA A 90 8.61 26.92 -13.17
N VAL A 91 8.29 25.92 -12.37
CA VAL A 91 7.71 24.70 -12.93
C VAL A 91 6.22 24.67 -12.65
N THR A 92 5.80 25.24 -11.52
CA THR A 92 4.38 25.33 -11.22
C THR A 92 3.66 26.22 -12.21
N PHE A 93 4.36 27.24 -12.73
CA PHE A 93 3.78 28.02 -13.81
C PHE A 93 3.63 27.18 -15.07
N ARG A 94 4.59 26.30 -15.34
CA ARG A 94 4.42 25.36 -16.43
C ARG A 94 3.37 24.31 -16.08
N GLU A 95 3.23 24.01 -14.79
CA GLU A 95 2.29 22.97 -14.40
C GLU A 95 0.84 23.44 -14.40
N GLU A 96 0.58 24.58 -13.76
CA GLU A 96 -0.81 24.99 -13.53
C GLU A 96 -1.50 25.41 -14.83
N ASN A 97 -0.74 25.95 -15.76
CA ASN A 97 -1.36 26.32 -17.03
C ASN A 97 -1.71 25.09 -17.86
N THR A 98 -1.02 23.97 -17.65
CA THR A 98 -1.47 22.74 -18.29
C THR A 98 -2.73 22.22 -17.65
N ILE A 99 -2.81 22.28 -16.32
CA ILE A 99 -4.00 21.81 -15.60
C ILE A 99 -5.20 22.66 -15.94
N ALA A 100 -4.96 23.95 -16.19
CA ALA A 100 -6.04 24.83 -16.58
C ALA A 100 -6.56 24.50 -17.96
N PHE A 101 -5.68 24.13 -18.89
CA PHE A 101 -6.12 24.03 -20.27
C PHE A 101 -6.89 22.75 -20.54
N ARG A 102 -6.86 21.79 -19.61
CA ARG A 102 -7.85 20.73 -19.68
C ARG A 102 -9.24 21.30 -19.45
N HIS A 103 -9.39 22.12 -18.41
CA HIS A 103 -10.69 22.60 -17.99
C HIS A 103 -11.22 23.72 -18.86
N LEU A 104 -10.56 24.03 -19.95
CA LEU A 104 -11.11 24.95 -20.94
C LEU A 104 -11.40 24.27 -22.26
N PHE A 105 -10.52 23.38 -22.69
CA PHE A 105 -10.55 22.92 -24.06
C PHE A 105 -11.05 21.50 -24.21
N LEU A 106 -11.44 20.86 -23.12
CA LEU A 106 -11.96 19.51 -23.20
C LEU A 106 -13.36 19.50 -22.63
N LEU A 107 -14.30 18.96 -23.40
CA LEU A 107 -15.67 18.86 -22.92
C LEU A 107 -15.79 17.80 -21.84
N GLY A 108 -16.30 18.21 -20.68
CA GLY A 108 -16.63 17.24 -19.65
C GLY A 108 -15.45 16.61 -18.97
N TYR A 109 -14.31 17.25 -18.99
CA TYR A 109 -13.14 16.75 -18.28
C TYR A 109 -13.36 16.87 -16.79
N SER A 110 -13.02 15.83 -16.05
CA SER A 110 -12.85 15.94 -14.61
C SER A 110 -11.42 15.58 -14.28
N ASP A 111 -11.02 15.87 -13.05
CA ASP A 111 -9.64 15.68 -12.65
C ASP A 111 -9.34 14.20 -12.45
N GLY A 112 -8.05 13.91 -12.28
CA GLY A 112 -7.64 12.55 -12.05
C GLY A 112 -7.24 11.82 -13.31
N ALA A 113 -8.17 11.06 -13.87
CA ALA A 113 -7.86 10.19 -14.99
C ALA A 113 -7.75 11.02 -16.26
N ASP A 114 -6.58 10.93 -16.90
CA ASP A 114 -6.32 11.58 -18.17
C ASP A 114 -6.30 10.60 -19.31
N ASP A 115 -6.44 9.31 -19.02
CA ASP A 115 -6.43 8.28 -20.04
C ASP A 115 -7.79 7.71 -20.32
N THR A 116 -8.67 7.65 -19.31
CA THR A 116 -9.99 7.09 -19.53
C THR A 116 -10.89 8.04 -20.30
N PHE A 117 -10.49 9.30 -20.41
CA PHE A 117 -11.29 10.27 -21.15
C PHE A 117 -11.20 9.98 -22.63
N ALA A 118 -12.24 9.36 -23.18
CA ALA A 118 -12.21 8.92 -24.55
C ALA A 118 -13.60 9.05 -25.15
N ALA A 119 -13.67 9.50 -26.40
CA ALA A 119 -14.94 9.68 -27.07
C ALA A 119 -15.28 8.42 -27.85
N TYR A 120 -16.50 7.92 -27.66
CA TYR A 120 -16.91 6.68 -28.29
C TYR A 120 -17.87 6.89 -29.43
N THR A 121 -18.87 7.73 -29.25
CA THR A 121 -19.88 7.96 -30.25
C THR A 121 -19.31 8.76 -31.40
N ARG A 122 -20.10 8.93 -32.46
CA ARG A 122 -19.66 9.75 -33.56
C ARG A 122 -19.72 11.22 -33.21
N GLU A 123 -20.81 11.65 -32.57
CA GLU A 123 -20.98 13.09 -32.37
C GLU A 123 -20.13 13.62 -31.24
N GLN A 124 -19.74 12.76 -30.28
CA GLN A 124 -18.87 13.28 -29.24
C GLN A 124 -17.47 13.55 -29.75
N LEU A 125 -17.08 12.97 -30.87
CA LEU A 125 -15.89 13.44 -31.51
C LEU A 125 -16.11 14.84 -32.07
N TYR A 126 -17.30 15.11 -32.60
CA TYR A 126 -17.60 16.43 -33.13
C TYR A 126 -17.66 17.46 -32.03
N GLN A 127 -18.40 17.15 -30.96
CA GLN A 127 -18.69 18.15 -29.95
C GLN A 127 -17.44 18.53 -29.19
N ALA A 128 -16.52 17.59 -29.01
CA ALA A 128 -15.28 17.92 -28.33
C ALA A 128 -14.39 18.79 -29.20
N ILE A 129 -14.45 18.59 -30.52
CA ILE A 129 -13.72 19.47 -31.42
C ILE A 129 -14.31 20.87 -31.38
N PHE A 130 -15.63 20.96 -31.54
CA PHE A 130 -16.29 22.26 -31.64
C PHE A 130 -16.20 23.02 -30.32
N HIS A 131 -16.27 22.29 -29.20
CA HIS A 131 -16.08 22.94 -27.92
C HIS A 131 -14.62 23.28 -27.69
N ALA A 132 -13.71 22.69 -28.44
CA ALA A 132 -12.33 23.16 -28.37
C ALA A 132 -12.08 24.33 -29.29
N VAL A 133 -12.82 24.42 -30.40
CA VAL A 133 -12.60 25.50 -31.34
C VAL A 133 -13.05 26.83 -30.77
N ASP A 134 -14.30 26.91 -30.32
CA ASP A 134 -14.90 28.19 -29.98
C ASP A 134 -14.29 28.81 -28.73
N GLN A 135 -13.75 27.97 -27.84
CA GLN A 135 -13.02 28.52 -26.71
C GLN A 135 -11.76 29.23 -27.16
N TYR A 136 -11.11 28.72 -28.20
CA TYR A 136 -9.99 29.45 -28.80
C TYR A 136 -10.47 30.73 -29.45
N LEU A 137 -11.67 30.73 -29.99
CA LEU A 137 -12.22 31.93 -30.58
C LEU A 137 -12.60 32.93 -29.50
N ALA A 138 -13.37 32.48 -28.52
CA ALA A 138 -13.97 33.37 -27.54
C ALA A 138 -13.16 33.43 -26.27
N LEU A 139 -11.83 33.37 -26.39
CA LEU A 139 -11.00 33.22 -25.19
C LEU A 139 -11.02 34.42 -24.25
N PRO A 140 -10.67 35.66 -24.66
CA PRO A 140 -10.43 36.69 -23.64
C PRO A 140 -11.69 37.22 -23.00
N ASP A 141 -12.86 36.87 -23.51
CA ASP A 141 -14.08 37.29 -22.84
C ASP A 141 -14.47 36.31 -21.74
N VAL A 142 -13.93 35.09 -21.79
CA VAL A 142 -14.35 34.03 -20.88
C VAL A 142 -13.25 33.56 -19.96
N SER A 143 -12.01 33.96 -20.18
CA SER A 143 -10.91 33.43 -19.42
C SER A 143 -10.35 34.44 -18.46
N LEU A 144 -9.66 33.93 -17.45
CA LEU A 144 -8.85 34.76 -16.55
C LEU A 144 -7.42 34.29 -16.69
N GLY A 145 -6.51 35.23 -16.92
CA GLY A 145 -5.13 34.85 -17.21
C GLY A 145 -4.45 35.74 -18.22
N ARG A 146 -5.24 36.48 -19.00
CA ARG A 146 -4.78 37.59 -19.85
C ARG A 146 -3.77 37.10 -20.91
N TYR A 147 -4.29 36.32 -21.81
CA TYR A 147 -3.43 35.70 -22.81
C TYR A 147 -3.44 36.56 -24.06
N ALA A 148 -2.79 36.09 -25.12
CA ALA A 148 -2.78 36.79 -26.40
C ALA A 148 -2.50 35.80 -27.50
N TYR A 149 -2.99 36.09 -28.69
CA TYR A 149 -2.85 35.19 -29.82
C TYR A 149 -1.49 35.35 -30.46
N VAL A 150 -1.13 34.40 -31.32
CA VAL A 150 0.27 34.31 -31.73
C VAL A 150 0.52 34.84 -33.14
N ARG A 151 -0.46 34.75 -34.05
CA ARG A 151 -0.37 35.16 -35.46
C ARG A 151 0.82 34.50 -36.15
N GLY A 152 0.75 33.17 -36.25
CA GLY A 152 1.92 32.39 -36.57
C GLY A 152 2.33 32.43 -38.03
N GLY A 153 3.46 31.78 -38.31
CA GLY A 153 3.94 31.56 -39.66
C GLY A 153 4.68 30.26 -39.89
N GLY A 154 4.51 29.28 -38.99
CA GLY A 154 5.29 28.07 -39.04
C GLY A 154 4.84 27.11 -40.13
N ASP A 155 5.38 25.89 -40.06
CA ASP A 155 5.22 24.93 -41.15
C ASP A 155 3.84 24.25 -41.14
N PRO A 156 3.24 23.85 -39.98
CA PRO A 156 1.79 23.63 -40.00
C PRO A 156 1.02 24.89 -39.69
N TRP A 157 1.35 25.96 -40.41
CA TRP A 157 0.66 27.24 -40.35
C TRP A 157 0.83 27.93 -41.69
N THR A 158 0.10 29.03 -41.86
CA THR A 158 0.40 30.06 -42.83
C THR A 158 0.49 31.37 -42.09
N ASN A 159 0.52 32.47 -42.83
CA ASN A 159 0.47 33.78 -42.19
C ASN A 159 -0.97 34.26 -42.18
N GLY A 160 -1.45 34.65 -41.00
CA GLY A 160 -2.83 35.07 -40.83
C GLY A 160 -3.61 34.22 -39.85
N SER A 161 -3.42 32.91 -39.88
CA SER A 161 -4.12 31.99 -38.98
C SER A 161 -3.18 31.46 -37.91
N GLY A 162 -3.75 31.10 -36.77
CA GLY A 162 -2.97 30.56 -35.67
C GLY A 162 -3.43 29.20 -35.21
N LEU A 163 -4.71 28.90 -35.42
CA LEU A 163 -5.27 27.60 -35.12
C LEU A 163 -5.29 26.76 -36.38
N ALA A 164 -5.04 25.47 -36.25
CA ALA A 164 -5.14 24.58 -37.39
C ALA A 164 -5.59 23.20 -36.93
N LEU A 165 -6.73 22.75 -37.41
CA LEU A 165 -7.14 21.38 -37.21
C LEU A 165 -6.82 20.62 -38.48
N CYS A 166 -6.46 19.36 -38.34
CA CYS A 166 -5.79 18.66 -39.44
C CYS A 166 -6.25 17.22 -39.47
N GLN A 167 -7.03 16.87 -40.48
CA GLN A 167 -7.39 15.47 -40.65
C GLN A 167 -6.22 14.70 -41.24
N ARG A 168 -6.22 13.40 -40.98
CA ARG A 168 -5.17 12.49 -41.43
C ARG A 168 -5.81 11.18 -41.77
N TYR A 169 -5.73 10.76 -43.03
CA TYR A 169 -6.30 9.47 -43.38
C TYR A 169 -5.55 8.89 -44.56
N TYR A 170 -5.87 7.62 -44.86
CA TYR A 170 -5.21 6.90 -45.93
C TYR A 170 -5.71 7.41 -47.26
N HIS A 171 -4.78 7.66 -48.19
CA HIS A 171 -5.17 8.25 -49.46
C HIS A 171 -5.97 7.29 -50.33
N ARG A 172 -5.45 6.10 -50.57
CA ARG A 172 -6.03 5.22 -51.58
C ARG A 172 -6.42 3.92 -50.90
N GLY A 173 -7.70 3.74 -50.69
CA GLY A 173 -8.16 2.59 -49.94
C GLY A 173 -9.66 2.48 -49.94
N HIS A 174 -10.12 1.25 -49.71
CA HIS A 174 -11.55 0.92 -49.64
C HIS A 174 -11.69 -0.37 -48.86
N VAL A 175 -12.25 -0.30 -47.65
CA VAL A 175 -12.29 -1.47 -46.79
C VAL A 175 -13.73 -1.88 -46.57
N ASP A 176 -13.91 -3.18 -46.31
CA ASP A 176 -15.21 -3.77 -45.99
C ASP A 176 -15.07 -5.12 -45.31
N PRO A 177 -15.65 -5.30 -44.13
CA PRO A 177 -15.71 -6.64 -43.54
C PRO A 177 -16.84 -7.46 -44.11
N ALA A 178 -16.68 -8.79 -43.97
CA ALA A 178 -17.62 -9.86 -44.32
C ALA A 178 -17.87 -10.03 -45.81
N ASN A 179 -17.40 -9.09 -46.62
CA ASN A 179 -17.18 -9.28 -48.05
C ASN A 179 -15.80 -8.65 -48.21
N ASP A 180 -14.76 -9.44 -47.96
CA ASP A 180 -13.51 -8.92 -47.40
C ASP A 180 -12.59 -8.39 -48.51
N THR A 181 -12.24 -7.12 -48.40
CA THR A 181 -11.35 -6.42 -49.31
C THR A 181 -10.87 -5.17 -48.60
N PHE A 182 -9.57 -4.88 -48.67
CA PHE A 182 -9.01 -3.79 -47.88
C PHE A 182 -7.70 -3.30 -48.49
N ASP A 183 -7.64 -2.02 -48.83
CA ASP A 183 -6.42 -1.37 -49.30
C ASP A 183 -5.95 -0.40 -48.22
N ILE A 184 -4.74 -0.63 -47.72
CA ILE A 184 -4.24 0.05 -46.54
C ILE A 184 -2.98 0.82 -46.95
N ASP A 185 -3.00 1.38 -48.16
CA ASP A 185 -1.92 2.18 -48.70
C ASP A 185 -1.56 3.36 -47.79
N PRO A 186 -0.40 3.34 -47.15
CA PRO A 186 -0.07 4.34 -46.13
C PRO A 186 0.33 5.65 -46.77
N MET A 187 -0.57 6.63 -46.74
CA MET A 187 -0.33 7.91 -47.37
C MET A 187 -1.26 8.93 -46.74
N VAL A 188 -0.67 9.94 -46.09
CA VAL A 188 -1.45 10.91 -45.34
C VAL A 188 -2.22 11.82 -46.29
N VAL A 189 -3.26 12.43 -45.78
CA VAL A 189 -4.01 13.45 -46.51
C VAL A 189 -4.09 14.65 -45.59
N THR A 190 -3.13 15.56 -45.72
CA THR A 190 -2.93 16.64 -44.78
C THR A 190 -3.92 17.77 -45.11
N ASP A 191 -5.11 17.68 -44.53
CA ASP A 191 -6.15 18.66 -44.81
C ASP A 191 -6.22 19.71 -43.70
N CYS A 192 -5.15 20.46 -43.54
CA CYS A 192 -5.04 21.41 -42.44
C CYS A 192 -5.88 22.64 -42.75
N ILE A 193 -7.15 22.56 -42.36
CA ILE A 193 -8.09 23.63 -42.58
C ILE A 193 -7.85 24.70 -41.52
N GLN A 194 -7.19 25.79 -41.91
CA GLN A 194 -6.78 26.76 -40.93
C GLN A 194 -7.94 27.68 -40.57
N VAL A 195 -7.69 28.51 -39.55
CA VAL A 195 -8.65 29.49 -39.07
C VAL A 195 -7.90 30.56 -38.27
N ASP A 196 -8.20 31.81 -38.56
CA ASP A 196 -7.64 32.99 -37.91
C ASP A 196 -8.43 33.34 -36.67
N PRO A 197 -7.90 34.12 -35.76
CA PRO A 197 -8.70 34.62 -34.66
C PRO A 197 -9.27 35.99 -34.96
N PRO A 198 -10.44 36.31 -34.41
CA PRO A 198 -10.89 37.71 -34.39
C PRO A 198 -10.29 38.42 -33.20
N GLU A 199 -9.73 39.61 -33.43
CA GLU A 199 -8.87 40.22 -32.43
C GLU A 199 -9.59 41.20 -31.53
N ARG A 200 -10.13 42.27 -32.10
CA ARG A 200 -10.32 43.37 -31.15
C ARG A 200 -11.70 43.96 -31.26
N PRO A 201 -12.36 44.23 -30.11
CA PRO A 201 -13.48 45.15 -30.03
C PRO A 201 -13.11 46.55 -30.49
N SER A 216 -16.93 30.28 -39.16
CA SER A 216 -16.30 30.07 -40.46
C SER A 216 -16.58 28.66 -40.98
N SER A 217 -15.88 28.29 -42.05
CA SER A 217 -16.15 27.05 -42.76
C SER A 217 -15.58 25.82 -42.06
N TYR A 218 -15.06 25.95 -40.84
CA TYR A 218 -14.78 24.77 -40.03
C TYR A 218 -16.05 24.06 -39.61
N LYS A 219 -17.19 24.76 -39.63
CA LYS A 219 -18.47 24.09 -39.54
C LYS A 219 -18.69 23.15 -40.72
N ASN A 220 -18.28 23.57 -41.91
CA ASN A 220 -18.32 22.69 -43.08
C ASN A 220 -17.19 21.70 -42.91
N LEU A 221 -17.48 20.58 -42.24
CA LEU A 221 -16.44 19.62 -41.95
C LEU A 221 -16.99 18.21 -41.96
N THR A 222 -16.32 17.32 -42.69
CA THR A 222 -16.54 15.90 -42.62
C THR A 222 -15.23 15.21 -42.29
N LEU A 223 -15.31 14.01 -41.75
CA LEU A 223 -14.13 13.37 -41.21
C LEU A 223 -13.77 12.05 -41.85
N LYS A 224 -14.72 11.37 -42.50
CA LYS A 224 -14.54 10.07 -43.17
C LYS A 224 -14.03 9.01 -42.19
N PHE A 225 -14.93 8.66 -41.26
CA PHE A 225 -14.59 7.89 -40.07
C PHE A 225 -14.11 6.49 -40.38
N HIS A 226 -14.42 5.96 -41.55
CA HIS A 226 -13.95 4.63 -41.92
C HIS A 226 -12.48 4.62 -42.31
N LYS A 227 -11.86 5.77 -42.46
CA LYS A 227 -10.55 5.88 -43.06
C LYS A 227 -9.58 6.70 -42.23
N LEU A 228 -10.08 7.43 -41.22
CA LEU A 228 -9.30 8.35 -40.41
C LEU A 228 -8.15 7.69 -39.68
N VAL A 229 -7.05 8.43 -39.48
CA VAL A 229 -5.99 8.00 -38.60
C VAL A 229 -6.01 8.79 -37.30
N ASN A 230 -5.81 10.10 -37.37
CA ASN A 230 -5.88 10.93 -36.18
C ASN A 230 -6.18 12.36 -36.56
N VAL A 231 -6.71 13.13 -35.61
CA VAL A 231 -7.01 14.54 -35.78
C VAL A 231 -6.26 15.33 -34.74
N THR A 232 -5.43 16.26 -35.19
CA THR A 232 -4.62 17.07 -34.29
C THR A 232 -5.01 18.53 -34.43
N ILE A 233 -4.68 19.32 -33.41
CA ILE A 233 -5.01 20.74 -33.37
C ILE A 233 -3.83 21.48 -32.76
N HIS A 234 -3.24 22.40 -33.52
CA HIS A 234 -2.10 23.16 -33.07
C HIS A 234 -2.51 24.61 -32.87
N PHE A 235 -1.96 25.25 -31.83
CA PHE A 235 -1.99 26.70 -31.69
C PHE A 235 -0.96 27.10 -30.65
N ARG A 236 -0.84 28.40 -30.44
CA ARG A 236 0.04 28.93 -29.42
C ARG A 236 -0.66 30.01 -28.62
N LEU A 237 -0.07 30.32 -27.48
CA LEU A 237 -0.49 31.44 -26.64
C LEU A 237 0.74 32.03 -25.98
N LYS A 238 0.74 33.34 -25.84
CA LYS A 238 1.80 34.00 -25.08
C LYS A 238 1.29 34.36 -23.71
N THR A 239 2.24 34.60 -22.81
CA THR A 239 1.90 34.95 -21.45
C THR A 239 3.02 35.74 -20.82
N ILE A 240 2.69 36.36 -19.70
CA ILE A 240 3.64 37.06 -18.85
C ILE A 240 3.62 36.34 -17.52
N ASN A 241 4.70 35.64 -17.20
CA ASN A 241 4.80 35.07 -15.87
C ASN A 241 4.92 36.19 -14.85
N LEU A 242 4.22 36.02 -13.75
CA LEU A 242 4.02 37.08 -12.77
C LEU A 242 4.30 36.54 -11.38
N GLN A 243 5.44 35.90 -11.23
CA GLN A 243 5.82 35.31 -9.96
C GLN A 243 7.07 36.01 -9.44
N SER A 244 7.03 37.33 -9.39
CA SER A 244 8.16 38.17 -9.00
C SER A 244 8.15 38.45 -7.52
N LEU A 245 7.83 37.44 -6.71
CA LEU A 245 7.89 37.52 -5.26
C LEU A 245 9.28 37.24 -4.71
N ILE A 246 9.92 36.16 -5.16
CA ILE A 246 11.20 35.76 -4.57
C ILE A 246 12.38 36.33 -5.35
N ASN A 247 12.23 36.54 -6.66
CA ASN A 247 13.09 37.49 -7.36
C ASN A 247 12.92 38.87 -6.76
N ASN A 248 11.69 39.18 -6.37
CA ASN A 248 11.18 40.40 -5.73
C ASN A 248 11.12 41.54 -6.75
N GLU A 249 11.66 41.31 -7.94
CA GLU A 249 11.72 42.21 -9.09
C GLU A 249 11.70 41.35 -10.36
N ILE A 250 12.18 41.90 -11.47
CA ILE A 250 11.83 41.61 -12.87
C ILE A 250 11.58 40.15 -13.23
N PRO A 251 10.38 39.84 -13.72
CA PRO A 251 10.03 38.49 -14.16
C PRO A 251 10.43 38.20 -15.58
N ASP A 252 9.98 37.07 -16.11
CA ASP A 252 10.27 36.67 -17.47
C ASP A 252 8.96 36.47 -18.22
N CYS A 253 9.05 36.30 -19.53
CA CYS A 253 7.89 36.37 -20.41
C CYS A 253 7.87 35.12 -21.28
N TYR A 254 6.82 34.29 -21.14
CA TYR A 254 6.86 32.92 -21.64
C TYR A 254 5.94 32.73 -22.84
N THR A 255 6.05 31.54 -23.43
CA THR A 255 5.30 31.20 -24.63
C THR A 255 5.01 29.71 -24.62
N PHE A 256 3.73 29.34 -24.75
CA PHE A 256 3.33 27.95 -24.78
C PHE A 256 3.13 27.48 -26.21
N SER A 257 2.84 26.18 -26.34
CA SER A 257 2.39 25.61 -27.60
C SER A 257 1.59 24.36 -27.24
N VAL A 258 0.33 24.35 -27.61
CA VAL A 258 -0.61 23.35 -27.12
C VAL A 258 -1.03 22.44 -28.26
N LEU A 259 -0.93 21.13 -28.03
CA LEU A 259 -1.39 20.13 -28.98
C LEU A 259 -2.51 19.31 -28.36
N ILE A 260 -3.59 19.11 -29.10
CA ILE A 260 -4.70 18.30 -28.67
C ILE A 260 -4.95 17.24 -29.72
N THR A 261 -4.89 15.98 -29.32
CA THR A 261 -4.81 14.85 -30.26
C THR A 261 -5.98 13.92 -30.07
N PHE A 262 -6.74 13.72 -31.14
CA PHE A 262 -7.82 12.73 -31.14
C PHE A 262 -7.34 11.47 -31.85
N ASP A 263 -6.39 10.80 -31.20
CA ASP A 263 -5.65 9.71 -31.84
C ASP A 263 -6.53 8.49 -32.11
N ASN A 264 -6.28 7.84 -33.24
CA ASN A 264 -6.79 6.49 -33.46
C ASN A 264 -5.70 5.70 -34.15
N LYS A 265 -4.82 5.09 -33.36
CA LYS A 265 -3.93 4.05 -33.84
C LYS A 265 -4.50 2.67 -33.52
N ALA A 266 -5.82 2.58 -33.44
CA ALA A 266 -6.43 1.35 -32.97
C ALA A 266 -7.47 0.87 -33.97
N HIS A 267 -8.19 1.83 -34.55
CA HIS A 267 -9.31 1.59 -35.48
C HIS A 267 -10.36 0.69 -34.87
N SER A 268 -10.56 0.80 -33.55
CA SER A 268 -11.28 -0.19 -32.78
C SER A 268 -12.45 0.43 -32.02
N GLY A 269 -12.78 1.68 -32.30
CA GLY A 269 -13.93 2.27 -31.66
C GLY A 269 -13.65 2.94 -30.35
N ARG A 270 -12.45 3.48 -30.16
CA ARG A 270 -12.19 4.29 -28.99
C ARG A 270 -11.10 5.29 -29.35
N ILE A 271 -11.33 6.55 -29.01
CA ILE A 271 -10.42 7.61 -29.40
C ILE A 271 -9.88 8.28 -28.15
N PRO A 272 -8.62 8.07 -27.81
CA PRO A 272 -8.03 8.78 -26.67
C PRO A 272 -7.90 10.25 -27.00
N ILE A 273 -8.19 11.08 -26.00
CA ILE A 273 -8.16 12.53 -26.15
C ILE A 273 -7.14 13.06 -25.18
N SER A 274 -6.18 13.83 -25.69
CA SER A 274 -5.02 14.17 -24.90
C SER A 274 -4.67 15.63 -25.07
N LEU A 275 -3.87 16.14 -24.14
CA LEU A 275 -3.37 17.51 -24.20
C LEU A 275 -1.94 17.52 -23.71
N GLU A 276 -1.04 18.05 -24.52
CA GLU A 276 0.37 18.16 -24.17
C GLU A 276 0.86 19.54 -24.56
N THR A 277 1.71 20.13 -23.74
CA THR A 277 2.25 21.44 -24.02
C THR A 277 3.78 21.39 -24.04
N GLN A 278 4.36 22.48 -24.49
CA GLN A 278 5.76 22.80 -24.27
C GLN A 278 5.84 24.29 -23.98
N ALA A 279 6.63 24.68 -23.00
CA ALA A 279 6.80 26.08 -22.68
C ALA A 279 8.11 26.57 -23.25
N HIS A 280 8.10 27.78 -23.81
CA HIS A 280 9.30 28.40 -24.36
C HIS A 280 9.40 29.82 -23.86
N ILE A 281 10.63 30.29 -23.65
CA ILE A 281 10.90 31.49 -22.90
C ILE A 281 11.71 32.45 -23.76
N GLN A 282 11.37 33.74 -23.69
CA GLN A 282 12.30 34.77 -24.12
C GLN A 282 12.15 35.97 -23.17
N GLU A 283 12.71 37.10 -23.58
CA GLU A 283 12.90 38.28 -22.76
C GLU A 283 11.99 39.39 -23.28
N CYS A 284 11.95 40.49 -22.54
CA CYS A 284 10.91 41.50 -22.73
C CYS A 284 11.33 42.80 -22.05
N LYS A 285 10.68 43.89 -22.46
CA LYS A 285 11.05 45.24 -22.02
C LYS A 285 10.14 45.72 -20.91
N HIS A 286 10.74 46.22 -19.83
CA HIS A 286 10.06 46.50 -18.58
C HIS A 286 10.05 47.99 -18.25
N PRO A 287 8.96 48.51 -17.70
CA PRO A 287 8.99 49.84 -17.10
C PRO A 287 9.15 49.82 -15.59
N SER A 288 9.20 48.63 -14.98
CA SER A 288 9.12 48.51 -13.53
C SER A 288 10.40 49.03 -12.88
N VAL A 289 10.37 49.18 -11.56
CA VAL A 289 11.28 50.09 -10.88
C VAL A 289 12.04 49.39 -9.75
N PHE A 290 13.30 49.80 -9.55
CA PHE A 290 14.19 49.41 -8.45
C PHE A 290 14.48 47.91 -8.43
N GLN A 291 15.21 47.46 -9.45
CA GLN A 291 15.47 46.03 -9.63
C GLN A 291 16.50 45.47 -8.65
N HIS A 292 17.76 45.93 -8.76
CA HIS A 292 18.91 45.15 -8.29
C HIS A 292 19.20 45.30 -6.79
N GLY A 293 18.23 45.66 -5.95
CA GLY A 293 18.47 45.98 -4.56
C GLY A 293 19.15 44.91 -3.72
N ASP A 294 18.44 43.83 -3.45
CA ASP A 294 19.09 42.61 -2.98
C ASP A 294 19.48 41.70 -4.13
N ASN A 295 19.23 42.12 -5.37
CA ASN A 295 19.41 41.26 -6.53
C ASN A 295 20.80 41.41 -7.15
N SER A 296 21.46 42.54 -6.90
CA SER A 296 22.89 42.60 -7.12
C SER A 296 23.64 41.78 -6.08
N PHE A 297 23.01 41.50 -4.94
CA PHE A 297 23.70 40.83 -3.85
C PHE A 297 23.80 39.33 -4.11
N ARG A 298 22.82 38.76 -4.80
CA ARG A 298 22.89 37.34 -5.16
C ARG A 298 23.98 37.10 -6.19
N LEU A 299 24.14 38.01 -7.13
CA LEU A 299 25.21 37.91 -8.14
C LEU A 299 26.57 37.99 -7.49
N LEU A 300 26.74 38.90 -6.53
CA LEU A 300 27.97 38.96 -5.78
C LEU A 300 28.12 37.74 -4.88
N PHE A 301 27.00 37.13 -4.48
CA PHE A 301 27.10 35.92 -3.68
C PHE A 301 27.56 34.73 -4.52
N ASP A 302 27.19 34.70 -5.80
CA ASP A 302 27.62 33.59 -6.64
C ASP A 302 29.11 33.68 -6.93
N VAL A 303 29.67 34.89 -6.87
CA VAL A 303 31.11 35.01 -6.92
C VAL A 303 31.72 34.40 -5.67
N VAL A 304 31.08 34.57 -4.52
CA VAL A 304 31.55 33.99 -3.27
C VAL A 304 31.42 32.47 -3.31
N VAL A 305 30.39 31.97 -3.98
CA VAL A 305 30.30 30.55 -4.27
C VAL A 305 31.47 30.11 -5.13
N ILE A 306 31.74 30.86 -6.20
CA ILE A 306 32.81 30.46 -7.10
C ILE A 306 34.17 30.91 -6.57
N LEU A 307 34.19 31.70 -5.49
CA LEU A 307 35.44 31.92 -4.78
C LEU A 307 35.94 30.64 -4.15
N THR A 308 35.16 30.06 -3.24
CA THR A 308 35.65 28.98 -2.39
C THR A 308 35.86 27.68 -3.14
N CYS A 309 35.27 27.55 -4.33
CA CYS A 309 35.52 26.36 -5.11
C CYS A 309 36.77 26.52 -5.96
N SER A 310 37.12 27.77 -6.28
CA SER A 310 38.22 28.04 -7.20
C SER A 310 39.55 27.60 -6.61
N LEU A 311 39.84 28.02 -5.39
CA LEU A 311 41.09 27.63 -4.76
C LEU A 311 41.04 26.19 -4.30
N SER A 312 39.85 25.62 -4.20
CA SER A 312 39.72 24.23 -3.79
C SER A 312 40.25 23.28 -4.85
N PHE A 313 40.11 23.65 -6.12
CA PHE A 313 40.69 22.87 -7.19
C PHE A 313 42.20 22.94 -7.17
N LEU A 314 42.75 24.07 -6.73
CA LEU A 314 44.18 24.30 -6.85
C LEU A 314 44.95 23.43 -5.87
N LEU A 315 44.51 23.45 -4.61
CA LEU A 315 45.30 22.84 -3.55
C LEU A 315 45.14 21.33 -3.56
N CYS A 316 43.94 20.84 -3.89
CA CYS A 316 43.69 19.41 -3.96
C CYS A 316 44.47 18.78 -5.10
N ALA A 317 44.63 19.52 -6.20
CA ALA A 317 45.53 19.07 -7.25
C ALA A 317 46.97 19.13 -6.78
N ARG A 318 47.32 20.16 -6.00
CA ARG A 318 48.68 20.29 -5.51
C ARG A 318 48.98 19.20 -4.50
N SER A 319 47.98 18.77 -3.74
CA SER A 319 48.15 17.63 -2.85
C SER A 319 48.38 16.36 -3.66
N LEU A 320 47.69 16.24 -4.78
CA LEU A 320 47.90 15.09 -5.64
C LEU A 320 49.18 15.26 -6.45
N LEU A 321 49.64 16.49 -6.60
CA LEU A 321 50.89 16.79 -7.29
C LEU A 321 52.07 16.25 -6.51
N ARG A 322 51.90 16.08 -5.20
CA ARG A 322 52.91 15.45 -4.37
C ARG A 322 53.09 13.99 -4.76
N GLY A 323 52.01 13.35 -5.22
CA GLY A 323 52.10 11.98 -5.67
C GLY A 323 52.96 11.82 -6.91
N PHE A 324 52.93 12.82 -7.80
CA PHE A 324 53.87 12.87 -8.92
C PHE A 324 55.31 12.99 -8.44
N LEU A 325 55.53 13.65 -7.31
CA LEU A 325 56.87 13.80 -6.75
C LEU A 325 57.29 12.61 -5.91
N LEU A 326 56.39 11.69 -5.62
CA LEU A 326 56.78 10.56 -4.78
C LEU A 326 56.77 9.24 -5.52
N GLN A 327 56.14 9.18 -6.68
CA GLN A 327 55.97 7.90 -7.35
C GLN A 327 57.24 7.46 -8.05
N ASN A 328 58.11 8.39 -8.38
CA ASN A 328 59.38 8.04 -8.99
C ASN A 328 60.46 7.84 -7.94
N GLU A 329 60.25 8.34 -6.74
CA GLU A 329 61.24 8.15 -5.70
C GLU A 329 61.17 6.72 -5.16
N PHE A 330 59.97 6.15 -5.11
CA PHE A 330 59.79 4.80 -4.58
C PHE A 330 60.46 3.76 -5.47
N VAL A 331 60.51 4.03 -6.77
CA VAL A 331 61.13 3.10 -7.71
C VAL A 331 62.63 3.03 -7.46
N GLY A 332 63.21 4.12 -6.96
CA GLY A 332 64.61 4.15 -6.59
C GLY A 332 64.90 3.54 -5.23
N PHE A 333 64.13 2.53 -4.86
CA PHE A 333 64.40 1.73 -3.67
C PHE A 333 65.61 0.87 -3.95
N MET A 334 66.80 1.43 -3.69
CA MET A 334 68.11 0.81 -4.00
C MET A 334 68.24 0.45 -5.47
N TRP A 335 67.59 1.24 -6.34
CA TRP A 335 67.69 1.16 -7.80
C TRP A 335 67.26 -0.21 -8.33
N ARG A 336 65.97 -0.49 -8.15
CA ARG A 336 65.30 -1.79 -8.39
C ARG A 336 66.12 -2.99 -7.89
N GLN A 337 66.44 -2.97 -6.59
CA GLN A 337 67.05 -4.16 -5.98
C GLN A 337 66.07 -5.33 -5.95
N ARG A 338 64.78 -5.04 -5.86
CA ARG A 338 63.71 -6.01 -6.06
C ARG A 338 63.04 -5.85 -7.42
N GLY A 339 62.52 -4.68 -7.72
CA GLY A 339 61.97 -4.42 -9.03
C GLY A 339 60.58 -4.95 -9.31
N ARG A 340 60.30 -6.19 -8.93
CA ARG A 340 59.03 -6.82 -9.22
C ARG A 340 57.96 -6.56 -8.17
N VAL A 341 58.18 -5.60 -7.27
CA VAL A 341 57.08 -5.08 -6.45
C VAL A 341 56.05 -4.40 -7.35
N ILE A 342 56.52 -3.75 -8.41
CA ILE A 342 55.73 -2.83 -9.21
C ILE A 342 54.69 -3.60 -10.00
N SER A 343 53.42 -3.46 -9.61
CA SER A 343 52.27 -4.04 -10.30
C SER A 343 51.10 -3.09 -10.33
N LEU A 344 51.28 -1.87 -9.80
CA LEU A 344 50.43 -0.69 -10.00
C LEU A 344 49.08 -0.77 -9.28
N TRP A 345 48.73 -1.91 -8.70
CA TRP A 345 47.55 -1.95 -7.84
C TRP A 345 47.92 -1.62 -6.41
N GLU A 346 49.11 -2.04 -6.01
CA GLU A 346 49.71 -1.54 -4.78
C GLU A 346 50.04 -0.05 -4.89
N ARG A 347 50.24 0.44 -6.12
CA ARG A 347 50.44 1.86 -6.32
C ARG A 347 49.11 2.60 -6.28
N LEU A 348 47.99 1.88 -6.42
CA LEU A 348 46.69 2.53 -6.31
C LEU A 348 46.38 2.88 -4.86
N GLU A 349 46.92 2.12 -3.91
CA GLU A 349 46.88 2.61 -2.53
C GLU A 349 47.85 3.76 -2.36
N PHE A 350 48.98 3.72 -3.06
CA PHE A 350 49.89 4.85 -3.09
C PHE A 350 49.30 6.03 -3.83
N VAL A 351 48.36 5.79 -4.75
CA VAL A 351 47.53 6.87 -5.27
C VAL A 351 46.66 7.43 -4.14
N ASN A 352 46.59 8.75 -4.04
CA ASN A 352 45.68 9.41 -3.11
C ASN A 352 44.24 9.04 -3.45
N GLY A 353 43.56 8.40 -2.49
CA GLY A 353 42.30 7.77 -2.80
C GLY A 353 41.14 8.71 -3.00
N TRP A 354 40.70 9.35 -1.92
CA TRP A 354 39.42 10.03 -1.99
C TRP A 354 39.59 11.48 -2.45
N TYR A 355 40.81 11.86 -2.82
CA TYR A 355 41.04 13.20 -3.35
C TYR A 355 40.49 13.34 -4.76
N ILE A 356 40.28 12.22 -5.45
CA ILE A 356 39.66 12.26 -6.77
C ILE A 356 38.18 12.61 -6.65
N LEU A 357 37.61 12.40 -5.47
CA LEU A 357 36.18 12.64 -5.29
C LEU A 357 35.92 14.13 -5.15
N LEU A 358 36.79 14.84 -4.43
CA LEU A 358 36.59 16.26 -4.20
C LEU A 358 36.77 17.04 -5.48
N VAL A 359 37.76 16.66 -6.30
CA VAL A 359 38.00 17.36 -7.55
C VAL A 359 36.90 17.05 -8.55
N THR A 360 36.25 15.88 -8.40
CA THR A 360 35.10 15.57 -9.24
C THR A 360 33.91 16.40 -8.82
N SER A 361 33.78 16.64 -7.51
CA SER A 361 32.71 17.49 -7.02
C SER A 361 32.91 18.95 -7.42
N ASP A 362 34.17 19.36 -7.53
CA ASP A 362 34.47 20.78 -7.75
C ASP A 362 34.23 21.20 -9.19
N VAL A 363 34.56 20.34 -10.15
CA VAL A 363 34.34 20.67 -11.55
C VAL A 363 32.86 20.76 -11.84
N LEU A 364 32.09 19.83 -11.30
CA LEU A 364 30.65 19.88 -11.48
C LEU A 364 30.00 20.99 -10.67
N THR A 365 30.73 21.56 -9.71
CA THR A 365 30.17 22.67 -8.95
C THR A 365 30.18 23.95 -9.74
N ILE A 366 31.32 24.27 -10.37
CA ILE A 366 31.43 25.51 -11.12
C ILE A 366 30.65 25.42 -12.43
N SER A 367 30.36 24.20 -12.90
CA SER A 367 29.57 24.05 -14.11
C SER A 367 28.10 24.39 -13.88
N GLY A 368 27.67 24.47 -12.63
CA GLY A 368 26.31 24.89 -12.38
C GLY A 368 26.18 26.39 -12.29
N THR A 369 27.10 27.02 -11.56
CA THR A 369 27.00 28.45 -11.30
C THR A 369 27.28 29.28 -12.54
N ILE A 370 28.22 28.82 -13.38
CA ILE A 370 28.38 29.36 -14.73
C ILE A 370 27.09 29.20 -15.51
N MET A 371 26.48 28.01 -15.42
CA MET A 371 25.22 27.79 -16.09
C MET A 371 24.09 28.55 -15.40
N LYS A 372 24.25 28.85 -14.12
CA LYS A 372 23.18 29.50 -13.38
C LYS A 372 23.01 30.95 -13.79
N ILE A 373 24.10 31.66 -14.04
CA ILE A 373 23.99 33.09 -14.33
C ILE A 373 23.51 33.35 -15.75
N GLY A 374 23.25 32.28 -16.51
CA GLY A 374 22.53 32.40 -17.75
C GLY A 374 21.03 32.57 -17.60
N ILE A 375 20.54 32.58 -16.36
CA ILE A 375 19.14 32.91 -16.10
C ILE A 375 18.86 34.38 -16.44
N GLU A 376 19.89 35.23 -16.40
CA GLU A 376 19.67 36.67 -16.45
C GLU A 376 19.35 37.12 -17.86
N ALA A 377 20.34 37.01 -18.75
CA ALA A 377 20.19 37.58 -20.08
C ALA A 377 20.77 36.67 -21.15
N LYS A 378 20.75 35.37 -20.94
CA LYS A 378 21.19 34.45 -21.96
C LYS A 378 19.98 33.63 -22.40
N ASN A 379 20.01 33.18 -23.66
CA ASN A 379 18.94 32.40 -24.25
C ASN A 379 18.72 31.08 -23.54
N LEU A 380 19.72 30.57 -22.84
CA LEU A 380 19.54 29.35 -22.06
C LEU A 380 18.70 29.66 -20.82
N ALA A 381 17.62 28.92 -20.66
CA ALA A 381 16.81 29.01 -19.46
C ALA A 381 16.30 27.65 -19.00
N SER A 382 16.75 26.57 -19.63
CA SER A 382 16.42 25.21 -19.22
C SER A 382 17.02 24.95 -17.86
N TYR A 383 16.17 24.85 -16.84
CA TYR A 383 16.61 24.61 -15.46
C TYR A 383 16.97 23.16 -15.20
N ASP A 384 16.98 22.30 -16.21
CA ASP A 384 17.30 20.90 -15.97
C ASP A 384 18.77 20.72 -15.63
N VAL A 385 19.66 21.29 -16.44
CA VAL A 385 21.07 20.97 -16.29
C VAL A 385 21.65 21.75 -15.12
N CYS A 386 20.99 22.83 -14.70
CA CYS A 386 21.34 23.44 -13.44
C CYS A 386 20.90 22.58 -12.27
N SER A 387 19.82 21.83 -12.44
CA SER A 387 19.31 21.02 -11.34
C SER A 387 20.17 19.80 -11.09
N ILE A 388 20.65 19.15 -12.16
CA ILE A 388 21.49 17.97 -11.97
C ILE A 388 22.85 18.37 -11.43
N LEU A 389 23.45 19.40 -12.02
CA LEU A 389 24.82 19.74 -11.68
C LEU A 389 24.94 20.40 -10.31
N LEU A 390 23.95 21.17 -9.90
CA LEU A 390 23.90 21.59 -8.51
C LEU A 390 23.22 20.55 -7.64
N GLY A 391 22.70 19.48 -8.23
CA GLY A 391 22.17 18.40 -7.43
C GLY A 391 23.17 17.30 -7.19
N THR A 392 23.95 16.97 -8.22
CA THR A 392 24.91 15.89 -8.07
C THR A 392 26.11 16.34 -7.26
N SER A 393 26.55 17.59 -7.47
CA SER A 393 27.74 18.08 -6.80
C SER A 393 27.52 18.24 -5.30
N THR A 394 26.29 18.48 -4.88
CA THR A 394 26.02 18.52 -3.45
C THR A 394 26.07 17.14 -2.84
N LEU A 395 25.74 16.12 -3.62
CA LEU A 395 25.82 14.76 -3.09
C LEU A 395 27.27 14.32 -2.90
N LEU A 396 28.17 14.87 -3.70
CA LEU A 396 29.56 14.46 -3.56
C LEU A 396 30.27 15.25 -2.48
N VAL A 397 29.73 16.39 -2.08
CA VAL A 397 30.35 17.18 -1.02
C VAL A 397 30.19 16.49 0.32
N TRP A 398 28.95 16.10 0.65
CA TRP A 398 28.66 15.52 1.96
C TRP A 398 29.34 14.17 2.14
N VAL A 399 29.53 13.41 1.06
CA VAL A 399 30.23 12.15 1.21
C VAL A 399 31.73 12.37 1.26
N GLY A 400 32.21 13.57 0.94
CA GLY A 400 33.63 13.85 1.06
C GLY A 400 34.08 14.00 2.49
N VAL A 401 33.13 14.28 3.39
CA VAL A 401 33.45 14.52 4.78
C VAL A 401 33.70 13.19 5.50
N ILE A 402 33.29 12.10 4.87
CA ILE A 402 33.40 10.76 5.44
C ILE A 402 34.87 10.38 5.62
N ARG A 403 35.70 10.81 4.69
CA ARG A 403 37.13 10.55 4.74
C ARG A 403 37.73 11.14 6.01
N TYR A 404 37.27 12.34 6.38
CA TYR A 404 37.78 12.98 7.57
C TYR A 404 37.03 12.52 8.81
N LEU A 405 36.10 11.59 8.64
CA LEU A 405 35.41 11.01 9.77
C LEU A 405 36.09 9.73 10.25
N THR A 406 36.82 9.04 9.38
CA THR A 406 37.46 7.78 9.75
C THR A 406 38.90 7.99 10.22
N PHE A 407 39.05 8.66 11.36
CA PHE A 407 40.31 8.61 12.09
C PHE A 407 40.11 8.41 13.58
N PHE A 408 38.92 8.72 14.09
CA PHE A 408 38.48 8.19 15.37
C PHE A 408 38.33 6.69 15.24
N HIS A 409 38.90 5.93 16.18
CA HIS A 409 39.13 4.50 15.96
C HIS A 409 37.84 3.69 15.93
N ASN A 410 36.80 4.14 16.63
CA ASN A 410 35.51 3.47 16.53
C ASN A 410 34.71 3.97 15.33
N TYR A 411 35.31 4.84 14.50
CA TYR A 411 34.75 5.17 13.20
C TYR A 411 35.60 4.57 12.09
N ASN A 412 36.87 4.27 12.38
CA ASN A 412 37.77 3.66 11.42
C ASN A 412 37.29 2.29 11.00
N ILE A 413 36.78 1.50 11.96
CA ILE A 413 36.65 0.07 11.74
C ILE A 413 35.25 -0.32 11.28
N LEU A 414 34.39 0.65 10.94
CA LEU A 414 33.03 0.31 10.54
C LEU A 414 32.78 0.53 9.06
N ILE A 415 33.13 1.70 8.52
CA ILE A 415 33.01 1.93 7.09
C ILE A 415 34.09 1.17 6.31
N ALA A 416 35.21 0.85 6.95
CA ALA A 416 36.25 0.05 6.30
C ALA A 416 35.77 -1.36 5.97
N THR A 417 34.72 -1.84 6.64
CA THR A 417 34.10 -3.11 6.29
C THR A 417 33.52 -3.07 4.89
N LEU A 418 32.94 -1.94 4.51
CA LEU A 418 32.40 -1.78 3.17
C LEU A 418 33.52 -1.76 2.13
N ARG A 419 34.72 -1.33 2.55
CA ARG A 419 35.85 -1.34 1.64
C ARG A 419 36.32 -2.76 1.33
N VAL A 420 36.42 -3.60 2.36
CA VAL A 420 36.98 -4.93 2.16
C VAL A 420 35.93 -5.94 1.71
N ALA A 421 34.65 -5.57 1.80
CA ALA A 421 33.61 -6.52 1.38
C ALA A 421 33.31 -6.39 -0.10
N LEU A 422 33.28 -5.16 -0.61
CA LEU A 422 32.88 -4.84 -1.98
C LEU A 422 33.62 -5.60 -3.09
N PRO A 423 34.87 -6.06 -2.91
CA PRO A 423 35.36 -7.11 -3.82
C PRO A 423 34.55 -8.39 -3.82
N SER A 424 34.25 -8.94 -2.65
CA SER A 424 33.46 -10.17 -2.59
C SER A 424 32.00 -9.93 -2.87
N VAL A 425 31.52 -8.70 -2.69
CA VAL A 425 30.14 -8.36 -3.02
C VAL A 425 29.93 -8.39 -4.52
N MET A 426 30.83 -7.72 -5.25
CA MET A 426 30.68 -7.55 -6.69
C MET A 426 30.80 -8.89 -7.42
N ARG A 427 31.52 -9.84 -6.83
CA ARG A 427 31.70 -11.13 -7.48
C ARG A 427 30.49 -12.03 -7.28
N PHE A 428 29.81 -11.91 -6.15
CA PHE A 428 28.54 -12.60 -5.98
C PHE A 428 27.45 -11.94 -6.81
N CYS A 429 27.54 -10.62 -6.97
CA CYS A 429 26.47 -9.84 -7.54
C CYS A 429 26.26 -10.16 -9.02
N CYS A 430 27.31 -10.59 -9.71
CA CYS A 430 27.17 -10.90 -11.13
C CYS A 430 26.53 -12.25 -11.33
N CYS A 431 26.51 -13.09 -10.30
CA CYS A 431 25.79 -14.36 -10.40
C CYS A 431 24.29 -14.14 -10.37
N VAL A 432 23.84 -13.18 -9.56
CA VAL A 432 22.41 -12.98 -9.38
C VAL A 432 21.84 -12.13 -10.50
N ALA A 433 22.62 -11.14 -10.96
CA ALA A 433 22.08 -10.15 -11.88
C ALA A 433 21.91 -10.71 -13.29
N VAL A 434 22.53 -11.86 -13.56
CA VAL A 434 22.14 -12.62 -14.75
C VAL A 434 20.70 -13.09 -14.61
N ILE A 435 20.35 -13.58 -13.42
CA ILE A 435 19.06 -14.22 -13.24
C ILE A 435 17.95 -13.18 -13.18
N TYR A 436 18.22 -12.00 -12.61
CA TYR A 436 17.22 -10.94 -12.59
C TYR A 436 16.88 -10.49 -13.99
N LEU A 437 17.93 -10.24 -14.79
CA LEU A 437 17.71 -9.86 -16.17
C LEU A 437 17.15 -11.03 -16.95
N GLY A 438 17.57 -12.25 -16.61
CA GLY A 438 17.03 -13.42 -17.27
C GLY A 438 15.63 -13.76 -16.87
N TYR A 439 15.09 -13.09 -15.86
CA TYR A 439 13.73 -13.37 -15.44
C TYR A 439 12.77 -12.27 -15.84
N CYS A 440 13.28 -11.07 -16.12
CA CYS A 440 12.42 -9.99 -16.61
C CYS A 440 11.85 -10.33 -17.98
N PHE A 441 12.67 -10.88 -18.87
CA PHE A 441 12.28 -11.02 -20.27
C PHE A 441 11.17 -12.03 -20.45
N CYS A 442 10.99 -12.92 -19.49
CA CYS A 442 9.80 -13.76 -19.52
C CYS A 442 8.55 -12.94 -19.31
N GLY A 443 8.44 -12.24 -18.19
CA GLY A 443 7.21 -11.55 -17.87
C GLY A 443 6.98 -10.29 -18.69
N TRP A 444 8.00 -9.83 -19.41
CA TRP A 444 7.89 -8.54 -20.09
C TRP A 444 7.01 -8.61 -21.32
N ILE A 445 6.89 -9.77 -21.93
CA ILE A 445 5.92 -9.94 -23.00
C ILE A 445 4.83 -10.92 -22.64
N VAL A 446 5.11 -11.90 -21.77
CA VAL A 446 4.09 -12.87 -21.42
C VAL A 446 3.04 -12.23 -20.53
N LEU A 447 3.45 -11.57 -19.46
CA LEU A 447 2.53 -10.82 -18.63
C LEU A 447 2.47 -9.35 -19.05
N GLY A 448 2.75 -9.07 -20.33
CA GLY A 448 2.77 -7.72 -20.81
C GLY A 448 1.42 -7.04 -20.84
N PRO A 449 0.53 -7.45 -21.73
CA PRO A 449 -0.74 -6.74 -21.85
C PRO A 449 -1.77 -7.16 -20.82
N TYR A 450 -1.66 -8.42 -20.37
CA TYR A 450 -2.63 -8.99 -19.44
C TYR A 450 -2.61 -8.27 -18.10
N HIS A 451 -1.44 -7.84 -17.67
CA HIS A 451 -1.25 -7.08 -16.46
C HIS A 451 -1.36 -5.60 -16.81
N VAL A 452 -1.05 -4.74 -15.85
CA VAL A 452 -0.99 -3.30 -16.08
C VAL A 452 0.39 -2.76 -15.77
N LYS A 453 0.94 -3.13 -14.63
CA LYS A 453 2.23 -2.63 -14.18
C LYS A 453 3.40 -3.42 -14.73
N PHE A 454 3.15 -4.40 -15.60
CA PHE A 454 4.17 -5.05 -16.42
C PHE A 454 4.10 -4.62 -17.87
N ARG A 455 3.72 -3.37 -18.12
CA ARG A 455 3.49 -2.95 -19.50
C ARG A 455 4.81 -2.61 -20.18
N SER A 456 5.46 -1.58 -19.70
CA SER A 456 6.50 -0.93 -20.49
C SER A 456 7.85 -1.63 -20.27
N LEU A 457 8.91 -0.98 -20.73
CA LEU A 457 10.24 -1.56 -20.70
C LEU A 457 10.80 -1.55 -19.28
N SER A 458 10.99 -0.35 -18.74
CA SER A 458 11.73 -0.19 -17.50
C SER A 458 10.86 -0.33 -16.27
N MET A 459 9.54 -0.36 -16.42
CA MET A 459 8.68 -0.51 -15.26
C MET A 459 8.72 -1.94 -14.72
N VAL A 460 8.94 -2.91 -15.60
CA VAL A 460 9.10 -4.29 -15.16
C VAL A 460 10.37 -4.44 -14.36
N SER A 461 11.42 -3.72 -14.75
CA SER A 461 12.66 -3.70 -13.97
C SER A 461 12.45 -3.03 -12.63
N GLU A 462 11.51 -2.10 -12.54
CA GLU A 462 11.10 -1.58 -11.26
C GLU A 462 10.25 -2.59 -10.50
N CYS A 463 9.40 -3.35 -11.21
CA CYS A 463 8.32 -4.05 -10.55
C CYS A 463 8.80 -5.25 -9.77
N LEU A 464 9.73 -6.03 -10.34
CA LEU A 464 10.23 -7.19 -9.62
C LEU A 464 11.12 -6.77 -8.47
N PHE A 465 11.93 -5.72 -8.68
CA PHE A 465 12.80 -5.22 -7.62
C PHE A 465 12.00 -4.52 -6.53
N SER A 466 10.83 -4.02 -6.86
CA SER A 466 9.94 -3.57 -5.80
C SER A 466 9.29 -4.73 -5.09
N LEU A 467 9.27 -5.89 -5.74
CA LEU A 467 8.53 -7.01 -5.20
C LEU A 467 9.40 -7.89 -4.33
N ILE A 468 10.73 -7.72 -4.42
CA ILE A 468 11.61 -8.46 -3.53
C ILE A 468 11.85 -7.73 -2.22
N ASN A 469 11.09 -6.70 -1.92
CA ASN A 469 11.18 -6.09 -0.61
C ASN A 469 9.84 -6.08 0.12
N GLY A 470 8.73 -6.01 -0.58
CA GLY A 470 7.45 -6.12 0.04
C GLY A 470 6.49 -4.95 -0.13
N ASP A 471 6.57 -4.20 -1.22
CA ASP A 471 5.55 -3.23 -1.54
C ASP A 471 5.01 -3.52 -2.93
N ASP A 472 3.70 -3.31 -3.08
CA ASP A 472 2.91 -3.68 -4.26
C ASP A 472 3.12 -5.16 -4.58
N MET A 473 2.97 -6.00 -3.57
CA MET A 473 3.14 -7.42 -3.80
C MET A 473 1.80 -8.11 -3.99
N PHE A 474 0.87 -7.89 -3.05
CA PHE A 474 -0.41 -8.58 -3.12
C PHE A 474 -1.26 -8.11 -4.28
N VAL A 475 -1.15 -6.83 -4.64
CA VAL A 475 -1.97 -6.30 -5.72
C VAL A 475 -1.57 -6.93 -7.04
N THR A 476 -0.28 -7.22 -7.21
CA THR A 476 0.19 -7.93 -8.39
C THR A 476 -0.29 -9.36 -8.42
N PHE A 477 -0.53 -9.96 -7.26
CA PHE A 477 -1.22 -11.24 -7.27
C PHE A 477 -2.68 -11.06 -7.65
N ALA A 478 -3.32 -10.03 -7.12
CA ALA A 478 -4.78 -9.94 -7.20
C ALA A 478 -5.26 -9.52 -8.57
N ALA A 479 -4.42 -8.80 -9.33
CA ALA A 479 -4.87 -8.24 -10.62
C ALA A 479 -5.07 -9.30 -11.67
N MET A 480 -4.46 -10.47 -11.50
CA MET A 480 -4.63 -11.55 -12.45
C MET A 480 -5.99 -12.22 -12.33
N GLN A 481 -6.63 -12.15 -11.17
CA GLN A 481 -7.79 -13.00 -10.92
C GLN A 481 -9.06 -12.52 -11.61
N ALA A 482 -9.03 -11.37 -12.26
CA ALA A 482 -10.10 -11.08 -13.20
C ALA A 482 -9.96 -11.88 -14.49
N GLN A 483 -8.77 -12.43 -14.75
CA GLN A 483 -8.53 -13.37 -15.84
C GLN A 483 -8.50 -14.81 -15.36
N GLN A 484 -9.33 -15.13 -14.36
CA GLN A 484 -9.31 -16.47 -13.78
C GLN A 484 -9.87 -17.51 -14.73
N GLY A 485 -10.89 -17.14 -15.51
CA GLY A 485 -11.42 -18.02 -16.53
C GLY A 485 -11.02 -17.59 -17.92
N ARG A 486 -11.04 -16.27 -18.16
CA ARG A 486 -10.56 -15.70 -19.41
C ARG A 486 -9.05 -15.89 -19.48
N SER A 487 -8.58 -16.65 -20.48
CA SER A 487 -7.19 -17.10 -20.59
C SER A 487 -6.73 -17.78 -19.29
N SER A 488 -7.47 -18.85 -18.93
CA SER A 488 -7.26 -19.51 -17.65
C SER A 488 -5.93 -20.24 -17.60
N LEU A 489 -5.34 -20.54 -18.76
CA LEU A 489 -4.01 -21.13 -18.77
C LEU A 489 -2.96 -20.14 -18.30
N VAL A 490 -3.14 -18.86 -18.62
CA VAL A 490 -2.07 -17.89 -18.37
C VAL A 490 -1.98 -17.56 -16.88
N TRP A 491 -3.12 -17.55 -16.19
CA TRP A 491 -3.11 -17.37 -14.74
C TRP A 491 -2.45 -18.54 -14.04
N LEU A 492 -2.56 -19.74 -14.61
CA LEU A 492 -1.84 -20.88 -14.08
C LEU A 492 -0.34 -20.71 -14.21
N PHE A 493 0.08 -19.91 -15.18
CA PHE A 493 1.51 -19.62 -15.34
C PHE A 493 1.97 -18.50 -14.43
N SER A 494 1.16 -17.46 -14.28
CA SER A 494 1.55 -16.33 -13.45
C SER A 494 1.59 -16.69 -11.98
N GLN A 495 0.77 -17.65 -11.58
CA GLN A 495 0.77 -18.05 -10.19
C GLN A 495 2.02 -18.84 -9.86
N LEU A 496 2.56 -19.55 -10.84
CA LEU A 496 3.82 -20.24 -10.67
C LEU A 496 4.98 -19.28 -10.90
N TYR A 497 4.71 -18.17 -11.57
CA TYR A 497 5.76 -17.22 -11.90
C TYR A 497 6.21 -16.46 -10.65
N LEU A 498 5.26 -16.04 -9.84
CA LEU A 498 5.60 -15.21 -8.68
C LEU A 498 5.87 -16.06 -7.46
N TYR A 499 5.37 -17.30 -7.43
CA TYR A 499 5.70 -18.20 -6.32
C TYR A 499 7.13 -18.70 -6.44
N SER A 500 7.60 -18.95 -7.66
CA SER A 500 8.95 -19.45 -7.84
C SER A 500 9.97 -18.36 -7.59
N PHE A 501 9.57 -17.12 -7.80
CA PHE A 501 10.52 -16.03 -7.88
C PHE A 501 11.03 -15.61 -6.50
N ILE A 502 10.13 -15.16 -5.63
CA ILE A 502 10.59 -14.61 -4.35
C ILE A 502 11.03 -15.72 -3.41
N SER A 503 10.64 -16.95 -3.71
CA SER A 503 11.21 -18.10 -3.02
C SER A 503 12.67 -18.29 -3.40
N LEU A 504 13.09 -17.71 -4.53
CA LEU A 504 14.48 -17.80 -4.93
C LEU A 504 15.29 -16.62 -4.40
N PHE A 505 14.83 -15.39 -4.64
CA PHE A 505 15.66 -14.25 -4.25
C PHE A 505 15.56 -13.95 -2.76
N ILE A 506 14.35 -13.88 -2.22
CA ILE A 506 14.20 -13.47 -0.83
C ILE A 506 14.62 -14.58 0.12
N TYR A 507 14.17 -15.80 -0.15
CA TYR A 507 14.39 -16.84 0.84
C TYR A 507 15.70 -17.60 0.62
N MET A 508 16.37 -17.41 -0.51
CA MET A 508 17.61 -18.15 -0.71
C MET A 508 18.79 -17.25 -1.04
N VAL A 509 18.58 -16.24 -1.87
CA VAL A 509 19.72 -15.45 -2.33
C VAL A 509 20.09 -14.40 -1.30
N LEU A 510 19.11 -13.64 -0.82
CA LEU A 510 19.42 -12.48 0.03
C LEU A 510 19.91 -12.90 1.39
N SER A 511 19.65 -14.15 1.78
CA SER A 511 20.22 -14.67 3.01
C SER A 511 21.73 -14.82 2.90
N LEU A 512 22.22 -15.17 1.70
CA LEU A 512 23.66 -15.10 1.47
C LEU A 512 24.14 -13.67 1.45
N PHE A 513 23.26 -12.74 1.06
CA PHE A 513 23.70 -11.38 0.90
C PHE A 513 23.81 -10.68 2.26
N ILE A 514 23.16 -11.23 3.27
CA ILE A 514 23.44 -10.81 4.64
C ILE A 514 24.72 -11.46 5.14
N ALA A 515 24.88 -12.76 4.89
CA ALA A 515 25.99 -13.50 5.46
C ALA A 515 27.31 -13.16 4.80
N LEU A 516 27.27 -12.47 3.67
CA LEU A 516 28.52 -12.04 3.06
C LEU A 516 29.00 -10.74 3.70
N ILE A 517 28.07 -9.95 4.23
CA ILE A 517 28.45 -8.69 4.88
C ILE A 517 28.69 -8.91 6.37
N THR A 518 27.95 -9.83 6.98
CA THR A 518 28.17 -10.19 8.37
C THR A 518 29.57 -10.75 8.59
N GLY A 519 30.08 -11.49 7.61
CA GLY A 519 31.44 -11.98 7.69
C GLY A 519 32.48 -10.87 7.65
N ALA A 520 32.24 -9.83 6.84
CA ALA A 520 33.23 -8.77 6.69
C ALA A 520 33.33 -7.92 7.93
N TYR A 521 32.24 -7.80 8.70
CA TYR A 521 32.32 -7.20 10.02
C TYR A 521 32.97 -8.15 11.01
N ASP A 522 32.82 -9.46 10.77
CA ASP A 522 33.29 -10.45 11.74
C ASP A 522 34.80 -10.62 11.66
N THR A 523 35.34 -10.59 10.44
CA THR A 523 36.77 -10.79 10.28
C THR A 523 37.56 -9.58 10.70
N ILE A 524 37.01 -8.38 10.51
CA ILE A 524 37.79 -7.16 10.67
C ILE A 524 37.84 -6.72 12.13
N LYS A 525 37.02 -7.28 13.01
CA LYS A 525 37.07 -6.88 14.41
C LYS A 525 37.98 -7.77 15.24
N HIS A 526 38.60 -8.77 14.63
CA HIS A 526 39.63 -9.57 15.29
C HIS A 526 40.94 -9.54 14.51
N GLU B 38 41.09 -47.56 -11.72
CA GLU B 38 41.63 -46.21 -11.63
C GLU B 38 43.08 -46.18 -12.10
N GLU B 39 43.54 -47.26 -12.73
CA GLU B 39 44.86 -47.23 -13.34
C GLU B 39 44.84 -46.46 -14.65
N ASP B 40 44.07 -46.96 -15.62
CA ASP B 40 43.85 -46.23 -16.86
C ASP B 40 42.53 -45.50 -16.86
N LEU B 41 41.65 -45.80 -15.90
CA LEU B 41 40.40 -45.07 -15.79
C LEU B 41 40.62 -43.64 -15.33
N ARG B 42 41.68 -43.41 -14.55
CA ARG B 42 41.90 -42.10 -13.92
C ARG B 42 42.12 -41.02 -14.96
N ARG B 43 43.02 -41.26 -15.92
CA ARG B 43 43.22 -40.30 -16.99
C ARG B 43 41.99 -40.24 -17.90
N ARG B 44 41.24 -41.34 -18.02
CA ARG B 44 39.99 -41.28 -18.75
C ARG B 44 38.91 -40.52 -17.98
N LEU B 45 38.90 -40.63 -16.66
CA LEU B 45 38.00 -39.80 -15.87
C LEU B 45 38.56 -38.41 -15.62
N LYS B 46 39.84 -38.19 -15.92
CA LYS B 46 40.43 -36.88 -15.73
C LYS B 46 39.79 -35.88 -16.67
N TYR B 47 39.48 -36.31 -17.89
CA TYR B 47 38.81 -35.42 -18.82
C TYR B 47 37.37 -35.18 -18.44
N PHE B 48 36.82 -36.01 -17.55
CA PHE B 48 35.41 -35.95 -17.21
C PHE B 48 35.11 -34.89 -16.16
N PHE B 49 36.12 -34.29 -15.54
CA PHE B 49 35.91 -33.18 -14.63
C PHE B 49 36.98 -32.10 -14.82
N MET B 50 37.27 -31.77 -16.07
CA MET B 50 38.15 -30.65 -16.36
C MET B 50 37.41 -29.34 -16.14
N SER B 51 38.11 -28.24 -16.31
CA SER B 51 37.42 -26.99 -16.56
C SER B 51 37.18 -26.91 -18.06
N PRO B 52 36.38 -25.97 -18.53
CA PRO B 52 36.38 -25.71 -19.98
C PRO B 52 37.69 -25.16 -20.48
N CYS B 53 38.42 -24.43 -19.64
CA CYS B 53 39.59 -23.71 -20.13
C CYS B 53 40.80 -24.61 -20.30
N ASP B 54 41.09 -25.47 -19.31
CA ASP B 54 42.31 -26.27 -19.40
C ASP B 54 42.15 -27.40 -20.39
N LYS B 55 40.91 -27.84 -20.62
CA LYS B 55 40.65 -28.90 -21.59
C LYS B 55 40.93 -28.44 -23.01
N PHE B 56 40.71 -27.16 -23.28
CA PHE B 56 41.04 -26.60 -24.60
C PHE B 56 42.54 -26.61 -24.86
N ARG B 57 43.34 -26.55 -23.81
CA ARG B 57 44.79 -26.60 -24.03
C ARG B 57 45.33 -28.00 -23.82
N ALA B 58 44.61 -28.86 -23.09
CA ALA B 58 45.11 -30.21 -22.90
C ALA B 58 44.83 -31.10 -24.10
N LYS B 59 43.88 -30.74 -24.94
CA LYS B 59 43.60 -31.52 -26.15
C LYS B 59 43.64 -30.70 -27.43
N GLY B 60 43.10 -29.49 -27.40
CA GLY B 60 43.14 -28.67 -28.60
C GLY B 60 41.98 -28.88 -29.55
N ARG B 61 40.74 -28.73 -29.06
CA ARG B 61 39.56 -28.75 -29.89
C ARG B 61 38.69 -27.54 -29.56
N LYS B 62 38.14 -26.92 -30.60
CA LYS B 62 37.69 -25.54 -30.52
C LYS B 62 36.41 -25.37 -29.71
N PRO B 63 36.24 -24.23 -29.04
CA PRO B 63 35.09 -24.05 -28.14
C PRO B 63 33.77 -23.70 -28.82
N CYS B 64 33.64 -23.98 -30.12
CA CYS B 64 32.34 -23.86 -30.79
C CYS B 64 31.29 -24.77 -30.16
N LYS B 65 31.74 -25.89 -29.59
CA LYS B 65 30.88 -26.74 -28.79
C LYS B 65 30.34 -25.99 -27.57
N LEU B 66 31.11 -25.02 -27.08
CA LEU B 66 30.62 -24.16 -26.00
C LEU B 66 29.84 -22.97 -26.54
N MET B 67 30.41 -22.25 -27.51
CA MET B 67 29.96 -20.88 -27.76
C MET B 67 28.65 -20.83 -28.53
N LEU B 68 28.12 -21.99 -28.94
CA LEU B 68 26.78 -21.99 -29.51
C LEU B 68 25.74 -21.68 -28.45
N GLN B 69 26.02 -22.01 -27.19
CA GLN B 69 25.19 -21.58 -26.09
C GLN B 69 25.23 -20.06 -25.95
N VAL B 70 26.37 -19.44 -26.28
CA VAL B 70 26.48 -18.01 -26.09
C VAL B 70 25.66 -17.27 -27.15
N VAL B 71 25.69 -17.75 -28.39
CA VAL B 71 25.02 -17.01 -29.45
C VAL B 71 23.52 -17.23 -29.40
N LYS B 72 23.07 -18.38 -28.91
CA LYS B 72 21.63 -18.64 -28.85
C LYS B 72 20.96 -17.83 -27.76
N ILE B 73 21.73 -17.28 -26.81
CA ILE B 73 21.21 -16.22 -25.97
C ILE B 73 20.79 -15.04 -26.84
N LEU B 74 21.68 -14.61 -27.72
CA LEU B 74 21.39 -13.45 -28.55
C LEU B 74 20.43 -13.81 -29.68
N VAL B 75 20.20 -15.09 -29.92
CA VAL B 75 19.16 -15.49 -30.86
C VAL B 75 17.80 -15.38 -30.22
N VAL B 76 17.57 -16.16 -29.17
CA VAL B 76 16.21 -16.43 -28.70
C VAL B 76 15.65 -15.21 -28.00
N THR B 77 16.52 -14.38 -27.43
CA THR B 77 16.05 -13.16 -26.77
C THR B 77 15.49 -12.18 -27.78
N VAL B 78 16.12 -12.09 -28.96
CA VAL B 78 15.58 -11.28 -30.03
C VAL B 78 14.32 -11.92 -30.57
N GLN B 79 14.26 -13.26 -30.56
CA GLN B 79 13.07 -13.95 -31.04
C GLN B 79 11.88 -13.71 -30.15
N LEU B 80 12.12 -13.58 -28.84
CA LEU B 80 11.05 -13.25 -27.91
C LEU B 80 10.50 -11.85 -28.16
N ILE B 81 11.40 -10.87 -28.29
CA ILE B 81 10.96 -9.49 -28.39
C ILE B 81 10.32 -9.24 -29.75
N LEU B 82 10.83 -9.88 -30.79
CA LEU B 82 10.22 -9.75 -32.10
C LEU B 82 8.90 -10.50 -32.17
N PHE B 83 8.70 -11.48 -31.30
CA PHE B 83 7.35 -11.96 -31.08
C PHE B 83 6.54 -10.97 -30.25
N GLY B 84 7.23 -10.22 -29.38
CA GLY B 84 6.53 -9.40 -28.41
C GLY B 84 5.84 -8.20 -29.02
N LEU B 85 6.34 -7.71 -30.14
CA LEU B 85 5.66 -6.61 -30.81
C LEU B 85 4.37 -7.07 -31.45
N SER B 86 4.35 -8.34 -31.90
CA SER B 86 3.15 -8.84 -32.56
C SER B 86 2.08 -9.21 -31.55
N ASN B 87 2.48 -9.70 -30.38
CA ASN B 87 1.50 -10.14 -29.40
C ASN B 87 0.84 -8.95 -28.73
N GLN B 88 1.63 -7.96 -28.34
CA GLN B 88 1.14 -6.85 -27.54
C GLN B 88 0.14 -6.00 -28.30
N LEU B 89 0.21 -6.02 -29.64
CA LEU B 89 -0.82 -5.40 -30.44
C LEU B 89 -2.09 -6.24 -30.49
N ALA B 90 -1.94 -7.56 -30.59
CA ALA B 90 -3.09 -8.40 -30.89
C ALA B 90 -3.96 -8.65 -29.66
N VAL B 91 -3.58 -8.14 -28.49
CA VAL B 91 -4.41 -8.30 -27.32
C VAL B 91 -5.12 -6.99 -27.01
N THR B 92 -4.45 -5.86 -27.32
CA THR B 92 -5.10 -4.56 -27.16
C THR B 92 -6.29 -4.41 -28.09
N PHE B 93 -6.23 -5.03 -29.26
CA PHE B 93 -7.40 -5.07 -30.11
C PHE B 93 -8.52 -5.87 -29.48
N ARG B 94 -8.17 -6.98 -28.81
CA ARG B 94 -9.18 -7.69 -28.04
C ARG B 94 -9.58 -6.91 -26.81
N GLU B 95 -8.67 -6.09 -26.29
CA GLU B 95 -8.98 -5.36 -25.06
C GLU B 95 -9.85 -4.14 -25.32
N GLU B 96 -9.48 -3.30 -26.29
CA GLU B 96 -10.14 -2.01 -26.43
C GLU B 96 -11.55 -2.15 -26.96
N ASN B 97 -11.82 -3.18 -27.75
CA ASN B 97 -13.18 -3.37 -28.23
C ASN B 97 -14.09 -3.88 -27.13
N THR B 98 -13.54 -4.51 -26.10
CA THR B 98 -14.37 -4.83 -24.93
C THR B 98 -14.66 -3.57 -24.13
N ILE B 99 -13.67 -2.70 -23.96
CA ILE B 99 -13.86 -1.47 -23.20
C ILE B 99 -14.84 -0.56 -23.92
N ALA B 100 -14.83 -0.61 -25.24
CA ALA B 100 -15.77 0.19 -26.00
C ALA B 100 -17.19 -0.31 -25.85
N PHE B 101 -17.38 -1.62 -25.75
CA PHE B 101 -18.74 -2.13 -25.82
C PHE B 101 -19.48 -1.98 -24.50
N ARG B 102 -18.77 -1.66 -23.42
CA ARG B 102 -19.48 -1.16 -22.25
C ARG B 102 -20.13 0.17 -22.56
N HIS B 103 -19.38 1.08 -23.17
CA HIS B 103 -19.84 2.45 -23.38
C HIS B 103 -20.79 2.58 -24.54
N LEU B 104 -21.24 1.49 -25.13
CA LEU B 104 -22.32 1.53 -26.09
C LEU B 104 -23.56 0.81 -25.61
N PHE B 105 -23.39 -0.32 -24.94
CA PHE B 105 -24.50 -1.22 -24.71
C PHE B 105 -24.98 -1.22 -23.28
N LEU B 106 -24.40 -0.41 -22.42
CA LEU B 106 -24.83 -0.35 -21.03
C LEU B 106 -25.25 1.07 -20.71
N LEU B 107 -26.44 1.23 -20.17
CA LEU B 107 -26.93 2.54 -19.81
C LEU B 107 -26.19 3.05 -18.58
N GLY B 108 -25.58 4.22 -18.70
CA GLY B 108 -25.02 4.88 -17.55
C GLY B 108 -23.78 4.23 -16.99
N TYR B 109 -23.05 3.48 -17.80
CA TYR B 109 -21.81 2.89 -17.35
C TYR B 109 -20.76 3.98 -17.21
N SER B 110 -20.01 3.93 -16.12
CA SER B 110 -18.77 4.68 -16.00
C SER B 110 -17.64 3.69 -15.81
N ASP B 111 -16.42 4.18 -15.96
CA ASP B 111 -15.25 3.31 -15.91
C ASP B 111 -14.98 2.87 -14.48
N GLY B 112 -14.05 1.93 -14.36
CA GLY B 112 -13.67 1.45 -13.05
C GLY B 112 -14.45 0.24 -12.60
N ALA B 113 -15.49 0.46 -11.82
CA ALA B 113 -16.21 -0.64 -11.20
C ALA B 113 -17.10 -1.32 -12.24
N ASP B 114 -16.89 -2.61 -12.42
CA ASP B 114 -17.71 -3.42 -13.31
C ASP B 114 -18.63 -4.35 -12.54
N ASP B 115 -18.52 -4.35 -11.22
CA ASP B 115 -19.36 -5.19 -10.38
C ASP B 115 -20.45 -4.42 -9.66
N THR B 116 -20.21 -3.16 -9.32
CA THR B 116 -21.22 -2.39 -8.61
C THR B 116 -22.33 -1.94 -9.53
N PHE B 117 -22.13 -2.04 -10.84
CA PHE B 117 -23.17 -1.65 -11.78
C PHE B 117 -24.28 -2.68 -11.75
N ALA B 118 -25.37 -2.33 -11.09
CA ALA B 118 -26.46 -3.27 -10.89
C ALA B 118 -27.78 -2.52 -10.91
N ALA B 119 -28.78 -3.11 -11.54
CA ALA B 119 -30.10 -2.50 -11.64
C ALA B 119 -30.96 -2.97 -10.49
N TYR B 120 -31.58 -2.03 -9.80
CA TYR B 120 -32.38 -2.35 -8.63
C TYR B 120 -33.86 -2.25 -8.87
N THR B 121 -34.31 -1.18 -9.51
CA THR B 121 -35.72 -0.95 -9.75
C THR B 121 -36.23 -1.90 -10.81
N ARG B 122 -37.54 -1.88 -11.03
CA ARG B 122 -38.10 -2.71 -12.08
C ARG B 122 -37.81 -2.11 -13.45
N GLU B 123 -37.96 -0.80 -13.61
CA GLU B 123 -37.86 -0.25 -14.95
C GLU B 123 -36.41 -0.11 -15.40
N GLN B 124 -35.46 -0.03 -14.47
CA GLN B 124 -34.08 0.02 -14.93
C GLN B 124 -33.61 -1.29 -15.48
N LEU B 125 -34.29 -2.39 -15.16
CA LEU B 125 -34.03 -3.60 -15.91
C LEU B 125 -34.54 -3.45 -17.32
N TYR B 126 -35.68 -2.79 -17.49
CA TYR B 126 -36.23 -2.59 -18.83
C TYR B 126 -35.37 -1.66 -19.64
N GLN B 127 -35.00 -0.52 -19.06
CA GLN B 127 -34.34 0.52 -19.83
C GLN B 127 -32.96 0.10 -20.26
N ALA B 128 -32.29 -0.70 -19.44
CA ALA B 128 -30.97 -1.18 -19.84
C ALA B 128 -31.08 -2.20 -20.96
N ILE B 129 -32.14 -2.99 -20.98
CA ILE B 129 -32.38 -3.90 -22.08
C ILE B 129 -32.66 -3.12 -23.36
N PHE B 130 -33.59 -2.17 -23.29
CA PHE B 130 -34.02 -1.44 -24.46
C PHE B 130 -32.91 -0.55 -24.99
N HIS B 131 -32.10 0.01 -24.10
CA HIS B 131 -30.95 0.77 -24.54
C HIS B 131 -29.85 -0.15 -25.06
N ALA B 132 -29.91 -1.43 -24.74
CA ALA B 132 -28.98 -2.35 -25.38
C ALA B 132 -29.50 -2.84 -26.72
N VAL B 133 -30.82 -2.91 -26.89
CA VAL B 133 -31.40 -3.42 -28.13
C VAL B 133 -31.17 -2.44 -29.26
N ASP B 134 -31.58 -1.18 -29.08
CA ASP B 134 -31.64 -0.24 -30.18
C ASP B 134 -30.25 0.17 -30.66
N GLN B 135 -29.25 0.11 -29.79
CA GLN B 135 -27.89 0.34 -30.25
C GLN B 135 -27.45 -0.74 -31.20
N TYR B 136 -27.88 -1.99 -30.97
CA TYR B 136 -27.62 -3.04 -31.93
C TYR B 136 -28.38 -2.79 -33.23
N LEU B 137 -29.55 -2.18 -33.12
CA LEU B 137 -30.31 -1.85 -34.33
C LEU B 137 -29.66 -0.69 -35.06
N ALA B 138 -29.37 0.39 -34.35
CA ALA B 138 -28.94 1.64 -34.96
C ALA B 138 -27.44 1.78 -34.93
N LEU B 139 -26.72 0.68 -35.09
CA LEU B 139 -25.27 0.69 -34.88
C LEU B 139 -24.48 1.55 -35.88
N PRO B 140 -24.54 1.30 -37.21
CA PRO B 140 -23.56 1.95 -38.09
C PRO B 140 -23.82 3.42 -38.32
N ASP B 141 -24.95 3.94 -37.88
CA ASP B 141 -25.16 5.37 -37.99
C ASP B 141 -24.57 6.11 -36.80
N VAL B 142 -24.32 5.40 -35.70
CA VAL B 142 -23.92 6.03 -34.46
C VAL B 142 -22.53 5.64 -34.01
N SER B 143 -21.93 4.63 -34.63
CA SER B 143 -20.66 4.12 -34.14
C SER B 143 -19.53 4.48 -35.06
N LEU B 144 -18.33 4.44 -34.50
CA LEU B 144 -17.10 4.53 -35.27
C LEU B 144 -16.34 3.24 -35.05
N GLY B 145 -15.93 2.60 -36.14
CA GLY B 145 -15.31 1.29 -36.02
C GLY B 145 -15.65 0.35 -37.16
N ARG B 146 -16.72 0.66 -37.89
CA ARG B 146 -17.07 0.03 -39.17
C ARG B 146 -17.29 -1.48 -39.03
N TYR B 147 -18.36 -1.79 -38.33
CA TYR B 147 -18.63 -3.19 -38.02
C TYR B 147 -19.59 -3.74 -39.06
N ALA B 148 -20.04 -4.98 -38.87
CA ALA B 148 -21.01 -5.58 -39.77
C ALA B 148 -21.73 -6.68 -39.02
N TYR B 149 -22.96 -6.94 -39.44
CA TYR B 149 -23.79 -7.92 -38.76
C TYR B 149 -23.44 -9.32 -39.22
N VAL B 150 -23.94 -10.32 -38.50
CA VAL B 150 -23.41 -11.66 -38.68
C VAL B 150 -24.35 -12.59 -39.46
N ARG B 151 -25.66 -12.39 -39.39
CA ARG B 151 -26.70 -13.21 -40.02
C ARG B 151 -26.54 -14.69 -39.67
N GLY B 152 -26.70 -14.98 -38.39
CA GLY B 152 -26.27 -16.24 -37.85
C GLY B 152 -27.16 -17.43 -38.19
N GLY B 153 -26.71 -18.60 -37.75
CA GLY B 153 -27.48 -19.82 -37.84
C GLY B 153 -27.25 -20.81 -36.72
N GLY B 154 -26.70 -20.37 -35.60
CA GLY B 154 -26.29 -21.27 -34.53
C GLY B 154 -27.47 -21.78 -33.71
N ASP B 155 -27.13 -22.41 -32.58
CA ASP B 155 -28.13 -23.14 -31.80
C ASP B 155 -28.99 -22.23 -30.94
N PRO B 156 -28.46 -21.15 -30.28
CA PRO B 156 -29.38 -20.10 -29.84
C PRO B 156 -29.57 -19.03 -30.91
N TRP B 157 -29.88 -19.49 -32.12
CA TRP B 157 -30.21 -18.64 -33.25
C TRP B 157 -31.13 -19.42 -34.17
N THR B 158 -31.67 -18.72 -35.16
CA THR B 158 -32.22 -19.31 -36.37
C THR B 158 -31.53 -18.65 -37.55
N ASN B 159 -32.04 -18.88 -38.75
CA ASN B 159 -31.51 -18.17 -39.90
C ASN B 159 -32.38 -16.94 -40.16
N GLY B 160 -31.75 -15.79 -40.27
CA GLY B 160 -32.44 -14.53 -40.46
C GLY B 160 -32.18 -13.53 -39.35
N SER B 161 -32.14 -13.98 -38.10
CA SER B 161 -31.90 -13.10 -36.97
C SER B 161 -30.50 -13.31 -36.41
N GLY B 162 -29.97 -12.26 -35.78
CA GLY B 162 -28.65 -12.33 -35.19
C GLY B 162 -28.63 -12.01 -33.71
N LEU B 163 -29.59 -11.21 -33.27
CA LEU B 163 -29.75 -10.86 -31.86
C LEU B 163 -30.79 -11.79 -31.27
N ALA B 164 -30.59 -12.17 -30.01
CA ALA B 164 -31.58 -12.98 -29.31
C ALA B 164 -31.54 -12.66 -27.84
N LEU B 165 -32.64 -12.16 -27.31
CA LEU B 165 -32.78 -12.02 -25.87
C LEU B 165 -33.61 -13.19 -25.40
N CYS B 166 -33.33 -13.67 -24.19
CA CYS B 166 -33.81 -14.98 -23.78
C CYS B 166 -34.18 -14.96 -22.32
N GLN B 167 -35.47 -15.03 -22.02
CA GLN B 167 -35.88 -15.16 -20.64
C GLN B 167 -35.64 -16.59 -20.15
N ARG B 168 -35.49 -16.72 -18.84
CA ARG B 168 -35.23 -18.00 -18.19
C ARG B 168 -35.95 -17.99 -16.87
N TYR B 169 -36.90 -18.90 -16.67
CA TYR B 169 -37.58 -18.95 -15.39
C TYR B 169 -38.07 -20.36 -15.13
N TYR B 170 -38.54 -20.56 -13.90
CA TYR B 170 -39.00 -21.86 -13.47
C TYR B 170 -40.35 -22.17 -14.11
N HIS B 171 -40.49 -23.37 -14.65
CA HIS B 171 -41.71 -23.71 -15.37
C HIS B 171 -42.93 -23.82 -14.46
N ARG B 172 -42.83 -24.62 -13.41
CA ARG B 172 -44.02 -24.95 -12.64
C ARG B 172 -43.78 -24.54 -11.20
N GLY B 173 -44.42 -23.47 -10.80
CA GLY B 173 -44.16 -22.91 -9.49
C GLY B 173 -45.09 -21.78 -9.15
N HIS B 174 -45.24 -21.55 -7.85
CA HIS B 174 -46.07 -20.48 -7.31
C HIS B 174 -45.60 -20.18 -5.90
N VAL B 175 -44.99 -19.03 -5.69
CA VAL B 175 -44.38 -18.73 -4.40
C VAL B 175 -45.12 -17.56 -3.74
N ASP B 176 -45.07 -17.56 -2.41
CA ASP B 176 -45.64 -16.49 -1.60
C ASP B 176 -45.08 -16.49 -0.18
N PRO B 177 -44.51 -15.38 0.27
CA PRO B 177 -44.13 -15.27 1.68
C PRO B 177 -45.32 -14.92 2.56
N ALA B 178 -45.17 -15.25 3.85
CA ALA B 178 -46.06 -14.96 4.98
C ALA B 178 -47.39 -15.69 4.93
N ASN B 179 -47.70 -16.34 3.81
CA ASN B 179 -48.70 -17.40 3.74
C ASN B 179 -47.96 -18.42 2.88
N ASP B 180 -47.14 -19.25 3.54
CA ASP B 180 -45.92 -19.78 2.94
C ASP B 180 -46.18 -21.02 2.12
N THR B 181 -45.83 -20.95 0.83
CA THR B 181 -45.98 -22.04 -0.13
C THR B 181 -45.07 -21.70 -1.30
N PHE B 182 -44.31 -22.69 -1.79
CA PHE B 182 -43.30 -22.43 -2.80
C PHE B 182 -42.96 -23.69 -3.57
N ASP B 183 -43.14 -23.65 -4.89
CA ASP B 183 -42.72 -24.74 -5.77
C ASP B 183 -41.56 -24.25 -6.61
N ILE B 184 -40.43 -24.93 -6.49
CA ILE B 184 -39.15 -24.47 -7.04
C ILE B 184 -38.67 -25.51 -8.04
N ASP B 185 -39.61 -26.11 -8.77
CA ASP B 185 -39.33 -27.08 -9.81
C ASP B 185 -38.36 -26.56 -10.86
N PRO B 186 -37.14 -27.09 -10.90
CA PRO B 186 -36.10 -26.50 -11.77
C PRO B 186 -36.30 -26.92 -13.21
N MET B 187 -36.80 -25.99 -14.02
CA MET B 187 -37.09 -26.27 -15.41
C MET B 187 -37.12 -24.95 -16.16
N VAL B 188 -36.22 -24.81 -17.12
CA VAL B 188 -36.07 -23.54 -17.83
C VAL B 188 -37.25 -23.32 -18.76
N VAL B 189 -37.48 -22.07 -19.13
CA VAL B 189 -38.47 -21.72 -20.12
C VAL B 189 -37.75 -20.84 -21.13
N THR B 190 -37.23 -21.46 -22.19
CA THR B 190 -36.32 -20.81 -23.12
C THR B 190 -37.14 -20.01 -24.12
N ASP B 191 -37.43 -18.76 -23.77
CA ASP B 191 -38.25 -17.91 -24.62
C ASP B 191 -37.39 -16.96 -25.45
N CYS B 192 -36.57 -17.54 -26.31
CA CYS B 192 -35.60 -16.75 -27.07
C CYS B 192 -36.32 -16.02 -28.20
N ILE B 193 -36.80 -14.83 -27.87
CA ILE B 193 -37.50 -13.99 -28.81
C ILE B 193 -36.49 -13.32 -29.71
N GLN B 194 -36.35 -13.83 -30.94
CA GLN B 194 -35.28 -13.34 -31.78
C GLN B 194 -35.67 -12.04 -32.45
N VAL B 195 -34.70 -11.44 -33.13
CA VAL B 195 -34.86 -10.20 -33.87
C VAL B 195 -33.73 -10.07 -34.88
N ASP B 196 -34.10 -9.73 -36.11
CA ASP B 196 -33.21 -9.53 -37.25
C ASP B 196 -32.71 -8.10 -37.26
N PRO B 197 -31.62 -7.80 -37.96
CA PRO B 197 -31.23 -6.41 -38.14
C PRO B 197 -31.77 -5.85 -39.44
N PRO B 198 -32.04 -4.55 -39.49
CA PRO B 198 -32.26 -3.89 -40.78
C PRO B 198 -30.91 -3.49 -41.37
N GLU B 199 -30.71 -3.80 -42.65
CA GLU B 199 -29.37 -3.74 -43.21
C GLU B 199 -29.06 -2.42 -43.92
N ARG B 200 -29.81 -2.12 -44.96
CA ARG B 200 -29.14 -1.17 -45.85
C ARG B 200 -30.06 -0.02 -46.25
N PRO B 201 -29.55 1.21 -46.22
CA PRO B 201 -30.14 2.34 -46.94
C PRO B 201 -30.22 2.07 -48.44
N SER B 216 -40.02 -3.68 -33.43
CA SER B 216 -40.66 -4.98 -33.52
C SER B 216 -41.29 -5.39 -32.21
N SER B 217 -41.72 -6.65 -32.12
CA SER B 217 -42.48 -7.13 -30.97
C SER B 217 -41.63 -7.42 -29.75
N TYR B 218 -40.35 -7.07 -29.75
CA TYR B 218 -39.59 -7.06 -28.52
C TYR B 218 -40.07 -5.99 -27.56
N LYS B 219 -40.76 -4.97 -28.08
CA LYS B 219 -41.51 -4.06 -27.23
C LYS B 219 -42.60 -4.81 -26.47
N ASN B 220 -43.28 -5.74 -27.14
CA ASN B 220 -44.25 -6.60 -26.47
C ASN B 220 -43.46 -7.58 -25.63
N LEU B 221 -43.16 -7.20 -24.39
CA LEU B 221 -42.31 -8.04 -23.55
C LEU B 221 -42.73 -7.94 -22.11
N THR B 222 -42.92 -9.09 -21.46
CA THR B 222 -43.06 -9.17 -20.02
C THR B 222 -42.01 -10.14 -19.50
N LEU B 223 -41.69 -10.02 -18.22
CA LEU B 223 -40.55 -10.75 -17.69
C LEU B 223 -40.89 -11.70 -16.55
N LYS B 224 -42.01 -11.50 -15.86
CA LYS B 224 -42.48 -12.32 -14.73
C LYS B 224 -41.44 -12.36 -13.60
N PHE B 225 -41.28 -11.19 -12.98
CA PHE B 225 -40.17 -10.91 -12.09
C PHE B 225 -40.17 -11.77 -10.84
N HIS B 226 -41.30 -12.35 -10.48
CA HIS B 226 -41.35 -13.22 -9.30
C HIS B 226 -40.75 -14.59 -9.57
N LYS B 227 -40.43 -14.89 -10.82
CA LYS B 227 -40.09 -16.25 -11.22
C LYS B 227 -38.80 -16.32 -12.02
N LEU B 228 -38.30 -15.18 -12.49
CA LEU B 228 -37.15 -15.09 -13.38
C LEU B 228 -35.88 -15.70 -12.78
N VAL B 229 -35.03 -16.25 -13.64
CA VAL B 229 -33.69 -16.66 -13.23
C VAL B 229 -32.66 -15.69 -13.78
N ASN B 230 -32.53 -15.60 -15.10
CA ASN B 230 -31.60 -14.65 -15.69
C ASN B 230 -32.04 -14.34 -17.12
N VAL B 231 -31.59 -13.20 -17.63
CA VAL B 231 -31.86 -12.76 -18.99
C VAL B 231 -30.54 -12.55 -19.70
N THR B 232 -30.34 -13.25 -20.81
CA THR B 232 -29.10 -13.17 -21.56
C THR B 232 -29.40 -12.63 -22.95
N ILE B 233 -28.37 -12.10 -23.60
CA ILE B 233 -28.48 -11.51 -24.93
C ILE B 233 -27.24 -11.90 -25.73
N HIS B 234 -27.44 -12.61 -26.83
CA HIS B 234 -26.35 -13.06 -27.68
C HIS B 234 -26.39 -12.31 -28.99
N PHE B 235 -25.22 -11.97 -29.53
CA PHE B 235 -25.06 -11.54 -30.91
C PHE B 235 -23.59 -11.64 -31.28
N ARG B 236 -23.30 -11.33 -32.54
CA ARG B 236 -21.94 -11.28 -33.01
C ARG B 236 -21.71 -10.03 -33.83
N LEU B 237 -20.43 -9.73 -34.04
CA LEU B 237 -20.00 -8.66 -34.92
C LEU B 237 -18.69 -9.09 -35.58
N LYS B 238 -18.53 -8.73 -36.84
CA LYS B 238 -17.26 -8.96 -37.51
C LYS B 238 -16.47 -7.66 -37.57
N THR B 239 -15.17 -7.81 -37.78
CA THR B 239 -14.30 -6.65 -37.85
C THR B 239 -13.07 -6.97 -38.69
N ILE B 240 -12.38 -5.91 -39.07
CA ILE B 240 -11.09 -5.99 -39.74
C ILE B 240 -10.09 -5.33 -38.81
N ASN B 241 -9.21 -6.14 -38.24
CA ASN B 241 -8.12 -5.55 -37.48
C ASN B 241 -7.21 -4.78 -38.43
N LEU B 242 -6.77 -3.62 -37.98
CA LEU B 242 -6.09 -2.66 -38.81
C LEU B 242 -4.84 -2.16 -38.10
N GLN B 243 -4.04 -3.09 -37.62
CA GLN B 243 -2.83 -2.75 -36.90
C GLN B 243 -1.63 -3.27 -37.67
N SER B 244 -1.56 -2.90 -38.95
CA SER B 244 -0.53 -3.36 -39.88
C SER B 244 0.64 -2.42 -39.91
N LEU B 245 1.04 -1.90 -38.75
CA LEU B 245 2.22 -1.07 -38.58
C LEU B 245 3.50 -1.87 -38.42
N ILE B 246 3.49 -2.87 -37.54
CA ILE B 246 4.73 -3.59 -37.24
C ILE B 246 4.88 -4.85 -38.11
N ASN B 247 3.77 -5.47 -38.50
CA ASN B 247 3.78 -6.35 -39.66
C ASN B 247 4.21 -5.56 -40.89
N ASN B 248 3.75 -4.31 -40.96
CA ASN B 248 3.99 -3.26 -41.96
C ASN B 248 3.21 -3.58 -43.22
N GLU B 249 2.60 -4.76 -43.27
CA GLU B 249 1.77 -5.30 -44.35
C GLU B 249 0.73 -6.22 -43.72
N ILE B 250 0.16 -7.13 -44.52
CA ILE B 250 -1.16 -7.76 -44.40
C ILE B 250 -1.66 -8.11 -43.00
N PRO B 251 -2.81 -7.54 -42.61
CA PRO B 251 -3.41 -7.82 -41.30
C PRO B 251 -4.30 -9.03 -41.32
N ASP B 252 -5.03 -9.25 -40.23
CA ASP B 252 -5.93 -10.37 -40.11
C ASP B 252 -7.34 -9.85 -39.86
N CYS B 253 -8.32 -10.75 -39.90
CA CYS B 253 -9.73 -10.36 -39.94
C CYS B 253 -10.47 -11.13 -38.86
N TYR B 254 -11.04 -10.41 -37.89
CA TYR B 254 -11.46 -11.04 -36.64
C TYR B 254 -12.98 -11.09 -36.51
N THR B 255 -13.42 -11.79 -35.47
CA THR B 255 -14.84 -11.99 -35.22
C THR B 255 -15.08 -12.09 -33.72
N PHE B 256 -15.97 -11.26 -33.20
CA PHE B 256 -16.31 -11.27 -31.78
C PHE B 256 -17.57 -12.06 -31.53
N SER B 257 -17.90 -12.21 -30.24
CA SER B 257 -19.19 -12.73 -29.82
C SER B 257 -19.44 -12.17 -28.42
N VAL B 258 -20.52 -11.43 -28.29
CA VAL B 258 -20.76 -10.62 -27.10
C VAL B 258 -21.94 -11.18 -26.33
N LEU B 259 -21.76 -11.40 -25.04
CA LEU B 259 -22.82 -11.83 -24.16
C LEU B 259 -23.06 -10.77 -23.09
N ILE B 260 -24.31 -10.43 -22.85
CA ILE B 260 -24.69 -9.48 -21.82
C ILE B 260 -25.72 -10.15 -20.92
N THR B 261 -25.42 -10.23 -19.63
CA THR B 261 -26.13 -11.10 -18.71
C THR B 261 -26.76 -10.29 -17.59
N PHE B 262 -28.07 -10.38 -17.46
CA PHE B 262 -28.77 -9.76 -16.35
C PHE B 262 -29.08 -10.84 -15.30
N ASP B 263 -28.02 -11.31 -14.67
CA ASP B 263 -28.11 -12.50 -13.83
C ASP B 263 -28.90 -12.26 -12.56
N ASN B 264 -29.67 -13.26 -12.15
CA ASN B 264 -30.21 -13.29 -10.79
C ASN B 264 -30.11 -14.73 -10.28
N LYS B 265 -28.96 -15.06 -9.70
CA LYS B 265 -28.83 -16.26 -8.89
C LYS B 265 -28.98 -15.93 -7.42
N ALA B 266 -29.74 -14.89 -7.10
CA ALA B 266 -29.80 -14.40 -5.74
C ALA B 266 -31.24 -14.29 -5.29
N HIS B 267 -32.11 -13.87 -6.21
CA HIS B 267 -33.53 -13.62 -5.97
C HIS B 267 -33.74 -12.63 -4.83
N SER B 268 -32.82 -11.68 -4.70
CA SER B 268 -32.71 -10.86 -3.50
C SER B 268 -32.80 -9.38 -3.80
N GLY B 269 -33.18 -9.02 -5.02
CA GLY B 269 -33.35 -7.63 -5.32
C GLY B 269 -32.12 -6.92 -5.80
N ARG B 270 -31.22 -7.61 -6.47
CA ARG B 270 -30.11 -6.93 -7.11
C ARG B 270 -29.68 -7.77 -8.30
N ILE B 271 -29.51 -7.12 -9.44
CA ILE B 271 -29.21 -7.82 -10.68
C ILE B 271 -27.87 -7.35 -11.21
N PRO B 272 -26.83 -8.17 -11.13
CA PRO B 272 -25.55 -7.80 -11.72
C PRO B 272 -25.67 -7.76 -13.23
N ILE B 273 -25.02 -6.77 -13.83
CA ILE B 273 -25.08 -6.57 -15.27
C ILE B 273 -23.66 -6.65 -15.79
N SER B 274 -23.44 -7.53 -16.76
CA SER B 274 -22.08 -7.89 -17.12
C SER B 274 -21.95 -7.94 -18.64
N LEU B 275 -20.70 -7.90 -19.10
CA LEU B 275 -20.39 -8.02 -20.51
C LEU B 275 -19.12 -8.83 -20.66
N GLU B 276 -19.18 -9.90 -21.44
CA GLU B 276 -18.03 -10.76 -21.69
C GLU B 276 -17.99 -11.05 -23.18
N THR B 277 -16.79 -11.09 -23.75
CA THR B 277 -16.62 -11.41 -25.15
C THR B 277 -15.70 -12.60 -25.32
N GLN B 278 -15.65 -13.09 -26.56
CA GLN B 278 -14.60 -13.97 -27.04
C GLN B 278 -14.28 -13.53 -28.45
N ALA B 279 -12.99 -13.48 -28.79
CA ALA B 279 -12.58 -13.11 -30.14
C ALA B 279 -12.20 -14.35 -30.90
N HIS B 280 -12.60 -14.41 -32.16
CA HIS B 280 -12.27 -15.53 -33.03
C HIS B 280 -11.76 -15.01 -34.36
N ILE B 281 -10.83 -15.73 -34.95
CA ILE B 281 -10.00 -15.23 -36.05
C ILE B 281 -10.16 -16.15 -37.25
N GLN B 282 -10.26 -15.57 -38.44
CA GLN B 282 -9.99 -16.32 -39.67
C GLN B 282 -9.29 -15.39 -40.65
N GLU B 283 -9.22 -15.83 -41.90
CA GLU B 283 -8.42 -15.21 -42.93
C GLU B 283 -9.32 -14.57 -43.97
N CYS B 284 -8.73 -13.87 -44.92
CA CYS B 284 -9.48 -12.96 -45.77
C CYS B 284 -8.65 -12.59 -47.00
N LYS B 285 -9.32 -12.10 -48.05
CA LYS B 285 -8.69 -11.83 -49.33
C LYS B 285 -8.37 -10.36 -49.49
N HIS B 286 -7.13 -10.06 -49.89
CA HIS B 286 -6.54 -8.74 -49.86
C HIS B 286 -6.25 -8.21 -51.25
N PRO B 287 -6.46 -6.93 -51.49
CA PRO B 287 -5.93 -6.30 -52.71
C PRO B 287 -4.64 -5.53 -52.46
N SER B 288 -4.17 -5.46 -51.22
CA SER B 288 -3.09 -4.56 -50.85
C SER B 288 -1.77 -5.05 -51.43
N VAL B 289 -0.75 -4.20 -51.36
CA VAL B 289 0.39 -4.30 -52.27
C VAL B 289 1.71 -4.37 -51.51
N PHE B 290 2.67 -5.13 -52.06
CA PHE B 290 4.07 -5.25 -51.64
C PHE B 290 4.21 -5.79 -50.22
N GLN B 291 3.84 -7.07 -50.05
CA GLN B 291 3.79 -7.68 -48.72
C GLN B 291 5.18 -8.02 -48.17
N HIS B 292 5.89 -8.95 -48.82
CA HIS B 292 6.94 -9.72 -48.15
C HIS B 292 8.30 -9.03 -48.09
N GLY B 293 8.37 -7.70 -48.15
CA GLY B 293 9.63 -6.98 -48.29
C GLY B 293 10.67 -7.25 -47.20
N ASP B 294 10.41 -6.76 -45.99
CA ASP B 294 11.13 -7.26 -44.83
C ASP B 294 10.43 -8.45 -44.18
N ASN B 295 9.31 -8.89 -44.76
CA ASN B 295 8.48 -9.91 -44.14
C ASN B 295 8.85 -11.32 -44.59
N SER B 296 9.51 -11.44 -45.75
CA SER B 296 10.22 -12.67 -46.06
C SER B 296 11.47 -12.80 -45.21
N PHE B 297 11.96 -11.70 -44.65
CA PHE B 297 13.22 -11.73 -43.92
C PHE B 297 13.02 -12.28 -42.51
N ARG B 298 11.85 -12.06 -41.92
CA ARG B 298 11.55 -12.64 -40.61
C ARG B 298 11.41 -14.14 -40.70
N LEU B 299 10.80 -14.63 -41.78
CA LEU B 299 10.66 -16.07 -41.99
C LEU B 299 12.02 -16.73 -42.17
N LEU B 300 12.91 -16.09 -42.93
CA LEU B 300 14.27 -16.58 -43.05
C LEU B 300 15.01 -16.43 -41.72
N PHE B 301 14.63 -15.46 -40.90
CA PHE B 301 15.26 -15.32 -39.60
C PHE B 301 14.84 -16.43 -38.66
N ASP B 302 13.61 -16.92 -38.77
CA ASP B 302 13.17 -18.00 -37.89
C ASP B 302 13.85 -19.30 -38.25
N VAL B 303 14.29 -19.43 -39.50
CA VAL B 303 15.15 -20.55 -39.84
C VAL B 303 16.50 -20.41 -39.12
N VAL B 304 17.00 -19.18 -39.01
CA VAL B 304 18.26 -18.94 -38.30
C VAL B 304 18.08 -19.19 -36.82
N VAL B 305 16.90 -18.90 -36.29
CA VAL B 305 16.57 -19.31 -34.93
C VAL B 305 16.58 -20.82 -34.82
N ILE B 306 15.95 -21.51 -35.77
CA ILE B 306 15.89 -22.96 -35.68
C ILE B 306 17.15 -23.59 -36.24
N LEU B 307 18.05 -22.80 -36.83
CA LEU B 307 19.39 -23.29 -37.12
C LEU B 307 20.15 -23.59 -35.83
N THR B 308 20.35 -22.55 -35.00
CA THR B 308 21.29 -22.66 -33.88
C THR B 308 20.77 -23.57 -32.77
N CYS B 309 19.48 -23.84 -32.75
CA CYS B 309 18.96 -24.76 -31.76
C CYS B 309 19.07 -26.19 -32.25
N SER B 310 19.09 -26.39 -33.57
CA SER B 310 19.06 -27.73 -34.14
C SER B 310 20.32 -28.49 -33.81
N LEU B 311 21.48 -27.90 -34.07
CA LEU B 311 22.72 -28.58 -33.76
C LEU B 311 23.00 -28.59 -32.27
N SER B 312 22.32 -27.72 -31.52
CA SER B 312 22.52 -27.67 -30.08
C SER B 312 21.97 -28.93 -29.41
N PHE B 313 20.90 -29.48 -29.96
CA PHE B 313 20.38 -30.75 -29.46
C PHE B 313 21.34 -31.89 -29.74
N LEU B 314 22.05 -31.81 -30.86
CA LEU B 314 22.86 -32.93 -31.32
C LEU B 314 24.08 -33.13 -30.43
N LEU B 315 24.79 -32.04 -30.17
CA LEU B 315 26.09 -32.14 -29.52
C LEU B 315 25.92 -32.36 -28.02
N CYS B 316 24.91 -31.73 -27.42
CA CYS B 316 24.64 -31.90 -26.00
C CYS B 316 24.20 -33.32 -25.69
N ALA B 317 23.47 -33.94 -26.62
CA ALA B 317 23.18 -35.35 -26.48
C ALA B 317 24.44 -36.18 -26.67
N ARG B 318 25.29 -35.75 -27.60
CA ARG B 318 26.53 -36.48 -27.85
C ARG B 318 27.48 -36.36 -26.66
N SER B 319 27.43 -35.22 -25.98
CA SER B 319 28.20 -35.07 -24.74
C SER B 319 27.66 -36.01 -23.67
N LEU B 320 26.34 -36.17 -23.63
CA LEU B 320 25.75 -37.09 -22.68
C LEU B 320 25.91 -38.51 -23.17
N LEU B 321 26.12 -38.70 -24.47
CA LEU B 321 26.37 -40.01 -25.05
C LEU B 321 27.69 -40.58 -24.57
N ARG B 322 28.60 -39.70 -24.17
CA ARG B 322 29.85 -40.13 -23.57
C ARG B 322 29.61 -40.82 -22.24
N GLY B 323 28.55 -40.40 -21.53
CA GLY B 323 28.20 -41.03 -20.28
C GLY B 323 27.76 -42.47 -20.45
N PHE B 324 27.08 -42.76 -21.57
CA PHE B 324 26.78 -44.14 -21.93
C PHE B 324 28.05 -44.95 -22.19
N LEU B 325 29.10 -44.29 -22.68
CA LEU B 325 30.36 -44.96 -22.93
C LEU B 325 31.24 -45.05 -21.69
N LEU B 326 30.88 -44.38 -20.62
CA LEU B 326 31.74 -44.42 -19.44
C LEU B 326 31.10 -45.14 -18.26
N GLN B 327 29.79 -45.37 -18.31
CA GLN B 327 29.11 -45.91 -17.15
C GLN B 327 29.32 -47.40 -17.02
N ASN B 328 29.64 -48.07 -18.12
CA ASN B 328 29.94 -49.49 -18.06
C ASN B 328 31.41 -49.75 -17.85
N GLU B 329 32.26 -48.76 -18.12
CA GLU B 329 33.67 -48.95 -17.89
C GLU B 329 34.00 -48.89 -16.41
N PHE B 330 33.28 -48.04 -15.66
CA PHE B 330 33.52 -47.88 -14.23
C PHE B 330 33.19 -49.16 -13.47
N VAL B 331 32.21 -49.92 -13.94
CA VAL B 331 31.83 -51.16 -13.29
C VAL B 331 32.94 -52.18 -13.40
N GLY B 332 33.74 -52.10 -14.47
CA GLY B 332 34.89 -52.95 -14.63
C GLY B 332 36.11 -52.50 -13.87
N PHE B 333 35.90 -51.89 -12.70
CA PHE B 333 36.97 -51.56 -11.77
C PHE B 333 37.46 -52.87 -11.16
N MET B 334 38.42 -53.51 -11.83
CA MET B 334 38.96 -54.83 -11.47
C MET B 334 37.87 -55.89 -11.38
N TRP B 335 36.82 -55.73 -12.20
CA TRP B 335 35.73 -56.69 -12.38
C TRP B 335 34.99 -56.99 -11.07
N ARG B 336 34.33 -55.95 -10.58
CA ARG B 336 33.68 -55.84 -9.25
C ARG B 336 34.53 -56.45 -8.12
N GLN B 337 35.75 -55.91 -7.97
CA GLN B 337 36.56 -56.28 -6.80
C GLN B 337 35.93 -55.76 -5.52
N ARG B 338 35.22 -54.64 -5.58
CA ARG B 338 34.37 -54.15 -4.52
C ARG B 338 32.90 -54.41 -4.79
N GLY B 339 32.38 -53.92 -5.91
CA GLY B 339 31.00 -54.23 -6.29
C GLY B 339 29.92 -53.44 -5.62
N ARG B 340 29.99 -53.26 -4.31
CA ARG B 340 28.94 -52.59 -3.55
C ARG B 340 29.14 -51.08 -3.47
N VAL B 341 30.01 -50.51 -4.30
CA VAL B 341 30.00 -49.06 -4.50
C VAL B 341 28.68 -48.65 -5.16
N ILE B 342 28.17 -49.51 -6.04
CA ILE B 342 27.08 -49.17 -6.95
C ILE B 342 25.79 -49.01 -6.18
N SER B 343 25.32 -47.75 -6.06
CA SER B 343 24.04 -47.41 -5.44
C SER B 343 23.34 -46.31 -6.21
N LEU B 344 23.90 -45.88 -7.33
CA LEU B 344 23.27 -45.08 -8.37
C LEU B 344 23.00 -43.62 -8.00
N TRP B 345 23.19 -43.25 -6.73
CA TRP B 345 23.15 -41.83 -6.37
C TRP B 345 24.50 -41.20 -6.51
N GLU B 346 25.55 -41.97 -6.22
CA GLU B 346 26.90 -41.59 -6.58
C GLU B 346 27.07 -41.60 -8.10
N ARG B 347 26.25 -42.37 -8.82
CA ARG B 347 26.27 -42.34 -10.27
C ARG B 347 25.51 -41.12 -10.78
N LEU B 348 24.68 -40.50 -9.94
CA LEU B 348 23.99 -39.28 -10.36
C LEU B 348 24.95 -38.11 -10.43
N GLU B 349 26.00 -38.11 -9.61
CA GLU B 349 27.09 -37.17 -9.84
C GLU B 349 27.87 -37.55 -11.08
N PHE B 350 28.00 -38.86 -11.33
CA PHE B 350 28.59 -39.33 -12.57
C PHE B 350 27.69 -39.06 -13.76
N VAL B 351 26.37 -38.94 -13.54
CA VAL B 351 25.49 -38.37 -14.56
C VAL B 351 25.87 -36.91 -14.78
N ASN B 352 25.96 -36.50 -16.05
CA ASN B 352 26.14 -35.10 -16.40
C ASN B 352 24.98 -34.28 -15.88
N GLY B 353 25.29 -33.31 -15.01
CA GLY B 353 24.24 -32.67 -14.25
C GLY B 353 23.41 -31.68 -15.03
N TRP B 354 24.00 -30.55 -15.40
CA TRP B 354 23.19 -29.46 -15.91
C TRP B 354 22.99 -29.55 -17.41
N TYR B 355 23.46 -30.63 -18.02
CA TYR B 355 23.24 -30.83 -19.46
C TYR B 355 21.80 -31.22 -19.74
N ILE B 356 21.08 -31.72 -18.73
CA ILE B 356 19.67 -32.02 -18.89
C ILE B 356 18.86 -30.72 -19.00
N LEU B 357 19.43 -29.62 -18.50
CA LEU B 357 18.71 -28.37 -18.51
C LEU B 357 18.71 -27.75 -19.89
N LEU B 358 19.83 -27.85 -20.59
CA LEU B 358 19.94 -27.23 -21.91
C LEU B 358 19.08 -27.98 -22.92
N VAL B 359 19.03 -29.30 -22.82
CA VAL B 359 18.23 -30.09 -23.75
C VAL B 359 16.75 -29.90 -23.44
N THR B 360 16.42 -29.56 -22.19
CA THR B 360 15.04 -29.24 -21.85
C THR B 360 14.67 -27.89 -22.42
N SER B 361 15.62 -26.96 -22.42
CA SER B 361 15.38 -25.65 -23.01
C SER B 361 15.24 -25.74 -24.52
N ASP B 362 15.96 -26.67 -25.13
CA ASP B 362 16.03 -26.74 -26.59
C ASP B 362 14.76 -27.31 -27.21
N VAL B 363 14.18 -28.33 -26.57
CA VAL B 363 12.96 -28.92 -27.10
C VAL B 363 11.81 -27.94 -27.01
N LEU B 364 11.73 -27.21 -25.89
CA LEU B 364 10.70 -26.20 -25.76
C LEU B 364 10.98 -24.97 -26.62
N THR B 365 12.21 -24.85 -27.12
CA THR B 365 12.50 -23.71 -27.99
C THR B 365 11.93 -23.92 -29.38
N ILE B 366 12.16 -25.10 -29.97
CA ILE B 366 11.67 -25.37 -31.31
C ILE B 366 10.17 -25.57 -31.33
N SER B 367 9.58 -25.89 -30.18
CA SER B 367 8.12 -26.03 -30.11
C SER B 367 7.41 -24.69 -30.17
N GLY B 368 8.13 -23.60 -29.99
CA GLY B 368 7.50 -22.29 -30.15
C GLY B 368 7.56 -21.82 -31.59
N THR B 369 8.72 -21.95 -32.22
CA THR B 369 8.93 -21.41 -33.56
C THR B 369 8.14 -22.19 -34.61
N ILE B 370 8.05 -23.51 -34.44
CA ILE B 370 7.11 -24.32 -35.20
C ILE B 370 5.69 -23.82 -34.99
N MET B 371 5.36 -23.56 -33.74
CA MET B 371 4.03 -23.03 -33.43
C MET B 371 3.90 -21.59 -33.89
N LYS B 372 5.04 -20.88 -34.01
CA LYS B 372 4.97 -19.47 -34.35
C LYS B 372 4.60 -19.27 -35.81
N ILE B 373 5.11 -20.11 -36.71
CA ILE B 373 4.87 -19.88 -38.13
C ILE B 373 3.46 -20.30 -38.54
N GLY B 374 2.66 -20.79 -37.61
CA GLY B 374 1.24 -20.94 -37.81
C GLY B 374 0.45 -19.67 -37.72
N ILE B 375 1.12 -18.54 -37.46
CA ILE B 375 0.48 -17.22 -37.53
C ILE B 375 0.09 -16.90 -38.98
N GLU B 376 0.79 -17.48 -39.96
CA GLU B 376 0.67 -17.03 -41.33
C GLU B 376 -0.62 -17.54 -41.96
N ALA B 377 -0.72 -18.84 -42.15
CA ALA B 377 -1.83 -19.39 -42.90
C ALA B 377 -2.34 -20.69 -42.27
N LYS B 378 -2.25 -20.82 -40.97
CA LYS B 378 -2.82 -21.97 -40.30
C LYS B 378 -3.94 -21.48 -39.40
N ASN B 379 -4.93 -22.35 -39.17
CA ASN B 379 -6.08 -22.06 -38.35
C ASN B 379 -5.72 -21.74 -36.90
N LEU B 380 -4.56 -22.20 -36.44
CA LEU B 380 -4.11 -21.87 -35.10
C LEU B 380 -3.64 -20.41 -35.08
N ALA B 381 -4.20 -19.64 -34.16
CA ALA B 381 -3.75 -18.28 -33.94
C ALA B 381 -3.77 -17.91 -32.46
N SER B 382 -4.02 -18.87 -31.57
CA SER B 382 -3.96 -18.66 -30.13
C SER B 382 -2.51 -18.37 -29.74
N TYR B 383 -2.26 -17.13 -29.36
CA TYR B 383 -0.92 -16.70 -28.96
C TYR B 383 -0.54 -17.13 -27.55
N ASP B 384 -1.37 -17.94 -26.88
CA ASP B 384 -1.03 -18.35 -25.52
C ASP B 384 0.14 -19.31 -25.51
N VAL B 385 0.06 -20.36 -26.33
CA VAL B 385 1.04 -21.43 -26.20
C VAL B 385 2.36 -21.01 -26.86
N CYS B 386 2.32 -20.03 -27.75
CA CYS B 386 3.56 -19.40 -28.19
C CYS B 386 4.17 -18.56 -27.09
N SER B 387 3.33 -17.98 -26.22
CA SER B 387 3.85 -17.11 -25.17
C SER B 387 4.53 -17.90 -24.08
N ILE B 388 3.97 -19.04 -23.69
CA ILE B 388 4.58 -19.83 -22.64
C ILE B 388 5.86 -20.48 -23.13
N LEU B 389 5.81 -21.06 -24.32
CA LEU B 389 6.94 -21.86 -24.80
C LEU B 389 8.11 -20.99 -25.24
N LEU B 390 7.85 -19.81 -25.76
CA LEU B 390 8.93 -18.84 -25.95
C LEU B 390 9.16 -18.03 -24.69
N GLY B 391 8.33 -18.21 -23.67
CA GLY B 391 8.59 -17.55 -22.40
C GLY B 391 9.35 -18.43 -21.44
N THR B 392 9.01 -19.72 -21.41
CA THR B 392 9.68 -20.60 -20.47
C THR B 392 11.07 -20.95 -20.95
N SER B 393 11.23 -21.14 -22.27
CA SER B 393 12.50 -21.56 -22.81
C SER B 393 13.55 -20.47 -22.68
N THR B 394 13.14 -19.20 -22.68
CA THR B 394 14.10 -18.13 -22.44
C THR B 394 14.56 -18.10 -20.99
N LEU B 395 13.70 -18.55 -20.07
CA LEU B 395 14.11 -18.58 -18.68
C LEU B 395 15.14 -19.68 -18.44
N LEU B 396 15.09 -20.74 -19.23
CA LEU B 396 16.04 -21.82 -19.02
C LEU B 396 17.37 -21.55 -19.71
N VAL B 397 17.38 -20.64 -20.69
CA VAL B 397 18.62 -20.32 -21.36
C VAL B 397 19.55 -19.54 -20.45
N TRP B 398 19.04 -18.48 -19.83
CA TRP B 398 19.86 -17.60 -19.01
C TRP B 398 20.37 -18.31 -17.77
N VAL B 399 19.61 -19.26 -17.23
CA VAL B 399 20.12 -20.00 -16.08
C VAL B 399 21.09 -21.08 -16.51
N GLY B 400 21.17 -21.38 -17.81
CA GLY B 400 22.16 -22.34 -18.26
C GLY B 400 23.57 -21.80 -18.25
N VAL B 401 23.70 -20.47 -18.23
CA VAL B 401 25.00 -19.84 -18.28
C VAL B 401 25.66 -19.89 -16.90
N ILE B 402 24.87 -20.19 -15.88
CA ILE B 402 25.33 -20.23 -14.50
C ILE B 402 26.37 -21.33 -14.31
N ARG B 403 26.17 -22.44 -15.01
CA ARG B 403 27.08 -23.57 -14.96
C ARG B 403 28.47 -23.14 -15.41
N TYR B 404 28.52 -22.31 -16.45
CA TYR B 404 29.81 -21.85 -16.96
C TYR B 404 30.29 -20.64 -16.19
N LEU B 405 29.55 -20.22 -15.18
CA LEU B 405 29.99 -19.14 -14.33
C LEU B 405 30.74 -19.65 -13.10
N THR B 406 30.49 -20.89 -12.69
CA THR B 406 31.12 -21.43 -11.48
C THR B 406 32.38 -22.23 -11.83
N PHE B 407 33.40 -21.51 -12.31
CA PHE B 407 34.75 -22.06 -12.33
C PHE B 407 35.79 -21.06 -11.87
N PHE B 408 35.47 -19.77 -11.90
CA PHE B 408 36.18 -18.78 -11.12
C PHE B 408 35.93 -19.08 -9.63
N HIS B 409 36.99 -19.11 -8.83
CA HIS B 409 36.90 -19.73 -7.51
C HIS B 409 36.05 -18.93 -6.53
N ASN B 410 35.97 -17.61 -6.71
CA ASN B 410 35.08 -16.83 -5.87
C ASN B 410 33.65 -16.81 -6.45
N TYR B 411 33.41 -17.58 -7.51
CA TYR B 411 32.05 -17.85 -7.97
C TYR B 411 31.68 -19.29 -7.70
N ASN B 412 32.68 -20.17 -7.54
CA ASN B 412 32.46 -21.58 -7.24
C ASN B 412 31.77 -21.75 -5.90
N ILE B 413 32.18 -20.96 -4.91
CA ILE B 413 31.87 -21.31 -3.51
C ILE B 413 30.63 -20.57 -3.00
N LEU B 414 29.88 -19.90 -3.88
CA LEU B 414 28.71 -19.17 -3.41
C LEU B 414 27.39 -19.81 -3.83
N ILE B 415 27.24 -20.14 -5.12
CA ILE B 415 26.04 -20.86 -5.55
C ILE B 415 26.07 -22.32 -5.11
N ALA B 416 27.25 -22.88 -4.85
CA ALA B 416 27.35 -24.24 -4.33
C ALA B 416 26.74 -24.37 -2.94
N THR B 417 26.61 -23.27 -2.20
CA THR B 417 25.90 -23.27 -0.93
C THR B 417 24.44 -23.66 -1.12
N LEU B 418 23.83 -23.18 -2.19
CA LEU B 418 22.45 -23.54 -2.49
C LEU B 418 22.33 -25.01 -2.85
N ARG B 419 23.41 -25.60 -3.38
CA ARG B 419 23.39 -27.02 -3.69
C ARG B 419 23.39 -27.86 -2.41
N VAL B 420 24.23 -27.52 -1.45
CA VAL B 420 24.36 -28.36 -0.26
C VAL B 420 23.32 -28.03 0.80
N ALA B 421 22.62 -26.90 0.66
CA ALA B 421 21.60 -26.56 1.65
C ALA B 421 20.26 -27.19 1.33
N LEU B 422 19.89 -27.20 0.05
CA LEU B 422 18.58 -27.64 -0.43
C LEU B 422 18.14 -29.03 0.03
N PRO B 423 19.03 -30.00 0.32
CA PRO B 423 18.58 -31.15 1.12
C PRO B 423 18.03 -30.80 2.48
N SER B 424 18.74 -29.99 3.26
CA SER B 424 18.26 -29.62 4.58
C SER B 424 17.14 -28.59 4.52
N VAL B 425 17.04 -27.85 3.42
CA VAL B 425 15.94 -26.90 3.24
C VAL B 425 14.64 -27.65 3.06
N MET B 426 14.63 -28.63 2.15
CA MET B 426 13.41 -29.34 1.77
C MET B 426 12.87 -30.16 2.93
N ARG B 427 13.74 -30.57 3.85
CA ARG B 427 13.30 -31.38 4.98
C ARG B 427 12.65 -30.52 6.06
N PHE B 428 13.13 -29.29 6.24
CA PHE B 428 12.45 -28.36 7.13
C PHE B 428 11.16 -27.86 6.51
N CYS B 429 11.15 -27.75 5.18
CA CYS B 429 10.06 -27.09 4.48
C CYS B 429 8.76 -27.87 4.58
N CYS B 430 8.85 -29.20 4.74
CA CYS B 430 7.64 -30.00 4.82
C CYS B 430 7.02 -29.92 6.21
N CYS B 431 7.79 -29.47 7.20
CA CYS B 431 7.22 -29.25 8.52
C CYS B 431 6.32 -28.03 8.53
N VAL B 432 6.72 -26.99 7.80
CA VAL B 432 5.98 -25.73 7.85
C VAL B 432 4.79 -25.79 6.91
N ALA B 433 4.95 -26.43 5.76
CA ALA B 433 3.93 -26.35 4.72
C ALA B 433 2.70 -27.18 5.06
N VAL B 434 2.81 -28.07 6.04
CA VAL B 434 1.62 -28.64 6.65
C VAL B 434 0.82 -27.55 7.34
N ILE B 435 1.52 -26.69 8.07
CA ILE B 435 0.84 -25.71 8.92
C ILE B 435 0.24 -24.60 8.07
N TYR B 436 0.91 -24.21 6.98
CA TYR B 436 0.34 -23.19 6.09
C TYR B 436 -0.96 -23.68 5.48
N LEU B 437 -0.93 -24.89 4.94
CA LEU B 437 -2.13 -25.48 4.38
C LEU B 437 -3.14 -25.77 5.48
N GLY B 438 -2.65 -26.15 6.66
CA GLY B 438 -3.55 -26.39 7.76
C GLY B 438 -4.11 -25.12 8.37
N TYR B 439 -3.62 -23.97 7.97
CA TYR B 439 -4.14 -22.72 8.51
C TYR B 439 -5.01 -21.99 7.51
N CYS B 440 -4.87 -22.29 6.23
CA CYS B 440 -5.75 -21.68 5.22
C CYS B 440 -7.18 -22.12 5.40
N PHE B 441 -7.40 -23.41 5.67
CA PHE B 441 -8.75 -23.97 5.64
C PHE B 441 -9.62 -23.45 6.76
N CYS B 442 -9.01 -22.92 7.81
CA CYS B 442 -9.79 -22.21 8.80
C CYS B 442 -10.37 -20.94 8.22
N GLY B 443 -9.53 -20.04 7.75
CA GLY B 443 -10.01 -18.74 7.30
C GLY B 443 -10.75 -18.78 5.97
N TRP B 444 -10.68 -19.90 5.26
CA TRP B 444 -11.22 -19.93 3.90
C TRP B 444 -12.73 -20.00 3.90
N ILE B 445 -13.34 -20.53 4.95
CA ILE B 445 -14.78 -20.45 5.07
C ILE B 445 -15.21 -19.61 6.26
N VAL B 446 -14.39 -19.53 7.30
CA VAL B 446 -14.77 -18.73 8.46
C VAL B 446 -14.70 -17.25 8.14
N LEU B 447 -13.59 -16.80 7.61
CA LEU B 447 -13.46 -15.42 7.15
C LEU B 447 -13.78 -15.30 5.67
N GLY B 448 -14.60 -16.21 5.14
CA GLY B 448 -14.91 -16.23 3.73
C GLY B 448 -15.74 -15.06 3.27
N PRO B 449 -17.01 -14.98 3.66
CA PRO B 449 -17.86 -13.92 3.12
C PRO B 449 -17.70 -12.61 3.86
N TYR B 450 -17.33 -12.69 5.14
CA TYR B 450 -17.23 -11.51 6.00
C TYR B 450 -16.13 -10.57 5.52
N HIS B 451 -15.06 -11.13 4.99
CA HIS B 451 -13.95 -10.39 4.42
C HIS B 451 -14.24 -10.19 2.93
N VAL B 452 -13.26 -9.67 2.21
CA VAL B 452 -13.35 -9.54 0.76
C VAL B 452 -12.24 -10.31 0.08
N LYS B 453 -11.01 -10.13 0.55
CA LYS B 453 -9.85 -10.76 -0.06
C LYS B 453 -9.58 -12.17 0.45
N PHE B 454 -10.46 -12.70 1.30
CA PHE B 454 -10.49 -14.11 1.65
C PHE B 454 -11.66 -14.83 1.00
N ARG B 455 -12.05 -14.41 -0.21
CA ARG B 455 -13.26 -14.97 -0.80
C ARG B 455 -12.98 -16.32 -1.45
N SER B 456 -12.15 -16.31 -2.47
CA SER B 456 -12.09 -17.45 -3.38
C SER B 456 -11.12 -18.50 -2.87
N LEU B 457 -10.80 -19.46 -3.73
CA LEU B 457 -9.98 -20.60 -3.34
C LEU B 457 -8.52 -20.17 -3.22
N SER B 458 -7.92 -19.74 -4.32
CA SER B 458 -6.49 -19.54 -4.39
C SER B 458 -6.06 -18.16 -3.92
N MET B 459 -7.00 -17.24 -3.72
CA MET B 459 -6.63 -15.92 -3.25
C MET B 459 -6.24 -15.94 -1.78
N VAL B 460 -6.83 -16.85 -1.01
CA VAL B 460 -6.44 -17.01 0.38
C VAL B 460 -5.02 -17.54 0.47
N SER B 461 -4.65 -18.43 -0.45
CA SER B 461 -3.29 -18.92 -0.52
C SER B 461 -2.32 -17.81 -0.92
N GLU B 462 -2.82 -16.83 -1.67
CA GLU B 462 -2.02 -15.63 -1.91
C GLU B 462 -2.00 -14.74 -0.68
N CYS B 463 -3.11 -14.69 0.07
CA CYS B 463 -3.29 -13.60 1.03
C CYS B 463 -2.43 -13.78 2.26
N LEU B 464 -2.33 -15.00 2.79
CA LEU B 464 -1.50 -15.22 3.96
C LEU B 464 -0.02 -15.12 3.60
N PHE B 465 0.35 -15.64 2.43
CA PHE B 465 1.74 -15.57 1.99
C PHE B 465 2.13 -14.16 1.60
N SER B 466 1.16 -13.32 1.23
CA SER B 466 1.46 -11.91 1.10
C SER B 466 1.58 -11.24 2.45
N LEU B 467 1.01 -11.86 3.47
CA LEU B 467 0.93 -11.21 4.76
C LEU B 467 2.12 -11.56 5.63
N ILE B 468 2.88 -12.60 5.25
CA ILE B 468 4.09 -12.92 5.99
C ILE B 468 5.30 -12.17 5.46
N ASN B 469 5.10 -11.17 4.63
CA ASN B 469 6.21 -10.32 4.23
C ASN B 469 5.95 -8.85 4.53
N GLY B 470 4.71 -8.41 4.52
CA GLY B 470 4.41 -7.05 4.91
C GLY B 470 3.73 -6.17 3.89
N ASP B 471 2.96 -6.72 2.96
CA ASP B 471 2.11 -5.90 2.11
C ASP B 471 0.68 -6.38 2.24
N ASP B 472 -0.24 -5.41 2.20
CA ASP B 472 -1.67 -5.59 2.50
C ASP B 472 -1.85 -6.27 3.85
N MET B 473 -1.19 -5.72 4.86
CA MET B 473 -1.32 -6.31 6.18
C MET B 473 -2.31 -5.53 7.03
N PHE B 474 -2.14 -4.21 7.10
CA PHE B 474 -3.01 -3.41 7.95
C PHE B 474 -4.42 -3.34 7.43
N VAL B 475 -4.59 -3.37 6.10
CA VAL B 475 -5.93 -3.26 5.53
C VAL B 475 -6.75 -4.49 5.86
N THR B 476 -6.09 -5.65 5.94
CA THR B 476 -6.76 -6.88 6.36
C THR B 476 -7.14 -6.83 7.83
N PHE B 477 -6.40 -6.08 8.64
CA PHE B 477 -6.88 -5.83 9.98
C PHE B 477 -8.07 -4.89 9.97
N ALA B 478 -8.01 -3.86 9.14
CA ALA B 478 -8.96 -2.77 9.26
C ALA B 478 -10.33 -3.13 8.68
N ALA B 479 -10.39 -4.07 7.74
CA ALA B 479 -11.64 -4.36 7.04
C ALA B 479 -12.64 -5.07 7.94
N MET B 480 -12.17 -5.69 9.02
CA MET B 480 -13.06 -6.36 9.95
C MET B 480 -13.84 -5.39 10.82
N GLN B 481 -13.32 -4.18 11.04
CA GLN B 481 -13.87 -3.33 12.09
C GLN B 481 -15.17 -2.65 11.68
N ALA B 482 -15.64 -2.82 10.45
CA ALA B 482 -17.02 -2.47 10.17
C ALA B 482 -17.98 -3.53 10.72
N GLN B 483 -17.46 -4.72 11.03
CA GLN B 483 -18.20 -5.77 11.73
C GLN B 483 -17.88 -5.81 13.22
N GLN B 484 -17.60 -4.65 13.81
CA GLN B 484 -17.19 -4.61 15.21
C GLN B 484 -18.32 -4.97 16.15
N GLY B 485 -19.55 -4.57 15.81
CA GLY B 485 -20.72 -4.95 16.59
C GLY B 485 -21.54 -6.00 15.88
N ARG B 486 -21.69 -5.84 14.56
CA ARG B 486 -22.35 -6.83 13.73
C ARG B 486 -21.48 -8.08 13.67
N SER B 487 -22.01 -9.20 14.18
CA SER B 487 -21.26 -10.44 14.39
C SER B 487 -19.99 -10.18 15.21
N SER B 488 -20.19 -9.62 16.40
CA SER B 488 -19.08 -9.16 17.24
C SER B 488 -18.25 -10.32 17.77
N LEU B 489 -18.81 -11.53 17.78
CA LEU B 489 -18.02 -12.70 18.16
C LEU B 489 -16.96 -13.01 17.11
N VAL B 490 -17.27 -12.78 15.84
CA VAL B 490 -16.39 -13.24 14.77
C VAL B 490 -15.14 -12.36 14.68
N TRP B 491 -15.31 -11.07 14.96
CA TRP B 491 -14.16 -10.16 15.01
C TRP B 491 -13.24 -10.51 16.17
N LEU B 492 -13.80 -11.03 17.26
CA LEU B 492 -12.98 -11.52 18.37
C LEU B 492 -12.16 -12.72 17.95
N PHE B 493 -12.62 -13.45 16.94
CA PHE B 493 -11.86 -14.58 16.43
C PHE B 493 -10.82 -14.15 15.42
N SER B 494 -11.16 -13.20 14.55
CA SER B 494 -10.22 -12.78 13.51
C SER B 494 -9.06 -12.00 14.10
N GLN B 495 -9.28 -11.34 15.23
CA GLN B 495 -8.20 -10.60 15.85
C GLN B 495 -7.21 -11.54 16.49
N LEU B 496 -7.68 -12.69 16.95
CA LEU B 496 -6.79 -13.72 17.46
C LEU B 496 -6.21 -14.54 16.32
N TYR B 497 -6.87 -14.49 15.16
CA TYR B 497 -6.43 -15.30 14.02
C TYR B 497 -5.15 -14.74 13.42
N LEU B 498 -5.09 -13.42 13.29
CA LEU B 498 -3.93 -12.81 12.62
C LEU B 498 -2.83 -12.48 13.62
N TYR B 499 -3.17 -12.34 14.90
CA TYR B 499 -2.14 -12.14 15.90
C TYR B 499 -1.36 -13.41 16.16
N SER B 500 -2.04 -14.56 16.13
CA SER B 500 -1.36 -15.81 16.40
C SER B 500 -0.50 -16.22 15.23
N PHE B 501 -0.86 -15.77 14.04
CA PHE B 501 -0.29 -16.32 12.83
C PHE B 501 1.12 -15.80 12.56
N ILE B 502 1.28 -14.49 12.40
CA ILE B 502 2.57 -13.95 12.01
C ILE B 502 3.54 -13.98 13.18
N SER B 503 3.01 -14.12 14.39
CA SER B 503 3.87 -14.40 15.53
C SER B 503 4.46 -15.80 15.44
N LEU B 504 3.86 -16.67 14.64
CA LEU B 504 4.41 -18.00 14.44
C LEU B 504 5.36 -18.06 13.26
N PHE B 505 4.94 -17.58 12.10
CA PHE B 505 5.80 -17.74 10.92
C PHE B 505 6.92 -16.71 10.89
N ILE B 506 6.60 -15.43 11.08
CA ILE B 506 7.61 -14.40 10.94
C ILE B 506 8.58 -14.40 12.12
N TYR B 507 8.05 -14.48 13.33
CA TYR B 507 8.92 -14.29 14.48
C TYR B 507 9.52 -15.59 14.99
N MET B 508 9.06 -16.74 14.51
CA MET B 508 9.62 -17.98 15.02
C MET B 508 10.13 -18.88 13.91
N VAL B 509 9.39 -19.01 12.81
CA VAL B 509 9.76 -19.98 11.81
C VAL B 509 10.85 -19.44 10.90
N LEU B 510 10.66 -18.22 10.38
CA LEU B 510 11.54 -17.70 9.34
C LEU B 510 12.91 -17.36 9.90
N SER B 511 13.00 -17.20 11.22
CA SER B 511 14.31 -17.03 11.85
C SER B 511 15.13 -18.29 11.76
N LEU B 512 14.50 -19.46 11.82
CA LEU B 512 15.20 -20.69 11.52
C LEU B 512 15.53 -20.76 10.05
N PHE B 513 14.73 -20.12 9.21
CA PHE B 513 14.92 -20.24 7.78
C PHE B 513 16.08 -19.38 7.30
N ILE B 514 16.46 -18.39 8.11
CA ILE B 514 17.72 -17.70 7.88
C ILE B 514 18.88 -18.53 8.40
N ALA B 515 18.73 -19.08 9.60
CA ALA B 515 19.84 -19.76 10.27
C ALA B 515 20.15 -21.10 9.63
N LEU B 516 19.27 -21.60 8.77
CA LEU B 516 19.58 -22.83 8.07
C LEU B 516 20.42 -22.54 6.83
N ILE B 517 20.29 -21.34 6.28
CA ILE B 517 21.08 -20.96 5.11
C ILE B 517 22.39 -20.31 5.53
N THR B 518 22.38 -19.58 6.64
CA THR B 518 23.60 -18.99 7.19
C THR B 518 24.61 -20.06 7.56
N GLY B 519 24.13 -21.21 8.05
CA GLY B 519 25.01 -22.32 8.34
C GLY B 519 25.66 -22.89 7.10
N ALA B 520 24.93 -22.97 6.00
CA ALA B 520 25.45 -23.60 4.78
C ALA B 520 26.53 -22.75 4.14
N TYR B 521 26.46 -21.43 4.31
CA TYR B 521 27.57 -20.57 3.93
C TYR B 521 28.71 -20.68 4.93
N ASP B 522 28.38 -21.00 6.19
CA ASP B 522 29.40 -20.99 7.23
C ASP B 522 30.25 -22.24 7.17
N THR B 523 29.63 -23.39 6.85
CA THR B 523 30.38 -24.63 6.81
C THR B 523 31.25 -24.73 5.58
N ILE B 524 30.80 -24.15 4.47
CA ILE B 524 31.46 -24.38 3.19
C ILE B 524 32.66 -23.47 2.98
N LYS B 525 32.81 -22.42 3.81
CA LYS B 525 33.96 -21.55 3.64
C LYS B 525 35.14 -21.96 4.50
N HIS B 526 35.01 -23.02 5.29
CA HIS B 526 36.14 -23.59 6.03
C HIS B 526 36.33 -25.06 5.67
N GLU C 38 14.31 -49.05 38.43
CA GLU C 38 14.77 -49.12 37.06
C GLU C 38 15.31 -50.51 36.74
N GLU C 39 15.04 -51.49 37.61
CA GLU C 39 15.39 -52.86 37.29
C GLU C 39 14.38 -53.46 36.33
N ASP C 40 13.13 -53.56 36.76
CA ASP C 40 12.04 -53.97 35.88
C ASP C 40 11.25 -52.79 35.36
N LEU C 41 11.46 -51.60 35.93
CA LEU C 41 10.79 -50.41 35.42
C LEU C 41 11.35 -50.00 34.08
N ARG C 42 12.62 -50.30 33.82
CA ARG C 42 13.31 -49.80 32.62
C ARG C 42 12.67 -50.36 31.37
N ARG C 43 12.47 -51.68 31.31
CA ARG C 43 11.80 -52.26 30.16
C ARG C 43 10.33 -51.85 30.14
N ARG C 44 9.73 -51.57 31.28
CA ARG C 44 8.37 -51.03 31.31
C ARG C 44 8.34 -49.59 30.84
N LEU C 45 9.36 -48.80 31.17
CA LEU C 45 9.46 -47.46 30.63
C LEU C 45 10.07 -47.43 29.23
N LYS C 46 10.62 -48.55 28.79
CA LYS C 46 11.19 -48.61 27.45
C LYS C 46 10.11 -48.46 26.40
N TYR C 47 8.94 -49.05 26.67
CA TYR C 47 7.83 -48.89 25.75
C TYR C 47 7.25 -47.50 25.80
N PHE C 48 7.57 -46.72 26.82
CA PHE C 48 6.97 -45.42 27.02
C PHE C 48 7.64 -44.33 26.21
N PHE C 49 8.78 -44.61 25.58
CA PHE C 49 9.42 -43.66 24.68
C PHE C 49 9.97 -44.36 23.45
N MET C 50 9.18 -45.25 22.87
CA MET C 50 9.56 -45.87 21.60
C MET C 50 9.32 -44.88 20.47
N SER C 51 9.66 -45.29 19.26
CA SER C 51 9.09 -44.62 18.10
C SER C 51 7.78 -45.32 17.81
N PRO C 52 6.94 -44.78 16.94
CA PRO C 52 5.82 -45.58 16.44
C PRO C 52 6.26 -46.78 15.63
N CYS C 53 7.40 -46.68 14.94
CA CYS C 53 7.77 -47.71 13.99
C CYS C 53 8.36 -48.95 14.67
N ASP C 54 9.27 -48.77 15.62
CA ASP C 54 9.93 -49.93 16.22
C ASP C 54 9.00 -50.66 17.18
N LYS C 55 8.03 -49.93 17.74
CA LYS C 55 7.07 -50.54 18.66
C LYS C 55 6.15 -51.50 17.93
N PHE C 56 5.85 -51.22 16.66
CA PHE C 56 5.05 -52.13 15.85
C PHE C 56 5.77 -53.45 15.60
N ARG C 57 7.10 -53.43 15.60
CA ARG C 57 7.81 -54.68 15.40
C ARG C 57 8.25 -55.29 16.72
N ALA C 58 8.35 -54.49 17.78
CA ALA C 58 8.74 -55.05 19.06
C ALA C 58 7.60 -55.76 19.77
N LYS C 59 6.35 -55.44 19.41
CA LYS C 59 5.21 -56.11 20.02
C LYS C 59 4.27 -56.72 19.00
N GLY C 60 3.99 -56.04 17.90
CA GLY C 60 3.12 -56.60 16.89
C GLY C 60 1.65 -56.32 17.11
N ARG C 61 1.28 -55.04 17.23
CA ARG C 61 -0.12 -54.63 17.28
C ARG C 61 -0.33 -53.50 16.28
N LYS C 62 -1.47 -53.55 15.59
CA LYS C 62 -1.63 -52.87 14.32
C LYS C 62 -1.77 -51.36 14.49
N PRO C 63 -1.32 -50.57 13.50
CA PRO C 63 -1.31 -49.10 13.65
C PRO C 63 -2.64 -48.42 13.39
N CYS C 64 -3.77 -49.15 13.46
CA CYS C 64 -5.08 -48.52 13.41
C CYS C 64 -5.27 -47.54 14.57
N LYS C 65 -4.60 -47.79 15.69
CA LYS C 65 -4.54 -46.83 16.78
C LYS C 65 -3.88 -45.53 16.33
N LEU C 66 -2.98 -45.61 15.35
CA LEU C 66 -2.41 -44.41 14.76
C LEU C 66 -3.26 -43.88 13.63
N MET C 67 -3.64 -44.73 12.68
CA MET C 67 -4.07 -44.24 11.37
C MET C 67 -5.47 -43.66 11.39
N LEU C 68 -6.17 -43.75 12.52
CA LEU C 68 -7.45 -43.07 12.63
C LEU C 68 -7.25 -41.56 12.65
N GLN C 69 -6.10 -41.12 13.15
CA GLN C 69 -5.72 -39.71 13.03
C GLN C 69 -5.54 -39.32 11.56
N VAL C 70 -5.06 -40.25 10.75
CA VAL C 70 -4.79 -39.91 9.35
C VAL C 70 -6.10 -39.76 8.58
N VAL C 71 -7.07 -40.64 8.83
CA VAL C 71 -8.28 -40.59 8.03
C VAL C 71 -9.19 -39.45 8.48
N LYS C 72 -9.12 -39.05 9.75
CA LYS C 72 -9.98 -37.97 10.21
C LYS C 72 -9.50 -36.61 9.72
N ILE C 73 -8.26 -36.54 9.23
CA ILE C 73 -7.88 -35.39 8.40
C ILE C 73 -8.77 -35.34 7.17
N LEU C 74 -8.90 -36.46 6.47
CA LEU C 74 -9.68 -36.47 5.25
C LEU C 74 -11.18 -36.48 5.55
N VAL C 75 -11.55 -36.74 6.79
CA VAL C 75 -12.95 -36.58 7.17
C VAL C 75 -13.30 -35.12 7.38
N VAL C 76 -12.65 -34.49 8.36
CA VAL C 76 -13.13 -33.22 8.89
C VAL C 76 -12.88 -32.10 7.90
N THR C 77 -11.85 -32.23 7.05
CA THR C 77 -11.58 -31.22 6.04
C THR C 77 -12.69 -31.18 5.01
N VAL C 78 -13.20 -32.35 4.63
CA VAL C 78 -14.36 -32.40 3.75
C VAL C 78 -15.59 -31.89 4.46
N GLN C 79 -15.67 -32.13 5.76
CA GLN C 79 -16.80 -31.66 6.55
C GLN C 79 -16.83 -30.14 6.63
N LEU C 80 -15.65 -29.52 6.69
CA LEU C 80 -15.57 -28.06 6.68
C LEU C 80 -16.05 -27.49 5.35
N ILE C 81 -15.55 -28.04 4.24
CA ILE C 81 -15.85 -27.46 2.94
C ILE C 81 -17.30 -27.72 2.56
N LEU C 82 -17.82 -28.88 2.95
CA LEU C 82 -19.23 -29.17 2.68
C LEU C 82 -20.14 -28.36 3.60
N PHE C 83 -19.61 -27.89 4.72
CA PHE C 83 -20.30 -26.83 5.43
C PHE C 83 -20.10 -25.50 4.73
N GLY C 84 -18.96 -25.33 4.04
CA GLY C 84 -18.61 -24.04 3.50
C GLY C 84 -19.46 -23.60 2.33
N LEU C 85 -20.01 -24.56 1.58
CA LEU C 85 -20.91 -24.19 0.50
C LEU C 85 -22.24 -23.68 1.05
N SER C 86 -22.65 -24.21 2.20
CA SER C 86 -23.93 -23.79 2.76
C SER C 86 -23.81 -22.44 3.44
N ASN C 87 -22.67 -22.17 4.07
CA ASN C 87 -22.53 -20.92 4.80
C ASN C 87 -22.37 -19.75 3.85
N GLN C 88 -21.53 -19.91 2.83
CA GLN C 88 -21.16 -18.81 1.94
C GLN C 88 -22.34 -18.31 1.14
N LEU C 89 -23.34 -19.17 0.93
CA LEU C 89 -24.59 -18.70 0.33
C LEU C 89 -25.45 -17.95 1.33
N ALA C 90 -25.49 -18.41 2.58
CA ALA C 90 -26.46 -17.88 3.52
C ALA C 90 -26.06 -16.53 4.10
N VAL C 91 -24.88 -16.02 3.75
CA VAL C 91 -24.48 -14.71 4.22
C VAL C 91 -24.63 -13.70 3.09
N THR C 92 -24.41 -14.14 1.84
CA THR C 92 -24.62 -13.26 0.70
C THR C 92 -26.09 -12.88 0.57
N PHE C 93 -26.99 -13.75 0.97
CA PHE C 93 -28.39 -13.36 1.03
C PHE C 93 -28.62 -12.31 2.10
N ARG C 94 -27.92 -12.41 3.22
CA ARG C 94 -27.98 -11.34 4.20
C ARG C 94 -27.22 -10.12 3.69
N GLU C 95 -26.22 -10.33 2.85
CA GLU C 95 -25.43 -9.19 2.40
C GLU C 95 -26.12 -8.42 1.29
N GLU C 96 -26.60 -9.09 0.25
CA GLU C 96 -27.08 -8.39 -0.94
C GLU C 96 -28.37 -7.64 -0.67
N ASN C 97 -29.20 -8.14 0.23
CA ASN C 97 -30.42 -7.42 0.55
C ASN C 97 -30.14 -6.16 1.35
N THR C 98 -29.02 -6.11 2.07
CA THR C 98 -28.63 -4.85 2.68
C THR C 98 -28.14 -3.87 1.64
N ILE C 99 -27.35 -4.34 0.67
CA ILE C 99 -26.83 -3.47 -0.37
C ILE C 99 -27.96 -2.95 -1.23
N ALA C 100 -28.99 -3.76 -1.41
CA ALA C 100 -30.14 -3.31 -2.17
C ALA C 100 -30.91 -2.23 -1.45
N PHE C 101 -31.02 -2.31 -0.14
CA PHE C 101 -31.93 -1.41 0.55
C PHE C 101 -31.35 -0.02 0.73
N ARG C 102 -30.05 0.15 0.50
CA ARG C 102 -29.55 1.50 0.31
C ARG C 102 -30.14 2.11 -0.95
N HIS C 103 -30.11 1.36 -2.05
CA HIS C 103 -30.51 1.89 -3.34
C HIS C 103 -32.01 1.97 -3.53
N LEU C 104 -32.78 1.72 -2.50
CA LEU C 104 -34.20 1.98 -2.54
C LEU C 104 -34.63 3.06 -1.58
N PHE C 105 -34.05 3.10 -0.39
CA PHE C 105 -34.60 3.89 0.69
C PHE C 105 -33.77 5.11 1.00
N LEU C 106 -32.69 5.36 0.26
CA LEU C 106 -31.88 6.53 0.50
C LEU C 106 -31.82 7.35 -0.76
N LEU C 107 -32.13 8.63 -0.65
CA LEU C 107 -32.10 9.52 -1.80
C LEU C 107 -30.65 9.79 -2.19
N GLY C 108 -30.32 9.50 -3.45
CA GLY C 108 -29.04 9.90 -3.98
C GLY C 108 -27.86 9.14 -3.44
N TYR C 109 -28.08 7.93 -2.95
CA TYR C 109 -26.98 7.10 -2.48
C TYR C 109 -26.17 6.63 -3.66
N SER C 110 -24.86 6.69 -3.55
CA SER C 110 -23.97 5.97 -4.44
C SER C 110 -23.16 4.99 -3.61
N ASP C 111 -22.49 4.07 -4.30
CA ASP C 111 -21.77 3.02 -3.61
C ASP C 111 -20.50 3.55 -2.99
N GLY C 112 -19.87 2.71 -2.18
CA GLY C 112 -18.63 3.09 -1.55
C GLY C 112 -18.82 3.69 -0.18
N ALA C 113 -18.83 5.02 -0.11
CA ALA C 113 -18.84 5.70 1.17
C ALA C 113 -20.23 5.62 1.79
N ASP C 114 -20.30 5.06 2.98
CA ASP C 114 -21.53 4.99 3.75
C ASP C 114 -21.53 5.95 4.91
N ASP C 115 -20.44 6.67 5.12
CA ASP C 115 -20.34 7.63 6.21
C ASP C 115 -20.42 9.07 5.73
N THR C 116 -19.94 9.36 4.52
CA THR C 116 -19.97 10.73 4.03
C THR C 116 -21.37 11.14 3.61
N PHE C 117 -22.28 10.18 3.46
CA PHE C 117 -23.64 10.50 3.08
C PHE C 117 -24.35 11.15 4.24
N ALA C 118 -24.49 12.46 4.19
CA ALA C 118 -25.06 13.22 5.28
C ALA C 118 -25.86 14.38 4.75
N ALA C 119 -27.00 14.65 5.36
CA ALA C 119 -27.86 15.74 4.94
C ALA C 119 -27.51 16.99 5.72
N TYR C 120 -27.32 18.09 5.02
CA TYR C 120 -26.90 19.33 5.64
C TYR C 120 -28.01 20.36 5.71
N THR C 121 -28.75 20.54 4.63
CA THR C 121 -29.79 21.55 4.57
C THR C 121 -30.99 21.10 5.40
N ARG C 122 -31.96 21.98 5.54
CA ARG C 122 -33.17 21.60 6.25
C ARG C 122 -34.04 20.69 5.40
N GLU C 123 -34.20 21.00 4.12
CA GLU C 123 -35.17 20.24 3.33
C GLU C 123 -34.62 18.89 2.92
N GLN C 124 -33.30 18.72 2.85
CA GLN C 124 -32.79 17.40 2.51
C GLN C 124 -33.00 16.41 3.64
N LEU C 125 -33.20 16.89 4.86
CA LEU C 125 -33.68 15.98 5.88
C LEU C 125 -35.11 15.56 5.58
N TYR C 126 -35.92 16.49 5.07
CA TYR C 126 -37.30 16.15 4.73
C TYR C 126 -37.37 15.21 3.56
N GLN C 127 -36.63 15.52 2.50
CA GLN C 127 -36.78 14.78 1.25
C GLN C 127 -36.28 13.37 1.38
N ALA C 128 -35.27 13.16 2.22
CA ALA C 128 -34.77 11.80 2.43
C ALA C 128 -35.76 10.99 3.24
N ILE C 129 -36.46 11.63 4.16
CA ILE C 129 -37.52 10.95 4.89
C ILE C 129 -38.66 10.58 3.97
N PHE C 130 -39.14 11.56 3.20
CA PHE C 130 -40.30 11.33 2.35
C PHE C 130 -39.98 10.35 1.23
N HIS C 131 -38.76 10.38 0.71
CA HIS C 131 -38.37 9.39 -0.27
C HIS C 131 -38.12 8.05 0.37
N ALA C 132 -37.97 7.99 1.69
CA ALA C 132 -37.94 6.69 2.34
C ALA C 132 -39.33 6.19 2.66
N VAL C 133 -40.28 7.10 2.91
CA VAL C 133 -41.63 6.69 3.27
C VAL C 133 -42.34 6.05 2.09
N ASP C 134 -42.39 6.75 0.96
CA ASP C 134 -43.25 6.34 -0.13
C ASP C 134 -42.77 5.07 -0.81
N GLN C 135 -41.46 4.81 -0.75
CA GLN C 135 -40.96 3.54 -1.26
C GLN C 135 -41.48 2.38 -0.42
N TYR C 136 -41.62 2.59 0.88
CA TYR C 136 -42.27 1.58 1.73
C TYR C 136 -43.73 1.44 1.37
N LEU C 137 -44.36 2.54 0.96
CA LEU C 137 -45.75 2.49 0.56
C LEU C 137 -45.88 1.80 -0.80
N ALA C 138 -45.10 2.24 -1.77
CA ALA C 138 -45.26 1.81 -3.15
C ALA C 138 -44.29 0.70 -3.52
N LEU C 139 -44.02 -0.20 -2.56
CA LEU C 139 -42.96 -1.18 -2.77
C LEU C 139 -43.22 -2.20 -3.87
N PRO C 140 -44.31 -3.00 -3.85
CA PRO C 140 -44.36 -4.14 -4.78
C PRO C 140 -44.65 -3.76 -6.21
N ASP C 141 -44.99 -2.50 -6.48
CA ASP C 141 -45.14 -2.10 -7.86
C ASP C 141 -43.81 -1.68 -8.47
N VAL C 142 -42.83 -1.37 -7.63
CA VAL C 142 -41.57 -0.80 -8.10
C VAL C 142 -40.38 -1.70 -7.84
N SER C 143 -40.53 -2.75 -7.05
CA SER C 143 -39.39 -3.53 -6.65
C SER C 143 -39.38 -4.89 -7.33
N LEU C 144 -38.20 -5.49 -7.37
CA LEU C 144 -38.04 -6.88 -7.77
C LEU C 144 -37.45 -7.61 -6.59
N GLY C 145 -38.07 -8.73 -6.20
CA GLY C 145 -37.66 -9.41 -4.99
C GLY C 145 -38.80 -10.04 -4.22
N ARG C 146 -40.03 -9.58 -4.48
CA ARG C 146 -41.27 -10.22 -4.04
C ARG C 146 -41.35 -10.28 -2.52
N TYR C 147 -41.49 -9.12 -1.93
CA TYR C 147 -41.47 -9.02 -0.48
C TYR C 147 -42.91 -9.03 0.03
N ALA C 148 -43.09 -8.84 1.33
CA ALA C 148 -44.41 -8.76 1.92
C ALA C 148 -44.32 -7.99 3.22
N TYR C 149 -45.41 -7.35 3.59
CA TYR C 149 -45.44 -6.51 4.77
C TYR C 149 -45.65 -7.37 6.01
N VAL C 150 -45.42 -6.77 7.18
CA VAL C 150 -45.29 -7.58 8.38
C VAL C 150 -46.53 -7.53 9.29
N ARG C 151 -47.27 -6.42 9.29
CA ARG C 151 -48.46 -6.19 10.15
C ARG C 151 -48.13 -6.42 11.63
N GLY C 152 -47.24 -5.59 12.14
CA GLY C 152 -46.61 -5.89 13.41
C GLY C 152 -47.47 -5.66 14.63
N GLY C 153 -46.90 -6.01 15.78
CA GLY C 153 -47.50 -5.72 17.07
C GLY C 153 -46.51 -5.45 18.20
N GLY C 154 -45.27 -5.10 17.86
CA GLY C 154 -44.23 -4.98 18.86
C GLY C 154 -44.33 -3.69 19.66
N ASP C 155 -43.26 -3.42 20.42
CA ASP C 155 -43.30 -2.35 21.42
C ASP C 155 -43.12 -0.96 20.79
N PRO C 156 -42.23 -0.73 19.78
CA PRO C 156 -42.41 0.47 18.95
C PRO C 156 -43.32 0.20 17.77
N TRP C 157 -44.49 -0.38 18.06
CA TRP C 157 -45.55 -0.62 17.09
C TRP C 157 -46.87 -0.62 17.83
N THR C 158 -47.95 -0.64 17.06
CA THR C 158 -49.25 -1.08 17.51
C THR C 158 -49.72 -2.17 16.57
N ASN C 159 -50.99 -2.54 16.67
CA ASN C 159 -51.54 -3.48 15.71
C ASN C 159 -52.24 -2.70 14.59
N GLY C 160 -51.88 -3.01 13.36
CA GLY C 160 -52.40 -2.31 12.21
C GLY C 160 -51.34 -1.63 11.37
N SER C 161 -50.35 -1.02 12.01
CA SER C 161 -49.27 -0.32 11.32
C SER C 161 -47.98 -1.11 11.40
N GLY C 162 -47.11 -0.92 10.41
CA GLY C 162 -45.83 -1.60 10.39
C GLY C 162 -44.65 -0.67 10.30
N LEU C 163 -44.87 0.51 9.74
CA LEU C 163 -43.85 1.56 9.67
C LEU C 163 -44.05 2.51 10.83
N ALA C 164 -42.97 3.02 11.39
CA ALA C 164 -43.07 4.03 12.42
C ALA C 164 -41.87 4.95 12.36
N LEU C 165 -42.12 6.23 12.12
CA LEU C 165 -41.07 7.23 12.25
C LEU C 165 -41.26 7.90 13.59
N CYS C 166 -40.17 8.30 14.21
CA CYS C 166 -40.20 8.62 15.62
C CYS C 166 -39.27 9.78 15.91
N GLN C 167 -39.84 10.94 16.22
CA GLN C 167 -39.02 12.05 16.63
C GLN C 167 -38.55 11.85 18.07
N ARG C 168 -37.43 12.49 18.40
CA ARG C 168 -36.81 12.39 19.72
C ARG C 168 -36.22 13.75 20.04
N TYR C 169 -36.70 14.39 21.09
CA TYR C 169 -36.12 15.67 21.46
C TYR C 169 -36.27 15.90 22.95
N TYR C 170 -35.60 16.95 23.41
CA TYR C 170 -35.62 17.28 24.82
C TYR C 170 -36.95 17.88 25.21
N HIS C 171 -37.52 17.40 26.32
CA HIS C 171 -38.86 17.83 26.70
C HIS C 171 -38.89 19.29 27.14
N ARG C 172 -38.05 19.67 28.09
CA ARG C 172 -38.20 20.97 28.71
C ARG C 172 -36.90 21.74 28.52
N GLY C 173 -36.93 22.71 27.63
CA GLY C 173 -35.72 23.41 27.26
C GLY C 173 -36.00 24.58 26.36
N HIS C 174 -35.05 25.53 26.37
CA HIS C 174 -35.11 26.72 25.54
C HIS C 174 -33.69 27.26 25.42
N VAL C 175 -33.09 27.17 24.23
CA VAL C 175 -31.70 27.54 24.07
C VAL C 175 -31.60 28.76 23.16
N ASP C 176 -30.53 29.52 23.37
CA ASP C 176 -30.19 30.68 22.55
C ASP C 176 -28.73 31.08 22.70
N PRO C 177 -27.98 31.17 21.61
CA PRO C 177 -26.63 31.74 21.69
C PRO C 177 -26.67 33.26 21.66
N ALA C 178 -25.57 33.84 22.17
CA ALA C 178 -25.23 35.27 22.21
C ALA C 178 -26.12 36.10 23.12
N ASN C 179 -27.22 35.53 23.60
CA ASN C 179 -27.93 36.03 24.76
C ASN C 179 -28.19 34.72 25.52
N ASP C 180 -27.21 34.30 26.30
CA ASP C 180 -26.94 32.89 26.55
C ASP C 180 -27.80 32.32 27.67
N THR C 181 -28.59 31.31 27.33
CA THR C 181 -29.48 30.61 28.25
C THR C 181 -29.83 29.28 27.59
N PHE C 182 -29.78 28.19 28.36
CA PHE C 182 -29.93 26.86 27.78
C PHE C 182 -30.38 25.86 28.83
N ASP C 183 -31.52 25.21 28.61
CA ASP C 183 -32.00 24.13 29.46
C ASP C 183 -31.91 22.84 28.66
N ILE C 184 -31.15 21.88 29.19
CA ILE C 184 -30.76 20.67 28.46
C ILE C 184 -31.29 19.48 29.25
N ASP C 185 -32.48 19.64 29.83
CA ASP C 185 -33.17 18.59 30.57
C ASP C 185 -33.36 17.32 29.75
N PRO C 186 -32.65 16.24 30.08
CA PRO C 186 -32.67 15.05 29.21
C PRO C 186 -33.95 14.26 29.40
N MET C 187 -34.84 14.36 28.43
CA MET C 187 -36.14 13.68 28.51
C MET C 187 -36.69 13.55 27.12
N VAL C 188 -36.88 12.31 26.67
CA VAL C 188 -37.28 12.05 25.31
C VAL C 188 -38.73 12.45 25.11
N VAL C 189 -39.11 12.68 23.85
CA VAL C 189 -40.49 12.93 23.49
C VAL C 189 -40.80 11.96 22.36
N THR C 190 -41.33 10.80 22.72
CA THR C 190 -41.47 9.68 21.79
C THR C 190 -42.73 9.89 20.96
N ASP C 191 -42.58 10.59 19.84
CA ASP C 191 -43.72 10.91 19.00
C ASP C 191 -43.80 9.95 17.81
N CYS C 192 -43.99 8.67 18.11
CA CYS C 192 -43.95 7.65 17.07
C CYS C 192 -45.25 7.68 16.27
N ILE C 193 -45.24 8.51 15.24
CA ILE C 193 -46.39 8.68 14.36
C ILE C 193 -46.44 7.49 13.41
N GLN C 194 -47.33 6.55 13.68
CA GLN C 194 -47.31 5.33 12.90
C GLN C 194 -48.02 5.52 11.58
N VAL C 195 -47.93 4.49 10.74
CA VAL C 195 -48.56 4.45 9.43
C VAL C 195 -48.65 2.99 8.97
N ASP C 196 -49.83 2.61 8.50
CA ASP C 196 -50.15 1.29 7.98
C ASP C 196 -49.79 1.22 6.51
N PRO C 197 -49.65 0.03 5.93
CA PRO C 197 -49.50 -0.08 4.49
C PRO C 197 -50.83 -0.32 3.81
N PRO C 198 -50.98 0.14 2.58
CA PRO C 198 -52.10 -0.32 1.75
C PRO C 198 -51.71 -1.62 1.05
N GLU C 199 -52.61 -2.60 1.12
CA GLU C 199 -52.22 -3.96 0.77
C GLU C 199 -52.52 -4.34 -0.67
N ARG C 200 -53.80 -4.32 -1.04
CA ARG C 200 -54.03 -5.16 -2.21
C ARG C 200 -54.86 -4.44 -3.26
N PRO C 201 -54.47 -4.55 -4.53
CA PRO C 201 -55.37 -4.28 -5.66
C PRO C 201 -56.60 -5.17 -5.64
N SER C 216 -51.14 10.10 3.92
CA SER C 216 -51.66 10.27 5.26
C SER C 216 -51.03 11.45 5.97
N SER C 217 -51.28 11.55 7.27
CA SER C 217 -50.88 12.72 8.04
C SER C 217 -49.41 12.74 8.41
N TYR C 218 -48.60 11.82 7.88
CA TYR C 218 -47.16 11.98 7.96
C TYR C 218 -46.67 13.16 7.15
N LYS C 219 -47.46 13.60 6.17
CA LYS C 219 -47.21 14.89 5.54
C LYS C 219 -47.32 16.02 6.55
N ASN C 220 -48.31 15.93 7.44
CA ASN C 220 -48.42 16.90 8.53
C ASN C 220 -47.31 16.57 9.52
N LEU C 221 -46.14 17.16 9.32
CA LEU C 221 -45.00 16.83 10.15
C LEU C 221 -44.12 18.04 10.35
N THR C 222 -43.77 18.32 11.60
CA THR C 222 -42.73 19.27 11.95
C THR C 222 -41.72 18.56 12.83
N LEU C 223 -40.51 19.10 12.88
CA LEU C 223 -39.41 18.39 13.51
C LEU C 223 -38.78 19.12 14.67
N LYS C 224 -38.93 20.44 14.76
CA LYS C 224 -38.35 21.30 15.82
C LYS C 224 -36.83 21.16 15.89
N PHE C 225 -36.20 21.66 14.83
CA PHE C 225 -34.79 21.41 14.54
C PHE C 225 -33.85 21.96 15.60
N HIS C 226 -34.29 22.93 16.39
CA HIS C 226 -33.44 23.47 17.44
C HIS C 226 -33.34 22.56 18.64
N LYS C 227 -34.12 21.50 18.68
CA LYS C 227 -34.29 20.71 19.88
C LYS C 227 -34.12 19.21 19.64
N LEU C 228 -34.13 18.79 18.37
CA LEU C 228 -34.11 17.40 17.97
C LEU C 228 -32.88 16.64 18.47
N VAL C 229 -33.04 15.34 18.75
CA VAL C 229 -31.91 14.48 19.01
C VAL C 229 -31.67 13.55 17.83
N ASN C 230 -32.63 12.69 17.49
CA ASN C 230 -32.48 11.82 16.34
C ASN C 230 -33.85 11.38 15.86
N VAL C 231 -33.91 10.97 14.60
CA VAL C 231 -35.14 10.46 13.99
C VAL C 231 -34.87 9.06 13.46
N THR C 232 -35.63 8.09 13.93
CA THR C 232 -35.47 6.71 13.55
C THR C 232 -36.72 6.23 12.82
N ILE C 233 -36.56 5.15 12.05
CA ILE C 233 -37.65 4.58 11.28
C ILE C 233 -37.53 3.06 11.34
N HIS C 234 -38.54 2.40 11.88
CA HIS C 234 -38.55 0.95 12.01
C HIS C 234 -39.58 0.37 11.06
N PHE C 235 -39.25 -0.79 10.48
CA PHE C 235 -40.22 -1.63 9.81
C PHE C 235 -39.61 -3.01 9.63
N ARG C 236 -40.40 -3.91 9.07
CA ARG C 236 -39.93 -5.25 8.74
C ARG C 236 -40.37 -5.64 7.34
N LEU C 237 -39.74 -6.69 6.83
CA LEU C 237 -40.11 -7.32 5.58
C LEU C 237 -39.84 -8.80 5.71
N LYS C 238 -40.70 -9.62 5.11
CA LYS C 238 -40.45 -11.04 5.03
C LYS C 238 -39.96 -11.39 3.65
N THR C 239 -39.33 -12.56 3.56
CA THR C 239 -38.79 -13.02 2.30
C THR C 239 -38.72 -14.54 2.29
N ILE C 240 -38.53 -15.06 1.09
CA ILE C 240 -38.26 -16.47 0.87
C ILE C 240 -36.89 -16.55 0.23
N ASN C 241 -35.93 -17.07 0.98
CA ASN C 241 -34.63 -17.32 0.37
C ASN C 241 -34.78 -18.42 -0.66
N LEU C 242 -34.10 -18.24 -1.78
CA LEU C 242 -34.30 -19.06 -2.96
C LEU C 242 -32.95 -19.48 -3.51
N GLN C 243 -32.12 -20.02 -2.64
CA GLN C 243 -30.78 -20.44 -3.02
C GLN C 243 -30.67 -21.95 -2.84
N SER C 244 -31.61 -22.69 -3.41
CA SER C 244 -31.72 -24.13 -3.26
C SER C 244 -30.98 -24.85 -4.36
N LEU C 245 -29.80 -24.34 -4.73
CA LEU C 245 -28.90 -24.98 -5.69
C LEU C 245 -28.03 -26.04 -5.06
N ILE C 246 -27.38 -25.73 -3.95
CA ILE C 246 -26.41 -26.66 -3.37
C ILE C 246 -27.05 -27.57 -2.31
N ASN C 247 -28.08 -27.08 -1.61
CA ASN C 247 -29.01 -27.98 -0.95
C ASN C 247 -29.67 -28.87 -1.98
N ASN C 248 -29.95 -28.29 -3.15
CA ASN C 248 -30.54 -28.84 -4.37
C ASN C 248 -32.04 -29.06 -4.16
N GLU C 249 -32.50 -28.88 -2.94
CA GLU C 249 -33.89 -29.00 -2.46
C GLU C 249 -34.07 -28.03 -1.30
N ILE C 250 -35.08 -28.26 -0.46
CA ILE C 250 -35.84 -27.31 0.36
C ILE C 250 -35.07 -26.17 1.00
N PRO C 251 -35.44 -24.92 0.67
CA PRO C 251 -34.80 -23.74 1.26
C PRO C 251 -35.42 -23.33 2.57
N ASP C 252 -35.03 -22.17 3.07
CA ASP C 252 -35.54 -21.64 4.32
C ASP C 252 -36.19 -20.28 4.06
N CYS C 253 -36.88 -19.76 5.07
CA CYS C 253 -37.77 -18.61 4.89
C CYS C 253 -37.41 -17.55 5.93
N TYR C 254 -36.96 -16.38 5.48
CA TYR C 254 -36.27 -15.44 6.37
C TYR C 254 -37.11 -14.21 6.65
N THR C 255 -36.61 -13.39 7.57
CA THR C 255 -37.29 -12.19 8.03
C THR C 255 -36.26 -11.13 8.40
N PHE C 256 -36.37 -9.96 7.82
CA PHE C 256 -35.47 -8.85 8.10
C PHE C 256 -36.09 -7.90 9.12
N SER C 257 -35.29 -6.91 9.52
CA SER C 257 -35.79 -5.77 10.29
C SER C 257 -34.83 -4.63 10.01
N VAL C 258 -35.35 -3.55 9.46
CA VAL C 258 -34.53 -2.48 8.92
C VAL C 258 -34.69 -1.23 9.75
N LEU C 259 -33.57 -0.65 10.16
CA LEU C 259 -33.55 0.61 10.88
C LEU C 259 -32.81 1.66 10.07
N ILE C 260 -33.39 2.84 9.96
CA ILE C 260 -32.78 3.96 9.26
C ILE C 260 -32.74 5.14 10.21
N THR C 261 -31.55 5.66 10.46
CA THR C 261 -31.30 6.58 11.57
C THR C 261 -30.78 7.91 11.05
N PHE C 262 -31.50 8.98 11.35
CA PHE C 262 -31.03 10.32 11.05
C PHE C 262 -30.45 10.94 12.31
N ASP C 263 -29.32 10.40 12.73
CA ASP C 263 -28.76 10.71 14.05
C ASP C 263 -28.24 12.14 14.14
N ASN C 264 -28.43 12.76 15.30
CA ASN C 264 -27.71 13.98 15.63
C ASN C 264 -27.31 13.89 17.10
N LYS C 265 -26.15 13.28 17.34
CA LYS C 265 -25.49 13.41 18.63
C LYS C 265 -24.42 14.47 18.58
N ALA C 266 -24.59 15.47 17.73
CA ALA C 266 -23.55 16.44 17.49
C ALA C 266 -24.08 17.85 17.66
N HIS C 267 -25.32 18.06 17.24
CA HIS C 267 -26.00 19.36 17.23
C HIS C 267 -25.19 20.41 16.50
N SER C 268 -24.48 19.99 15.46
CA SER C 268 -23.43 20.79 14.85
C SER C 268 -23.67 21.01 13.36
N GLY C 269 -24.84 20.65 12.87
CA GLY C 269 -25.14 20.92 11.48
C GLY C 269 -24.72 19.84 10.52
N ARG C 270 -24.71 18.58 10.95
CA ARG C 270 -24.50 17.48 10.03
C ARG C 270 -25.20 16.26 10.58
N ILE C 271 -25.97 15.60 9.73
CA ILE C 271 -26.78 14.48 10.16
C ILE C 271 -26.34 13.22 9.42
N PRO C 272 -25.67 12.29 10.08
CA PRO C 272 -25.32 11.04 9.43
C PRO C 272 -26.57 10.23 9.16
N ILE C 273 -26.62 9.59 8.00
CA ILE C 273 -27.77 8.81 7.56
C ILE C 273 -27.30 7.39 7.36
N SER C 274 -27.96 6.44 8.02
CA SER C 274 -27.42 5.10 8.11
C SER C 274 -28.52 4.08 7.89
N LEU C 275 -28.11 2.86 7.59
CA LEU C 275 -29.04 1.75 7.42
C LEU C 275 -28.39 0.50 8.00
N GLU C 276 -29.08 -0.15 8.92
CA GLU C 276 -28.61 -1.38 9.55
C GLU C 276 -29.76 -2.37 9.58
N THR C 277 -29.46 -3.64 9.35
CA THR C 277 -30.48 -4.68 9.40
C THR C 277 -30.09 -5.75 10.40
N GLN C 278 -31.05 -6.63 10.66
CA GLN C 278 -30.81 -7.92 11.28
C GLN C 278 -31.70 -8.92 10.58
N ALA C 279 -31.16 -10.10 10.28
CA ALA C 279 -31.94 -11.14 9.63
C ALA C 279 -32.37 -12.17 10.66
N HIS C 280 -33.60 -12.62 10.56
CA HIS C 280 -34.13 -13.64 11.46
C HIS C 280 -34.84 -14.72 10.65
N ILE C 281 -34.74 -15.95 11.13
CA ILE C 281 -35.08 -17.12 10.33
C ILE C 281 -36.14 -17.92 11.06
N GLN C 282 -37.12 -18.44 10.31
CA GLN C 282 -37.94 -19.54 10.78
C GLN C 282 -38.24 -20.46 9.61
N GLU C 283 -39.20 -21.36 9.82
CA GLU C 283 -39.49 -22.47 8.93
C GLU C 283 -40.84 -22.24 8.27
N CYS C 284 -41.19 -23.12 7.34
CA CYS C 284 -42.29 -22.85 6.42
C CYS C 284 -42.71 -24.14 5.74
N LYS C 285 -43.92 -24.14 5.18
CA LYS C 285 -44.54 -25.34 4.61
C LYS C 285 -44.40 -25.36 3.10
N HIS C 286 -43.93 -26.49 2.56
CA HIS C 286 -43.49 -26.63 1.18
C HIS C 286 -44.38 -27.59 0.39
N PRO C 287 -44.65 -27.28 -0.86
CA PRO C 287 -45.24 -28.29 -1.76
C PRO C 287 -44.22 -28.96 -2.66
N SER C 288 -42.96 -28.56 -2.58
CA SER C 288 -41.95 -28.97 -3.55
C SER C 288 -41.62 -30.45 -3.37
N VAL C 289 -40.89 -31.01 -4.34
CA VAL C 289 -40.91 -32.46 -4.55
C VAL C 289 -39.49 -33.04 -4.56
N PHE C 290 -39.37 -34.27 -4.04
CA PHE C 290 -38.17 -35.12 -4.06
C PHE C 290 -36.99 -34.50 -3.32
N GLN C 291 -37.14 -34.40 -2.00
CA GLN C 291 -36.16 -33.69 -1.17
C GLN C 291 -34.88 -34.51 -0.95
N HIS C 292 -34.98 -35.65 -0.25
CA HIS C 292 -33.84 -36.23 0.46
C HIS C 292 -32.92 -37.09 -0.40
N GLY C 293 -32.88 -36.90 -1.73
CA GLY C 293 -32.16 -37.80 -2.64
C GLY C 293 -30.69 -38.00 -2.34
N ASP C 294 -29.88 -36.97 -2.57
CA ASP C 294 -28.54 -36.94 -2.01
C ASP C 294 -28.53 -36.27 -0.63
N ASN C 295 -29.68 -35.86 -0.13
CA ASN C 295 -29.74 -35.07 1.09
C ASN C 295 -29.94 -35.93 2.32
N SER C 296 -30.44 -37.16 2.16
CA SER C 296 -30.29 -38.15 3.19
C SER C 296 -28.85 -38.63 3.29
N PHE C 297 -28.07 -38.43 2.23
CA PHE C 297 -26.72 -38.98 2.20
C PHE C 297 -25.76 -38.11 3.00
N ARG C 298 -26.01 -36.80 3.06
CA ARG C 298 -25.19 -35.92 3.88
C ARG C 298 -25.42 -36.20 5.36
N LEU C 299 -26.66 -36.47 5.74
CA LEU C 299 -26.97 -36.81 7.14
C LEU C 299 -26.29 -38.10 7.54
N LEU C 300 -26.31 -39.10 6.66
CA LEU C 300 -25.58 -40.32 6.92
C LEU C 300 -24.08 -40.08 6.88
N PHE C 301 -23.64 -39.08 6.14
CA PHE C 301 -22.22 -38.75 6.13
C PHE C 301 -21.78 -38.11 7.43
N ASP C 302 -22.66 -37.34 8.06
CA ASP C 302 -22.28 -36.70 9.32
C ASP C 302 -22.18 -37.73 10.43
N VAL C 303 -22.90 -38.85 10.29
CA VAL C 303 -22.68 -39.97 11.20
C VAL C 303 -21.29 -40.53 10.99
N VAL C 304 -20.83 -40.60 9.73
CA VAL C 304 -19.49 -41.09 9.42
C VAL C 304 -18.45 -40.12 9.95
N VAL C 305 -18.75 -38.82 9.93
CA VAL C 305 -17.91 -37.85 10.60
C VAL C 305 -17.88 -38.13 12.09
N ILE C 306 -19.04 -38.36 12.70
CA ILE C 306 -19.07 -38.57 14.14
C ILE C 306 -18.75 -40.02 14.47
N LEU C 307 -18.64 -40.89 13.47
CA LEU C 307 -18.04 -42.20 13.71
C LEU C 307 -16.57 -42.08 14.09
N THR C 308 -15.75 -41.52 13.20
CA THR C 308 -14.30 -41.59 13.36
C THR C 308 -13.79 -40.73 14.49
N CYS C 309 -14.59 -39.78 14.96
CA CYS C 309 -14.17 -38.99 16.09
C CYS C 309 -14.54 -39.67 17.40
N SER C 310 -15.56 -40.51 17.36
CA SER C 310 -16.10 -41.13 18.57
C SER C 310 -15.09 -42.08 19.19
N LEU C 311 -14.54 -43.00 18.40
CA LEU C 311 -13.57 -43.92 18.94
C LEU C 311 -12.23 -43.24 19.15
N SER C 312 -12.02 -42.08 18.53
CA SER C 312 -10.77 -41.35 18.70
C SER C 312 -10.63 -40.81 20.11
N PHE C 313 -11.75 -40.45 20.72
CA PHE C 313 -11.73 -40.02 22.12
C PHE C 313 -11.41 -41.18 23.04
N LEU C 314 -11.83 -42.38 22.67
CA LEU C 314 -11.73 -43.52 23.56
C LEU C 314 -10.30 -43.96 23.73
N LEU C 315 -9.60 -44.13 22.61
CA LEU C 315 -8.29 -44.75 22.63
C LEU C 315 -7.23 -43.79 23.11
N CYS C 316 -7.37 -42.50 22.74
CA CYS C 316 -6.42 -41.48 23.19
C CYS C 316 -6.51 -41.27 24.69
N ALA C 317 -7.72 -41.39 25.24
CA ALA C 317 -7.85 -41.40 26.69
C ALA C 317 -7.26 -42.67 27.28
N ARG C 318 -7.44 -43.79 26.58
CA ARG C 318 -6.90 -45.05 27.07
C ARG C 318 -5.38 -45.05 27.01
N SER C 319 -4.82 -44.35 26.02
CA SER C 319 -3.37 -44.16 25.97
C SER C 319 -2.90 -43.32 27.14
N LEU C 320 -3.69 -42.31 27.49
CA LEU C 320 -3.35 -41.48 28.64
C LEU C 320 -3.70 -42.21 29.93
N LEU C 321 -4.59 -43.20 29.86
CA LEU C 321 -4.96 -44.02 31.00
C LEU C 321 -3.77 -44.88 31.44
N ARG C 322 -2.86 -45.15 30.52
CA ARG C 322 -1.63 -45.85 30.86
C ARG C 322 -0.77 -45.01 31.78
N GLY C 323 -0.85 -43.69 31.64
CA GLY C 323 -0.11 -42.80 32.52
C GLY C 323 -0.59 -42.87 33.97
N PHE C 324 -1.89 -43.09 34.16
CA PHE C 324 -2.43 -43.37 35.49
C PHE C 324 -1.88 -44.69 36.04
N LEU C 325 -1.58 -45.65 35.16
CA LEU C 325 -1.03 -46.92 35.60
C LEU C 325 0.49 -46.87 35.76
N LEU C 326 1.14 -45.81 35.34
CA LEU C 326 2.60 -45.77 35.45
C LEU C 326 3.10 -44.73 36.44
N GLN C 327 2.24 -43.79 36.84
CA GLN C 327 2.70 -42.70 37.68
C GLN C 327 2.87 -43.10 39.12
N ASN C 328 2.18 -44.16 39.54
CA ASN C 328 2.35 -44.66 40.90
C ASN C 328 3.42 -45.73 40.97
N GLU C 329 3.78 -46.32 39.83
CA GLU C 329 4.82 -47.32 39.83
C GLU C 329 6.19 -46.67 39.98
N PHE C 330 6.36 -45.49 39.39
CA PHE C 330 7.64 -44.79 39.45
C PHE C 330 7.99 -44.36 40.85
N VAL C 331 6.98 -44.05 41.66
CA VAL C 331 7.19 -43.63 43.04
C VAL C 331 7.76 -44.79 43.85
N GLY C 332 7.41 -46.01 43.48
CA GLY C 332 7.96 -47.19 44.10
C GLY C 332 9.34 -47.58 43.62
N PHE C 333 10.15 -46.59 43.25
CA PHE C 333 11.54 -46.78 42.93
C PHE C 333 12.28 -47.07 44.22
N MET C 334 12.32 -48.36 44.60
CA MET C 334 12.88 -48.85 45.87
C MET C 334 12.24 -48.19 47.08
N TRP C 335 10.95 -47.82 46.95
CA TRP C 335 10.09 -47.31 48.02
C TRP C 335 10.65 -46.03 48.63
N ARG C 336 10.68 -44.99 47.78
CA ARG C 336 11.32 -43.67 48.01
C ARG C 336 12.69 -43.78 48.66
N GLN C 337 13.60 -44.51 47.99
CA GLN C 337 15.00 -44.52 48.41
C GLN C 337 15.64 -43.16 48.22
N ARG C 338 15.19 -42.40 47.22
CA ARG C 338 15.52 -41.01 47.04
C ARG C 338 14.39 -40.09 47.46
N GLY C 339 13.21 -40.26 46.89
CA GLY C 339 12.04 -39.49 47.32
C GLY C 339 11.93 -38.08 46.82
N ARG C 340 13.01 -37.31 46.87
CA ARG C 340 12.98 -35.91 46.49
C ARG C 340 13.23 -35.67 45.00
N VAL C 341 13.14 -36.71 44.17
CA VAL C 341 13.03 -36.51 42.72
C VAL C 341 11.72 -35.80 42.40
N ILE C 342 10.68 -36.12 43.17
CA ILE C 342 9.30 -35.76 42.86
C ILE C 342 9.11 -34.26 43.01
N SER C 343 8.98 -33.55 41.88
CA SER C 343 8.69 -32.12 41.83
C SER C 343 7.69 -31.79 40.73
N LEU C 344 7.18 -32.82 40.04
CA LEU C 344 5.99 -32.77 39.18
C LEU C 344 6.19 -32.02 37.87
N TRP C 345 7.31 -31.33 37.69
CA TRP C 345 7.62 -30.76 36.38
C TRP C 345 8.38 -31.76 35.53
N GLU C 346 9.23 -32.56 36.18
CA GLU C 346 9.79 -33.74 35.56
C GLU C 346 8.70 -34.78 35.28
N ARG C 347 7.60 -34.74 36.03
CA ARG C 347 6.48 -35.61 35.75
C ARG C 347 5.65 -35.07 34.59
N LEU C 348 5.83 -33.79 34.25
CA LEU C 348 5.12 -33.25 33.10
C LEU C 348 5.72 -33.77 31.80
N GLU C 349 7.01 -34.09 31.79
CA GLU C 349 7.54 -34.87 30.66
C GLU C 349 7.03 -36.29 30.73
N PHE C 350 6.87 -36.82 31.93
CA PHE C 350 6.25 -38.13 32.10
C PHE C 350 4.75 -38.08 31.77
N VAL C 351 4.12 -36.90 31.87
CA VAL C 351 2.81 -36.72 31.28
C VAL C 351 2.92 -36.82 29.77
N ASN C 352 2.00 -37.56 29.15
CA ASN C 352 1.90 -37.60 27.69
C ASN C 352 1.62 -36.21 27.14
N GLY C 353 2.53 -35.72 26.31
CA GLY C 353 2.51 -34.31 25.96
C GLY C 353 1.42 -33.93 24.99
N TRP C 354 1.53 -34.36 23.74
CA TRP C 354 0.69 -33.79 22.71
C TRP C 354 -0.62 -34.57 22.58
N TYR C 355 -0.86 -35.53 23.46
CA TYR C 355 -2.12 -36.25 23.45
C TYR C 355 -3.25 -35.40 23.99
N ILE C 356 -2.92 -34.35 24.74
CA ILE C 356 -3.94 -33.42 25.21
C ILE C 356 -4.47 -32.59 24.06
N LEU C 357 -3.69 -32.48 22.99
CA LEU C 357 -4.09 -31.65 21.87
C LEU C 357 -5.15 -32.35 21.04
N LEU C 358 -5.00 -33.66 20.84
CA LEU C 358 -5.94 -34.40 20.02
C LEU C 358 -7.30 -34.49 20.70
N VAL C 359 -7.30 -34.69 22.01
CA VAL C 359 -8.56 -34.80 22.74
C VAL C 359 -9.23 -33.43 22.82
N THR C 360 -8.44 -32.36 22.75
CA THR C 360 -9.01 -31.02 22.70
C THR C 360 -9.62 -30.77 21.34
N SER C 361 -9.00 -31.31 20.29
CA SER C 361 -9.56 -31.19 18.95
C SER C 361 -10.83 -32.01 18.81
N ASP C 362 -10.91 -33.13 19.51
CA ASP C 362 -12.01 -34.07 19.32
C ASP C 362 -13.30 -33.58 19.96
N VAL C 363 -13.21 -32.98 21.14
CA VAL C 363 -14.40 -32.48 21.81
C VAL C 363 -15.00 -31.33 21.03
N LEU C 364 -14.15 -30.44 20.53
CA LEU C 364 -14.64 -29.34 19.71
C LEU C 364 -15.09 -29.81 18.34
N THR C 365 -14.72 -31.02 17.94
CA THR C 365 -15.17 -31.53 16.65
C THR C 365 -16.62 -31.96 16.70
N ILE C 366 -16.99 -32.74 17.72
CA ILE C 366 -18.35 -33.23 17.83
C ILE C 366 -19.30 -32.12 18.25
N SER C 367 -18.79 -31.05 18.84
CA SER C 367 -19.64 -29.92 19.20
C SER C 367 -20.07 -29.11 17.98
N GLY C 368 -19.44 -29.32 16.83
CA GLY C 368 -19.90 -28.65 15.64
C GLY C 368 -20.97 -29.45 14.92
N THR C 369 -20.75 -30.75 14.78
CA THR C 369 -21.65 -31.59 14.01
C THR C 369 -23.00 -31.79 14.70
N ILE C 370 -22.97 -31.90 16.03
CA ILE C 370 -24.19 -31.82 16.83
C ILE C 370 -24.87 -30.48 16.58
N MET C 371 -24.10 -29.41 16.59
CA MET C 371 -24.65 -28.09 16.32
C MET C 371 -25.03 -27.97 14.85
N LYS C 372 -24.39 -28.74 13.98
CA LYS C 372 -24.65 -28.59 12.56
C LYS C 372 -26.02 -29.14 12.17
N ILE C 373 -26.43 -30.24 12.76
CA ILE C 373 -27.69 -30.87 12.34
C ILE C 373 -28.90 -30.12 12.88
N GLY C 374 -28.68 -29.04 13.64
CA GLY C 374 -29.73 -28.10 13.97
C GLY C 374 -30.10 -27.15 12.84
N ILE C 375 -29.42 -27.28 11.69
CA ILE C 375 -29.83 -26.54 10.49
C ILE C 375 -31.19 -27.03 9.99
N GLU C 376 -31.54 -28.28 10.30
CA GLU C 376 -32.68 -28.91 9.64
C GLU C 376 -33.99 -28.41 10.21
N ALA C 377 -34.26 -28.72 11.47
CA ALA C 377 -35.56 -28.44 12.06
C ALA C 377 -35.44 -27.95 13.49
N LYS C 378 -34.35 -27.27 13.82
CA LYS C 378 -34.23 -26.69 15.15
C LYS C 378 -34.20 -25.17 14.97
N ASN C 379 -34.68 -24.47 16.01
CA ASN C 379 -34.74 -23.02 16.02
C ASN C 379 -33.36 -22.37 15.90
N LEU C 380 -32.31 -23.09 16.27
CA LEU C 380 -30.96 -22.57 16.10
C LEU C 380 -30.58 -22.59 14.62
N ALA C 381 -30.19 -21.44 14.11
CA ALA C 381 -29.68 -21.35 12.75
C ALA C 381 -28.51 -20.38 12.63
N SER C 382 -28.01 -19.87 13.75
CA SER C 382 -26.84 -19.00 13.77
C SER C 382 -25.63 -19.82 13.35
N TYR C 383 -25.10 -19.52 12.17
CA TYR C 383 -23.95 -20.22 11.61
C TYR C 383 -22.63 -19.77 12.22
N ASP C 384 -22.65 -18.90 13.24
CA ASP C 384 -21.40 -18.44 13.81
C ASP C 384 -20.71 -19.54 14.59
N VAL C 385 -21.44 -20.20 15.48
CA VAL C 385 -20.77 -21.12 16.40
C VAL C 385 -20.45 -22.43 15.70
N CYS C 386 -21.14 -22.72 14.58
CA CYS C 386 -20.69 -23.80 13.73
C CYS C 386 -19.42 -23.43 12.99
N SER C 387 -19.22 -22.15 12.71
CA SER C 387 -18.05 -21.73 11.95
C SER C 387 -16.80 -21.77 12.81
N ILE C 388 -16.89 -21.35 14.07
CA ILE C 388 -15.71 -21.36 14.92
C ILE C 388 -15.34 -22.78 15.28
N LEU C 389 -16.32 -23.59 15.66
CA LEU C 389 -16.03 -24.92 16.19
C LEU C 389 -15.61 -25.89 15.10
N LEU C 390 -16.15 -25.76 13.89
CA LEU C 390 -15.58 -26.48 12.77
C LEU C 390 -14.43 -25.73 12.15
N GLY C 391 -14.14 -24.52 12.63
CA GLY C 391 -12.96 -23.82 12.15
C GLY C 391 -11.77 -24.02 13.06
N THR C 392 -12.00 -24.02 14.36
CA THR C 392 -10.89 -24.17 15.29
C THR C 392 -10.42 -25.61 15.34
N SER C 393 -11.37 -26.56 15.29
CA SER C 393 -11.02 -27.96 15.41
C SER C 393 -10.22 -28.46 14.22
N THR C 394 -10.42 -27.85 13.05
CA THR C 394 -9.59 -28.22 11.91
C THR C 394 -8.18 -27.70 12.06
N LEU C 395 -8.01 -26.59 12.76
CA LEU C 395 -6.66 -26.08 12.97
C LEU C 395 -5.89 -26.97 13.93
N LEU C 396 -6.58 -27.63 14.84
CA LEU C 396 -5.86 -28.47 15.79
C LEU C 396 -5.58 -29.85 15.22
N VAL C 397 -6.29 -30.25 14.17
CA VAL C 397 -6.05 -31.54 13.56
C VAL C 397 -4.72 -31.54 12.81
N TRP C 398 -4.51 -30.55 11.95
CA TRP C 398 -3.31 -30.50 11.12
C TRP C 398 -2.05 -30.30 11.94
N VAL C 399 -2.15 -29.60 13.07
CA VAL C 399 -0.96 -29.46 13.90
C VAL C 399 -0.74 -30.71 14.74
N GLY C 400 -1.72 -31.61 14.80
CA GLY C 400 -1.51 -32.86 15.53
C GLY C 400 -0.60 -33.81 14.79
N VAL C 401 -0.45 -33.62 13.48
CA VAL C 401 0.35 -34.51 12.66
C VAL C 401 1.83 -34.21 12.85
N ILE C 402 2.14 -33.05 13.43
CA ILE C 402 3.50 -32.60 13.63
C ILE C 402 4.25 -33.52 14.58
N ARG C 403 3.52 -34.03 15.57
CA ARG C 403 4.09 -34.94 16.56
C ARG C 403 4.60 -36.20 15.86
N TYR C 404 3.86 -36.68 14.87
CA TYR C 404 4.27 -37.87 14.15
C TYR C 404 5.22 -37.52 13.03
N LEU C 405 5.58 -36.25 12.90
CA LEU C 405 6.56 -35.85 11.91
C LEU C 405 7.97 -35.80 12.50
N THR C 406 8.08 -35.63 13.83
CA THR C 406 9.40 -35.52 14.46
C THR C 406 9.88 -36.86 14.99
N PHE C 407 10.15 -37.79 14.07
CA PHE C 407 10.95 -38.96 14.41
C PHE C 407 12.01 -39.26 13.35
N PHE C 408 11.83 -38.75 12.14
CA PHE C 408 12.94 -38.62 11.20
C PHE C 408 13.92 -37.60 11.77
N HIS C 409 15.21 -37.95 11.79
CA HIS C 409 16.16 -37.22 12.62
C HIS C 409 16.44 -35.81 12.13
N ASN C 410 16.31 -35.57 10.82
CA ASN C 410 16.44 -34.21 10.33
C ASN C 410 15.11 -33.45 10.42
N TYR C 411 14.08 -34.06 11.04
CA TYR C 411 12.88 -33.36 11.42
C TYR C 411 12.80 -33.22 12.93
N ASN C 412 13.50 -34.09 13.66
CA ASN C 412 13.55 -34.05 15.11
C ASN C 412 14.17 -32.75 15.61
N ILE C 413 15.23 -32.30 14.95
CA ILE C 413 16.12 -31.31 15.55
C ILE C 413 15.79 -29.89 15.10
N LEU C 414 14.65 -29.69 14.42
CA LEU C 414 14.33 -28.34 13.96
C LEU C 414 13.16 -27.72 14.70
N ILE C 415 12.04 -28.43 14.84
CA ILE C 415 10.93 -27.93 15.64
C ILE C 415 11.24 -28.01 17.13
N ALA C 416 12.14 -28.89 17.55
CA ALA C 416 12.55 -28.94 18.95
C ALA C 416 13.26 -27.67 19.40
N THR C 417 13.80 -26.89 18.46
CA THR C 417 14.36 -25.58 18.79
C THR C 417 13.30 -24.65 19.34
N LEU C 418 12.09 -24.72 18.78
CA LEU C 418 10.99 -23.91 19.28
C LEU C 418 10.58 -24.36 20.67
N ARG C 419 10.81 -25.63 21.00
CA ARG C 419 10.49 -26.11 22.34
C ARG C 419 11.45 -25.54 23.38
N VAL C 420 12.75 -25.53 23.08
CA VAL C 420 13.72 -25.12 24.08
C VAL C 420 13.92 -23.60 24.08
N ALA C 421 13.42 -22.89 23.08
CA ALA C 421 13.59 -21.45 23.06
C ALA C 421 12.48 -20.73 23.81
N LEU C 422 11.25 -21.21 23.65
CA LEU C 422 10.04 -20.59 24.19
C LEU C 422 10.07 -20.28 25.70
N PRO C 423 10.81 -21.00 26.56
CA PRO C 423 11.11 -20.43 27.88
C PRO C 423 11.86 -19.11 27.84
N SER C 424 12.94 -19.02 27.08
CA SER C 424 13.69 -17.78 27.01
C SER C 424 12.99 -16.73 26.17
N VAL C 425 12.09 -17.15 25.27
CA VAL C 425 11.32 -16.20 24.48
C VAL C 425 10.33 -15.46 25.37
N MET C 426 9.58 -16.22 26.17
CA MET C 426 8.50 -15.67 26.98
C MET C 426 9.04 -14.72 28.05
N ARG C 427 10.28 -14.94 28.48
CA ARG C 427 10.85 -14.10 29.51
C ARG C 427 11.34 -12.77 28.96
N PHE C 428 11.83 -12.77 27.72
CA PHE C 428 12.15 -11.50 27.06
C PHE C 428 10.88 -10.77 26.67
N CYS C 429 9.84 -11.53 26.33
CA CYS C 429 8.64 -10.96 25.73
C CYS C 429 7.87 -10.07 26.70
N CYS C 430 8.00 -10.34 28.00
CA CYS C 430 7.28 -9.53 28.98
C CYS C 430 8.00 -8.20 29.23
N CYS C 431 9.26 -8.11 28.84
CA CYS C 431 9.96 -6.83 28.93
C CYS C 431 9.45 -5.86 27.87
N VAL C 432 9.17 -6.38 26.68
CA VAL C 432 8.80 -5.52 25.56
C VAL C 432 7.33 -5.16 25.64
N ALA C 433 6.50 -6.11 26.05
CA ALA C 433 5.06 -5.93 25.95
C ALA C 433 4.53 -4.96 27.00
N VAL C 434 5.33 -4.66 28.01
CA VAL C 434 5.04 -3.50 28.85
C VAL C 434 5.13 -2.23 28.01
N ILE C 435 6.17 -2.14 27.19
CA ILE C 435 6.46 -0.91 26.48
C ILE C 435 5.47 -0.69 25.34
N TYR C 436 5.05 -1.78 24.68
CA TYR C 436 4.04 -1.65 23.62
C TYR C 436 2.74 -1.13 24.18
N LEU C 437 2.28 -1.74 25.28
CA LEU C 437 1.07 -1.26 25.93
C LEU C 437 1.30 0.10 26.54
N GLY C 438 2.51 0.35 27.04
CA GLY C 438 2.81 1.65 27.58
C GLY C 438 2.99 2.72 26.54
N TYR C 439 3.02 2.35 25.27
CA TYR C 439 3.18 3.35 24.23
C TYR C 439 1.89 3.59 23.47
N CYS C 440 0.95 2.64 23.53
CA CYS C 440 -0.34 2.84 22.89
C CYS C 440 -1.12 3.97 23.57
N PHE C 441 -1.09 4.02 24.90
CA PHE C 441 -1.97 4.91 25.64
C PHE C 441 -1.61 6.37 25.45
N CYS C 442 -0.39 6.64 25.02
CA CYS C 442 -0.07 8.00 24.61
C CYS C 442 -0.84 8.38 23.35
N GLY C 443 -0.65 7.63 22.27
CA GLY C 443 -1.25 8.02 21.01
C GLY C 443 -2.74 7.79 20.92
N TRP C 444 -3.30 7.06 21.88
CA TRP C 444 -4.70 6.66 21.77
C TRP C 444 -5.65 7.81 22.07
N ILE C 445 -5.22 8.80 22.84
CA ILE C 445 -6.01 10.00 23.00
C ILE C 445 -5.32 11.22 22.44
N VAL C 446 -3.98 11.24 22.41
CA VAL C 446 -3.28 12.39 21.88
C VAL C 446 -3.42 12.48 20.37
N LEU C 447 -3.13 11.39 19.69
CA LEU C 447 -3.36 11.33 18.25
C LEU C 447 -4.72 10.71 17.93
N GLY C 448 -5.67 10.82 18.85
CA GLY C 448 -6.97 10.23 18.67
C GLY C 448 -7.80 10.85 17.58
N PRO C 449 -8.28 12.07 17.76
CA PRO C 449 -9.18 12.63 16.76
C PRO C 449 -8.45 13.25 15.58
N TYR C 450 -7.21 13.71 15.82
CA TYR C 450 -6.44 14.38 14.79
C TYR C 450 -6.09 13.46 13.63
N HIS C 451 -5.87 12.20 13.94
CA HIS C 451 -5.59 11.16 12.95
C HIS C 451 -6.93 10.55 12.56
N VAL C 452 -6.87 9.47 11.78
CA VAL C 452 -8.05 8.70 11.43
C VAL C 452 -7.93 7.26 11.91
N LYS C 453 -6.80 6.63 11.63
CA LYS C 453 -6.58 5.24 11.97
C LYS C 453 -6.07 5.03 13.38
N PHE C 454 -5.98 6.11 14.18
CA PHE C 454 -5.78 6.02 15.62
C PHE C 454 -7.05 6.39 16.37
N ARG C 455 -8.21 6.06 15.83
CA ARG C 455 -9.45 6.51 16.45
C ARG C 455 -9.83 5.62 17.61
N SER C 456 -10.13 4.36 17.32
CA SER C 456 -10.85 3.52 18.26
C SER C 456 -9.89 2.85 19.24
N LEU C 457 -10.41 1.89 19.98
CA LEU C 457 -9.64 1.23 21.02
C LEU C 457 -8.62 0.27 20.42
N SER C 458 -9.11 -0.75 19.73
CA SER C 458 -8.26 -1.85 19.31
C SER C 458 -7.56 -1.60 17.99
N MET C 459 -7.95 -0.56 17.25
CA MET C 459 -7.30 -0.28 15.99
C MET C 459 -5.91 0.29 16.21
N VAL C 460 -5.71 1.02 17.30
CA VAL C 460 -4.37 1.51 17.63
C VAL C 460 -3.44 0.36 17.96
N SER C 461 -3.99 -0.67 18.62
CA SER C 461 -3.21 -1.88 18.88
C SER C 461 -2.88 -2.61 17.60
N GLU C 462 -3.74 -2.47 16.58
CA GLU C 462 -3.39 -2.96 15.27
C GLU C 462 -2.37 -2.04 14.60
N CYS C 463 -2.47 -0.74 14.83
CA CYS C 463 -1.78 0.21 13.96
C CYS C 463 -0.29 0.24 14.20
N LEU C 464 0.13 0.22 15.46
CA LEU C 464 1.56 0.23 15.76
C LEU C 464 2.20 -1.10 15.38
N PHE C 465 1.48 -2.20 15.65
CA PHE C 465 2.00 -3.52 15.30
C PHE C 465 1.99 -3.75 13.80
N SER C 466 1.15 -3.04 13.07
CA SER C 466 1.28 -3.04 11.63
C SER C 466 2.44 -2.18 11.18
N LEU C 467 2.87 -1.27 12.05
CA LEU C 467 3.85 -0.29 11.64
C LEU C 467 5.25 -0.77 11.95
N ILE C 468 5.39 -1.80 12.78
CA ILE C 468 6.71 -2.37 13.04
C ILE C 468 7.08 -3.45 12.04
N ASN C 469 6.33 -3.57 10.95
CA ASN C 469 6.74 -4.48 9.90
C ASN C 469 6.89 -3.79 8.56
N GLY C 470 6.12 -2.74 8.30
CA GLY C 470 6.30 -1.98 7.10
C GLY C 470 5.12 -1.87 6.16
N ASP C 471 3.89 -1.95 6.66
CA ASP C 471 2.73 -1.63 5.84
C ASP C 471 1.93 -0.54 6.54
N ASP C 472 1.36 0.36 5.72
CA ASP C 472 0.71 1.60 6.15
C ASP C 472 1.63 2.39 7.07
N MET C 473 2.85 2.61 6.61
CA MET C 473 3.79 3.37 7.42
C MET C 473 3.86 4.80 6.95
N PHE C 474 4.09 5.01 5.65
CA PHE C 474 4.25 6.36 5.14
C PHE C 474 2.95 7.16 5.19
N VAL C 475 1.81 6.50 5.02
CA VAL C 475 0.54 7.20 5.01
C VAL C 475 0.24 7.76 6.40
N THR C 476 0.65 7.04 7.44
CA THR C 476 0.52 7.55 8.79
C THR C 476 1.44 8.73 9.06
N PHE C 477 2.57 8.80 8.37
CA PHE C 477 3.34 10.03 8.41
C PHE C 477 2.62 11.15 7.65
N ALA C 478 2.05 10.83 6.50
CA ALA C 478 1.60 11.88 5.60
C ALA C 478 0.30 12.51 6.06
N ALA C 479 -0.53 11.78 6.82
CA ALA C 479 -1.85 12.27 7.18
C ALA C 479 -1.80 13.42 8.16
N MET C 480 -0.69 13.56 8.89
CA MET C 480 -0.55 14.67 9.81
C MET C 480 -0.30 15.99 9.13
N GLN C 481 0.25 15.99 7.91
CA GLN C 481 0.75 17.23 7.33
C GLN C 481 -0.34 18.15 6.80
N ALA C 482 -1.60 17.72 6.83
CA ALA C 482 -2.66 18.69 6.65
C ALA C 482 -2.87 19.53 7.90
N GLN C 483 -2.35 19.07 9.04
CA GLN C 483 -2.31 19.82 10.30
C GLN C 483 -0.94 20.45 10.53
N GLN C 484 -0.26 20.85 9.47
CA GLN C 484 1.10 21.38 9.60
C GLN C 484 1.11 22.74 10.28
N GLY C 485 0.11 23.56 10.01
CA GLY C 485 -0.02 24.85 10.68
C GLY C 485 -1.13 24.83 11.70
N ARG C 486 -2.26 24.20 11.35
CA ARG C 486 -3.36 23.98 12.28
C ARG C 486 -2.91 23.01 13.35
N SER C 487 -2.88 23.48 14.61
CA SER C 487 -2.30 22.75 15.74
C SER C 487 -0.87 22.32 15.43
N SER C 488 -0.03 23.31 15.12
CA SER C 488 1.33 23.05 14.65
C SER C 488 2.21 22.48 15.75
N LEU C 489 1.83 22.65 17.01
CA LEU C 489 2.56 22.01 18.09
C LEU C 489 2.38 20.50 18.07
N VAL C 490 1.20 20.03 17.68
CA VAL C 490 0.90 18.62 17.82
C VAL C 490 1.63 17.80 16.76
N TRP C 491 1.80 18.37 15.58
CA TRP C 491 2.59 17.71 14.54
C TRP C 491 4.05 17.62 14.93
N LEU C 492 4.54 18.59 15.70
CA LEU C 492 5.89 18.51 16.24
C LEU C 492 6.03 17.37 17.23
N PHE C 493 4.92 16.95 17.83
CA PHE C 493 4.95 15.82 18.74
C PHE C 493 4.81 14.50 18.00
N SER C 494 3.96 14.45 16.98
CA SER C 494 3.75 13.21 16.25
C SER C 494 4.96 12.83 15.42
N GLN C 495 5.73 13.82 15.01
CA GLN C 495 6.92 13.52 14.23
C GLN C 495 8.00 12.93 15.10
N LEU C 496 8.02 13.32 16.37
CA LEU C 496 8.92 12.71 17.33
C LEU C 496 8.36 11.40 17.85
N TYR C 497 7.04 11.22 17.72
CA TYR C 497 6.39 10.03 18.25
C TYR C 497 6.73 8.81 17.41
N LEU C 498 6.73 8.96 16.09
CA LEU C 498 6.94 7.82 15.22
C LEU C 498 8.41 7.63 14.91
N TYR C 499 9.21 8.68 15.03
CA TYR C 499 10.65 8.53 14.85
C TYR C 499 11.28 7.81 16.02
N SER C 500 10.80 8.07 17.23
CA SER C 500 11.38 7.43 18.41
C SER C 500 10.97 5.97 18.47
N PHE C 501 9.83 5.64 17.89
CA PHE C 501 9.22 4.36 18.14
C PHE C 501 9.90 3.23 17.38
N ILE C 502 9.93 3.30 16.05
CA ILE C 502 10.44 2.17 15.28
C ILE C 502 11.96 2.13 15.36
N SER C 503 12.58 3.22 15.77
CA SER C 503 13.99 3.19 16.11
C SER C 503 14.23 2.37 17.37
N LEU C 504 13.18 2.17 18.18
CA LEU C 504 13.33 1.34 19.36
C LEU C 504 12.98 -0.12 19.08
N PHE C 505 11.82 -0.39 18.48
CA PHE C 505 11.43 -1.78 18.31
C PHE C 505 12.15 -2.44 17.15
N ILE C 506 12.16 -1.80 15.97
CA ILE C 506 12.71 -2.45 14.79
C ILE C 506 14.23 -2.48 14.85
N TYR C 507 14.84 -1.37 15.21
CA TYR C 507 16.29 -1.31 15.08
C TYR C 507 17.02 -1.75 16.35
N MET C 508 16.31 -1.93 17.46
CA MET C 508 17.01 -2.35 18.67
C MET C 508 16.41 -3.59 19.30
N VAL C 509 15.10 -3.70 19.34
CA VAL C 509 14.49 -4.81 20.07
C VAL C 509 14.47 -6.07 19.22
N LEU C 510 13.99 -5.96 17.99
CA LEU C 510 13.76 -7.15 17.17
C LEU C 510 15.06 -7.80 16.73
N SER C 511 16.16 -7.05 16.78
CA SER C 511 17.46 -7.63 16.52
C SER C 511 17.85 -8.61 17.62
N LEU C 512 17.46 -8.32 18.86
CA LEU C 512 17.60 -9.33 19.92
C LEU C 512 16.65 -10.48 19.69
N PHE C 513 15.53 -10.22 19.04
CA PHE C 513 14.52 -11.25 18.89
C PHE C 513 14.89 -12.23 17.80
N ILE C 514 15.81 -11.83 16.91
CA ILE C 514 16.44 -12.79 16.02
C ILE C 514 17.52 -13.55 16.74
N ALA C 515 18.35 -12.84 17.51
CA ALA C 515 19.53 -13.45 18.11
C ALA C 515 19.17 -14.36 19.28
N LEU C 516 17.93 -14.31 19.74
CA LEU C 516 17.52 -15.23 20.79
C LEU C 516 17.09 -16.55 20.17
N ILE C 517 16.63 -16.52 18.92
CA ILE C 517 16.21 -17.75 18.25
C ILE C 517 17.38 -18.37 17.49
N THR C 518 18.27 -17.53 16.96
CA THR C 518 19.47 -18.02 16.30
C THR C 518 20.35 -18.82 17.26
N GLY C 519 20.39 -18.39 18.53
CA GLY C 519 21.12 -19.15 19.53
C GLY C 519 20.53 -20.52 19.78
N ALA C 520 19.19 -20.63 19.79
CA ALA C 520 18.55 -21.89 20.12
C ALA C 520 18.75 -22.93 19.02
N TYR C 521 18.89 -22.48 17.77
CA TYR C 521 19.32 -23.38 16.72
C TYR C 521 20.80 -23.68 16.83
N ASP C 522 21.57 -22.75 17.38
CA ASP C 522 23.02 -22.90 17.41
C ASP C 522 23.45 -23.87 18.49
N THR C 523 22.77 -23.83 19.64
CA THR C 523 23.15 -24.70 20.74
C THR C 523 22.72 -26.13 20.50
N ILE C 524 21.60 -26.33 19.82
CA ILE C 524 20.99 -27.65 19.74
C ILE C 524 21.62 -28.49 18.64
N LYS C 525 22.39 -27.90 17.74
CA LYS C 525 23.01 -28.69 16.69
C LYS C 525 24.40 -29.17 17.05
N HIS C 526 24.89 -28.83 18.24
CA HIS C 526 26.15 -29.39 18.75
C HIS C 526 25.92 -30.07 20.10
N GLU D 38 37.01 1.14 52.11
CA GLU D 38 36.20 -0.05 51.89
C GLU D 38 36.23 -0.95 53.11
N GLU D 39 36.71 -0.44 54.24
CA GLU D 39 36.61 -1.20 55.48
C GLU D 39 35.21 -1.12 56.05
N ASP D 40 34.78 0.09 56.41
CA ASP D 40 33.40 0.31 56.81
C ASP D 40 32.55 0.87 55.69
N LEU D 41 33.18 1.32 54.61
CA LEU D 41 32.42 1.78 53.46
C LEU D 41 31.71 0.64 52.75
N ARG D 42 32.29 -0.57 52.81
CA ARG D 42 31.79 -1.70 52.03
C ARG D 42 30.38 -2.09 52.46
N ARG D 43 30.16 -2.24 53.77
CA ARG D 43 28.82 -2.52 54.24
C ARG D 43 27.90 -1.32 54.05
N ARG D 44 28.46 -0.11 54.07
CA ARG D 44 27.66 1.07 53.74
C ARG D 44 27.33 1.13 52.25
N LEU D 45 28.25 0.70 51.39
CA LEU D 45 27.94 0.60 49.98
C LEU D 45 27.22 -0.69 49.63
N LYS D 46 27.17 -1.64 50.58
CA LYS D 46 26.47 -2.89 50.33
C LYS D 46 24.98 -2.64 50.17
N TYR D 47 24.44 -1.70 50.96
CA TYR D 47 23.04 -1.36 50.81
C TYR D 47 22.77 -0.57 49.54
N PHE D 48 23.82 -0.05 48.91
CA PHE D 48 23.65 0.82 47.76
C PHE D 48 23.48 0.06 46.46
N PHE D 49 23.67 -1.26 46.47
CA PHE D 49 23.39 -2.08 45.30
C PHE D 49 22.74 -3.39 45.70
N MET D 50 21.76 -3.33 46.59
CA MET D 50 20.97 -4.50 46.93
C MET D 50 19.97 -4.78 45.81
N SER D 51 19.21 -5.85 45.96
CA SER D 51 17.98 -5.95 45.20
C SER D 51 16.91 -5.26 46.03
N PRO D 52 15.73 -5.02 45.48
CA PRO D 52 14.62 -4.62 46.34
C PRO D 52 14.20 -5.70 47.31
N CYS D 53 14.37 -6.97 46.94
CA CYS D 53 13.81 -8.05 47.73
C CYS D 53 14.64 -8.36 48.97
N ASP D 54 15.97 -8.47 48.81
CA ASP D 54 16.79 -8.87 49.95
C ASP D 54 16.95 -7.74 50.96
N LYS D 55 16.82 -6.50 50.48
CA LYS D 55 16.93 -5.34 51.35
C LYS D 55 15.75 -5.26 52.32
N PHE D 56 14.58 -5.74 51.88
CA PHE D 56 13.41 -5.79 52.75
C PHE D 56 13.61 -6.78 53.89
N ARG D 57 14.42 -7.81 53.67
CA ARG D 57 14.66 -8.75 54.75
C ARG D 57 15.94 -8.43 55.50
N ALA D 58 16.86 -7.70 54.88
CA ALA D 58 18.10 -7.37 55.58
C ALA D 58 17.91 -6.21 56.55
N LYS D 59 16.88 -5.39 56.37
CA LYS D 59 16.63 -4.30 57.29
C LYS D 59 15.22 -4.31 57.86
N GLY D 60 14.21 -4.60 57.04
CA GLY D 60 12.85 -4.64 57.56
C GLY D 60 12.14 -3.32 57.54
N ARG D 61 12.05 -2.68 56.36
CA ARG D 61 11.25 -1.48 56.17
C ARG D 61 10.38 -1.66 54.94
N LYS D 62 9.13 -1.21 55.04
CA LYS D 62 8.06 -1.70 54.19
C LYS D 62 8.17 -1.15 52.76
N PRO D 63 7.71 -1.93 51.77
CA PRO D 63 7.89 -1.52 50.36
C PRO D 63 6.89 -0.49 49.84
N CYS D 64 6.22 0.26 50.73
CA CYS D 64 5.40 1.39 50.30
C CYS D 64 6.23 2.43 49.57
N LYS D 65 7.52 2.53 49.89
CA LYS D 65 8.45 3.33 49.13
C LYS D 65 8.55 2.83 47.69
N LEU D 66 8.34 1.53 47.48
CA LEU D 66 8.28 1.00 46.13
C LEU D 66 6.88 1.11 45.54
N MET D 67 5.87 0.65 46.28
CA MET D 67 4.60 0.31 45.63
C MET D 67 3.77 1.53 45.29
N LEU D 68 4.22 2.73 45.67
CA LEU D 68 3.55 3.93 45.20
C LEU D 68 3.74 4.11 43.70
N GLN D 69 4.86 3.61 43.18
CA GLN D 69 5.06 3.56 41.74
C GLN D 69 4.04 2.62 41.09
N VAL D 70 3.65 1.58 41.80
CA VAL D 70 2.74 0.61 41.20
C VAL D 70 1.32 1.19 41.11
N VAL D 71 0.90 1.91 42.14
CA VAL D 71 -0.48 2.38 42.15
C VAL D 71 -0.64 3.59 41.24
N LYS D 72 0.42 4.38 41.06
CA LYS D 72 0.30 5.56 40.20
C LYS D 72 0.25 5.18 38.73
N ILE D 73 0.63 3.95 38.38
CA ILE D 73 0.27 3.41 37.08
C ILE D 73 -1.25 3.38 36.95
N LEU D 74 -1.92 2.82 37.95
CA LEU D 74 -3.36 2.69 37.87
C LEU D 74 -4.05 4.03 38.15
N VAL D 75 -3.31 5.01 38.66
CA VAL D 75 -3.87 6.35 38.78
C VAL D 75 -3.86 7.05 37.44
N VAL D 76 -2.67 7.27 36.89
CA VAL D 76 -2.50 8.23 35.80
C VAL D 76 -3.08 7.69 34.51
N THR D 77 -3.11 6.37 34.36
CA THR D 77 -3.69 5.78 33.17
C THR D 77 -5.19 6.02 33.11
N VAL D 78 -5.85 5.95 34.27
CA VAL D 78 -7.26 6.30 34.34
C VAL D 78 -7.43 7.79 34.14
N GLN D 79 -6.46 8.57 34.60
CA GLN D 79 -6.54 10.02 34.43
C GLN D 79 -6.43 10.42 32.97
N LEU D 80 -5.63 9.68 32.20
CA LEU D 80 -5.53 9.93 30.77
C LEU D 80 -6.85 9.62 30.06
N ILE D 81 -7.43 8.47 30.34
CA ILE D 81 -8.61 8.05 29.60
C ILE D 81 -9.81 8.89 30.01
N LEU D 82 -9.89 9.27 31.28
CA LEU D 82 -10.97 10.14 31.72
C LEU D 82 -10.77 11.55 31.22
N PHE D 83 -9.55 11.92 30.87
CA PHE D 83 -9.37 13.10 30.05
C PHE D 83 -9.75 12.82 28.60
N GLY D 84 -9.58 11.58 28.17
CA GLY D 84 -9.73 11.25 26.76
C GLY D 84 -11.16 11.31 26.27
N LEU D 85 -12.12 11.09 27.16
CA LEU D 85 -13.51 11.22 26.75
C LEU D 85 -13.89 12.68 26.54
N SER D 86 -13.25 13.58 27.30
CA SER D 86 -13.58 14.99 27.18
C SER D 86 -12.92 15.60 25.95
N ASN D 87 -11.71 15.13 25.62
CA ASN D 87 -11.00 15.74 24.50
C ASN D 87 -11.60 15.30 23.18
N GLN D 88 -11.89 14.01 23.05
CA GLN D 88 -12.31 13.43 21.77
C GLN D 88 -13.66 13.98 21.33
N LEU D 89 -14.47 14.45 22.27
CA LEU D 89 -15.69 15.16 21.91
C LEU D 89 -15.40 16.58 21.46
N ALA D 90 -14.47 17.25 22.13
CA ALA D 90 -14.30 18.69 21.90
C ALA D 90 -13.54 19.00 20.63
N VAL D 91 -13.07 17.99 19.91
CA VAL D 91 -12.41 18.25 18.63
C VAL D 91 -13.35 17.90 17.48
N THR D 92 -14.21 16.90 17.68
CA THR D 92 -15.21 16.58 16.66
C THR D 92 -16.20 17.71 16.47
N PHE D 93 -16.47 18.47 17.53
CA PHE D 93 -17.27 19.67 17.37
C PHE D 93 -16.53 20.71 16.55
N ARG D 94 -15.22 20.81 16.74
CA ARG D 94 -14.43 21.67 15.86
C ARG D 94 -14.33 21.05 14.47
N GLU D 95 -14.38 19.73 14.39
CA GLU D 95 -14.20 19.08 13.10
C GLU D 95 -15.46 19.14 12.25
N GLU D 96 -16.60 18.74 12.82
CA GLU D 96 -17.80 18.56 12.00
C GLU D 96 -18.36 19.88 11.50
N ASN D 97 -18.18 20.95 12.26
CA ASN D 97 -18.65 22.24 11.79
C ASN D 97 -17.79 22.77 10.65
N THR D 98 -16.55 22.34 10.55
CA THR D 98 -15.77 22.69 9.37
C THR D 98 -16.25 21.89 8.17
N ILE D 99 -16.53 20.61 8.36
CA ILE D 99 -17.00 19.76 7.26
C ILE D 99 -18.35 20.23 6.77
N ALA D 100 -19.16 20.76 7.69
CA ALA D 100 -20.45 21.29 7.30
C ALA D 100 -20.31 22.55 6.46
N PHE D 101 -19.35 23.40 6.77
CA PHE D 101 -19.35 24.71 6.15
C PHE D 101 -18.78 24.66 4.74
N ARG D 102 -18.16 23.56 4.34
CA ARG D 102 -17.94 23.35 2.92
C ARG D 102 -19.27 23.19 2.21
N HIS D 103 -20.16 22.36 2.75
CA HIS D 103 -21.39 22.00 2.07
C HIS D 103 -22.46 23.07 2.19
N LEU D 104 -22.13 24.23 2.71
CA LEU D 104 -23.03 25.37 2.67
C LEU D 104 -22.49 26.49 1.82
N PHE D 105 -21.20 26.77 1.91
CA PHE D 105 -20.66 28.00 1.39
C PHE D 105 -19.85 27.82 0.12
N LEU D 106 -19.75 26.60 -0.39
CA LEU D 106 -19.01 26.36 -1.62
C LEU D 106 -19.95 25.74 -2.64
N LEU D 107 -20.00 26.33 -3.82
CA LEU D 107 -20.83 25.81 -4.88
C LEU D 107 -20.25 24.51 -5.42
N GLY D 108 -21.05 23.46 -5.39
CA GLY D 108 -20.66 22.23 -6.05
C GLY D 108 -19.54 21.46 -5.40
N TYR D 109 -19.33 21.67 -4.11
CA TYR D 109 -18.32 20.92 -3.38
C TYR D 109 -18.78 19.48 -3.23
N SER D 110 -17.87 18.55 -3.46
CA SER D 110 -18.06 17.18 -3.03
C SER D 110 -16.95 16.84 -2.06
N ASP D 111 -17.12 15.71 -1.38
CA ASP D 111 -16.18 15.33 -0.34
C ASP D 111 -14.88 14.83 -0.95
N GLY D 112 -13.89 14.64 -0.08
CA GLY D 112 -12.61 14.13 -0.53
C GLY D 112 -11.62 15.23 -0.87
N ALA D 113 -11.53 15.57 -2.14
CA ALA D 113 -10.49 16.49 -2.60
C ALA D 113 -10.88 17.91 -2.21
N ASP D 114 -9.99 18.56 -1.46
CA ASP D 114 -10.15 19.94 -1.08
C ASP D 114 -9.20 20.85 -1.84
N ASP D 115 -8.33 20.28 -2.66
CA ASP D 115 -7.38 21.05 -3.43
C ASP D 115 -7.74 21.15 -4.91
N THR D 116 -8.38 20.13 -5.45
CA THR D 116 -8.73 20.16 -6.86
C THR D 116 -9.91 21.08 -7.12
N PHE D 117 -10.62 21.48 -6.09
CA PHE D 117 -11.76 22.37 -6.26
C PHE D 117 -11.26 23.76 -6.61
N ALA D 118 -11.33 24.12 -7.87
CA ALA D 118 -10.78 25.37 -8.34
C ALA D 118 -11.64 25.92 -9.46
N ALA D 119 -11.85 27.23 -9.45
CA ALA D 119 -12.67 27.88 -10.45
C ALA D 119 -11.80 28.35 -11.59
N TYR D 120 -12.19 28.01 -12.81
CA TYR D 120 -11.39 28.34 -13.98
C TYR D 120 -11.97 29.46 -14.81
N THR D 121 -13.27 29.43 -15.07
CA THR D 121 -13.92 30.41 -15.89
C THR D 121 -14.02 31.74 -15.14
N ARG D 122 -14.48 32.76 -15.85
CA ARG D 122 -14.68 34.04 -15.18
C ARG D 122 -15.93 34.01 -14.31
N GLU D 123 -17.02 33.45 -14.79
CA GLU D 123 -18.26 33.56 -14.03
C GLU D 123 -18.31 32.59 -12.87
N GLN D 124 -17.54 31.49 -12.91
CA GLN D 124 -17.55 30.62 -11.75
C GLN D 124 -16.84 31.24 -10.58
N LEU D 125 -15.99 32.22 -10.81
CA LEU D 125 -15.52 33.00 -9.68
C LEU D 125 -16.66 33.83 -9.12
N TYR D 126 -17.51 34.36 -9.98
CA TYR D 126 -18.64 35.16 -9.51
C TYR D 126 -19.65 34.30 -8.77
N GLN D 127 -20.01 33.17 -9.36
CA GLN D 127 -21.12 32.39 -8.83
C GLN D 127 -20.76 31.77 -7.49
N ALA D 128 -19.49 31.43 -7.30
CA ALA D 128 -19.07 30.89 -6.02
C ALA D 128 -19.08 31.96 -4.95
N ILE D 129 -18.76 33.20 -5.33
CA ILE D 129 -18.85 34.30 -4.38
C ILE D 129 -20.31 34.55 -4.00
N PHE D 130 -21.17 34.66 -5.01
CA PHE D 130 -22.57 35.01 -4.76
C PHE D 130 -23.29 33.89 -4.04
N HIS D 131 -22.94 32.64 -4.33
CA HIS D 131 -23.51 31.54 -3.59
C HIS D 131 -22.91 31.45 -2.20
N ALA D 132 -21.79 32.10 -1.96
CA ALA D 132 -21.30 32.18 -0.59
C ALA D 132 -21.93 33.34 0.16
N VAL D 133 -22.28 34.41 -0.55
CA VAL D 133 -22.84 35.58 0.11
C VAL D 133 -24.24 35.30 0.64
N ASP D 134 -25.12 34.82 -0.21
CA ASP D 134 -26.54 34.75 0.13
C ASP D 134 -26.82 33.69 1.18
N GLN D 135 -25.99 32.65 1.26
CA GLN D 135 -26.12 31.69 2.34
C GLN D 135 -25.83 32.34 3.68
N TYR D 136 -24.88 33.27 3.72
CA TYR D 136 -24.66 34.05 4.93
C TYR D 136 -25.85 34.95 5.22
N LEU D 137 -26.50 35.43 4.17
CA LEU D 137 -27.69 36.25 4.37
C LEU D 137 -28.85 35.40 4.84
N ALA D 138 -29.13 34.31 4.12
CA ALA D 138 -30.33 33.52 4.34
C ALA D 138 -30.06 32.33 5.23
N LEU D 139 -29.19 32.48 6.22
CA LEU D 139 -28.73 31.32 6.98
C LEU D 139 -29.81 30.65 7.84
N PRO D 140 -30.49 31.34 8.78
CA PRO D 140 -31.30 30.58 9.75
C PRO D 140 -32.58 30.03 9.18
N ASP D 141 -32.95 30.40 7.96
CA ASP D 141 -34.12 29.78 7.37
C ASP D 141 -33.76 28.49 6.66
N VAL D 142 -32.48 28.29 6.35
CA VAL D 142 -32.05 27.16 5.53
C VAL D 142 -31.15 26.20 6.28
N SER D 143 -30.67 26.55 7.45
CA SER D 143 -29.68 25.74 8.13
C SER D 143 -30.27 25.04 9.33
N LEU D 144 -29.60 23.98 9.73
CA LEU D 144 -29.87 23.31 10.99
C LEU D 144 -28.60 23.40 11.82
N GLY D 145 -28.74 23.87 13.06
CA GLY D 145 -27.55 24.12 13.87
C GLY D 145 -27.67 25.32 14.78
N ARG D 146 -28.61 26.22 14.47
CA ARG D 146 -29.06 27.30 15.34
C ARG D 146 -27.91 28.26 15.68
N TYR D 147 -27.49 28.96 14.65
CA TYR D 147 -26.33 29.83 14.79
C TYR D 147 -26.82 31.25 15.09
N ALA D 148 -25.90 32.20 15.15
CA ALA D 148 -26.25 33.59 15.36
C ALA D 148 -25.14 34.46 14.82
N TYR D 149 -25.50 35.66 14.41
CA TYR D 149 -24.55 36.58 13.80
C TYR D 149 -23.74 37.29 14.86
N VAL D 150 -22.66 37.94 14.44
CA VAL D 150 -21.67 38.38 15.41
C VAL D 150 -21.71 39.88 15.70
N ARG D 151 -22.11 40.71 14.72
CA ARG D 151 -22.16 42.18 14.80
C ARG D 151 -20.81 42.76 15.23
N GLY D 152 -19.82 42.56 14.38
CA GLY D 152 -18.45 42.75 14.77
C GLY D 152 -18.01 44.20 14.88
N GLY D 153 -16.76 44.36 15.32
CA GLY D 153 -16.11 45.66 15.36
C GLY D 153 -14.60 45.62 15.13
N GLY D 154 -14.09 44.54 14.55
CA GLY D 154 -12.66 44.35 14.44
C GLY D 154 -12.04 45.19 13.34
N ASP D 155 -10.77 44.88 13.04
CA ASP D 155 -9.96 45.72 12.16
C ASP D 155 -10.29 45.51 10.68
N PRO D 156 -10.52 44.27 10.16
CA PRO D 156 -11.25 44.18 8.88
C PRO D 156 -12.75 44.12 9.08
N TRP D 157 -13.26 45.06 9.86
CA TRP D 157 -14.68 45.26 10.09
C TRP D 157 -14.92 46.73 10.41
N THR D 158 -16.19 47.09 10.46
CA THR D 158 -16.65 48.29 11.15
C THR D 158 -17.72 47.85 12.13
N ASN D 159 -18.44 48.81 12.69
CA ASN D 159 -19.58 48.46 13.53
C ASN D 159 -20.85 48.51 12.68
N GLY D 160 -21.62 47.42 12.73
CA GLY D 160 -22.81 47.30 11.93
C GLY D 160 -22.79 46.12 10.98
N SER D 161 -21.65 45.87 10.34
CA SER D 161 -21.50 44.78 9.39
C SER D 161 -20.67 43.66 9.99
N GLY D 162 -20.91 42.43 9.51
CA GLY D 162 -20.17 41.28 9.99
C GLY D 162 -19.47 40.52 8.89
N LEU D 163 -20.00 40.61 7.67
CA LEU D 163 -19.38 40.00 6.50
C LEU D 163 -18.56 41.06 5.78
N ALA D 164 -17.43 40.65 5.22
CA ALA D 164 -16.64 41.57 4.42
C ALA D 164 -15.91 40.81 3.34
N LEU D 165 -16.20 41.13 2.09
CA LEU D 165 -15.42 40.61 0.98
C LEU D 165 -14.45 41.71 0.58
N CYS D 166 -13.26 41.31 0.13
CA CYS D 166 -12.16 42.25 0.06
C CYS D 166 -11.32 41.96 -1.17
N GLN D 167 -11.38 42.83 -2.16
CA GLN D 167 -10.50 42.67 -3.30
C GLN D 167 -9.09 43.12 -2.93
N ARG D 168 -8.12 42.60 -3.67
CA ARG D 168 -6.71 42.88 -3.44
C ARG D 168 -6.04 42.91 -4.80
N TYR D 169 -5.47 44.04 -5.19
CA TYR D 169 -4.78 44.08 -6.46
C TYR D 169 -3.69 45.14 -6.42
N TYR D 170 -2.87 45.13 -7.46
CA TYR D 170 -1.75 46.05 -7.55
C TYR D 170 -2.25 47.44 -7.87
N HIS D 171 -1.75 48.43 -7.13
CA HIS D 171 -2.25 49.79 -7.31
C HIS D 171 -1.87 50.40 -8.65
N ARG D 172 -0.59 50.39 -8.99
CA ARG D 172 -0.13 51.17 -10.13
C ARG D 172 0.54 50.21 -11.09
N GLY D 173 -0.14 49.91 -12.19
CA GLY D 173 0.35 48.91 -13.11
C GLY D 173 -0.48 48.84 -14.36
N HIS D 174 0.15 48.31 -15.41
CA HIS D 174 -0.49 48.12 -16.72
C HIS D 174 0.31 47.08 -17.46
N VAL D 175 -0.25 45.89 -17.66
CA VAL D 175 0.49 44.79 -18.25
C VAL D 175 -0.11 44.43 -19.60
N ASP D 176 0.74 43.88 -20.47
CA ASP D 176 0.34 43.40 -21.79
C ASP D 176 1.38 42.45 -22.37
N PRO D 177 0.99 41.23 -22.74
CA PRO D 177 1.90 40.36 -23.48
C PRO D 177 1.92 40.70 -24.96
N ALA D 178 3.02 40.29 -25.60
CA ALA D 178 3.32 40.34 -27.04
C ALA D 178 3.52 41.76 -27.57
N ASN D 179 3.21 42.76 -26.78
CA ASN D 179 3.69 44.13 -26.96
C ASN D 179 4.08 44.49 -25.52
N ASP D 180 5.29 44.11 -25.13
CA ASP D 180 5.59 43.73 -23.75
C ASP D 180 5.92 44.94 -22.89
N THR D 181 5.13 45.13 -21.83
CA THR D 181 5.26 46.22 -20.87
C THR D 181 4.49 45.80 -19.63
N PHE D 182 5.08 46.00 -18.45
CA PHE D 182 4.47 45.49 -17.22
C PHE D 182 4.98 46.24 -16.02
N ASP D 183 4.07 46.84 -15.25
CA ASP D 183 4.40 47.49 -13.99
C ASP D 183 3.77 46.67 -12.87
N ILE D 184 4.62 46.18 -11.97
CA ILE D 184 4.24 45.20 -10.97
C ILE D 184 4.48 45.82 -9.60
N ASP D 185 4.22 47.11 -9.48
CA ASP D 185 4.33 47.85 -8.23
C ASP D 185 3.52 47.24 -7.11
N PRO D 186 4.16 46.66 -6.09
CA PRO D 186 3.42 45.89 -5.08
C PRO D 186 2.77 46.83 -4.09
N MET D 187 1.44 46.96 -4.21
CA MET D 187 0.69 47.86 -3.36
C MET D 187 -0.77 47.44 -3.37
N VAL D 188 -1.28 47.05 -2.20
CA VAL D 188 -2.62 46.49 -2.12
C VAL D 188 -3.64 47.59 -2.33
N VAL D 189 -4.85 47.18 -2.71
CA VAL D 189 -5.99 48.09 -2.81
C VAL D 189 -7.10 47.44 -2.00
N THR D 190 -7.19 47.81 -0.73
CA THR D 190 -8.05 47.13 0.22
C THR D 190 -9.47 47.66 0.07
N ASP D 191 -10.23 47.03 -0.81
CA ASP D 191 -11.59 47.48 -1.10
C ASP D 191 -12.62 46.62 -0.36
N CYS D 192 -12.55 46.67 0.96
CA CYS D 192 -13.38 45.80 1.79
C CYS D 192 -14.80 46.34 1.82
N ILE D 193 -15.57 45.90 0.83
CA ILE D 193 -16.97 46.31 0.69
C ILE D 193 -17.79 45.52 1.70
N GLN D 194 -18.17 46.17 2.79
CA GLN D 194 -18.82 45.43 3.86
C GLN D 194 -20.29 45.23 3.55
N VAL D 195 -20.93 44.43 4.41
CA VAL D 195 -22.36 44.14 4.33
C VAL D 195 -22.83 43.62 5.68
N ASP D 196 -23.94 44.17 6.14
CA ASP D 196 -24.61 43.82 7.39
C ASP D 196 -25.54 42.64 7.17
N PRO D 197 -25.96 41.94 8.22
CA PRO D 197 -27.00 40.95 8.06
C PRO D 197 -28.36 41.51 8.38
N PRO D 198 -29.42 41.01 7.74
CA PRO D 198 -30.78 41.27 8.22
C PRO D 198 -31.13 40.28 9.32
N GLU D 199 -31.68 40.80 10.43
CA GLU D 199 -31.76 39.99 11.63
C GLU D 199 -33.11 39.28 11.80
N ARG D 200 -34.17 40.06 11.92
CA ARG D 200 -35.28 39.37 12.58
C ARG D 200 -36.58 39.54 11.82
N PRO D 201 -37.36 38.46 11.66
CA PRO D 201 -38.78 38.53 11.34
C PRO D 201 -39.56 39.31 12.40
N SER D 216 -28.05 44.07 -1.72
CA SER D 216 -27.31 45.31 -1.58
C SER D 216 -26.32 45.50 -2.71
N SER D 217 -25.44 46.50 -2.56
CA SER D 217 -24.55 46.90 -3.63
C SER D 217 -23.34 45.98 -3.81
N TYR D 218 -23.30 44.84 -3.12
CA TYR D 218 -22.34 43.80 -3.46
C TYR D 218 -22.63 43.19 -4.82
N LYS D 219 -23.87 43.33 -5.30
CA LYS D 219 -24.16 43.03 -6.69
C LYS D 219 -23.40 43.97 -7.62
N ASN D 220 -23.29 45.24 -7.25
CA ASN D 220 -22.46 46.18 -7.99
C ASN D 220 -21.02 45.85 -7.67
N LEU D 221 -20.44 44.94 -8.45
CA LEU D 221 -19.10 44.49 -8.15
C LEU D 221 -18.34 44.18 -9.43
N THR D 222 -17.14 44.73 -9.55
CA THR D 222 -16.18 44.33 -10.57
C THR D 222 -14.89 43.91 -9.88
N LEU D 223 -14.09 43.12 -10.57
CA LEU D 223 -12.94 42.50 -9.93
C LEU D 223 -11.60 42.86 -10.55
N LYS D 224 -11.57 43.31 -11.81
CA LYS D 224 -10.35 43.68 -12.55
C LYS D 224 -9.37 42.51 -12.63
N PHE D 225 -9.80 41.50 -13.38
CA PHE D 225 -9.16 40.19 -13.38
C PHE D 225 -7.73 40.21 -13.89
N HIS D 226 -7.34 41.22 -14.64
CA HIS D 226 -5.97 41.31 -15.12
C HIS D 226 -5.00 41.74 -14.04
N LYS D 227 -5.49 42.15 -12.89
CA LYS D 227 -4.68 42.82 -11.89
C LYS D 227 -4.83 42.23 -10.50
N LEU D 228 -5.85 41.38 -10.29
CA LEU D 228 -6.21 40.82 -9.00
C LEU D 228 -5.09 40.01 -8.37
N VAL D 229 -5.03 40.03 -7.03
CA VAL D 229 -4.16 39.12 -6.31
C VAL D 229 -4.98 38.02 -5.64
N ASN D 230 -5.86 38.38 -4.71
CA ASN D 230 -6.72 37.38 -4.08
C ASN D 230 -7.96 38.07 -3.52
N VAL D 231 -9.01 37.29 -3.32
CA VAL D 231 -10.26 37.75 -2.75
C VAL D 231 -10.56 36.93 -1.52
N THR D 232 -10.71 37.60 -0.39
CA THR D 232 -10.96 36.93 0.89
C THR D 232 -12.31 37.37 1.42
N ILE D 233 -12.87 36.56 2.32
CA ILE D 233 -14.18 36.81 2.91
C ILE D 233 -14.11 36.43 4.38
N HIS D 234 -14.35 37.39 5.26
CA HIS D 234 -14.30 37.17 6.69
C HIS D 234 -15.70 37.26 7.27
N PHE D 235 -16.01 36.42 8.25
CA PHE D 235 -17.18 36.59 9.10
C PHE D 235 -17.00 35.70 10.33
N ARG D 236 -17.96 35.79 11.23
CA ARG D 236 -17.98 34.95 12.41
C ARG D 236 -19.37 34.38 12.63
N LEU D 237 -19.42 33.35 13.47
CA LEU D 237 -20.66 32.76 13.94
C LEU D 237 -20.45 32.30 15.36
N LYS D 238 -21.48 32.44 16.18
CA LYS D 238 -21.45 31.89 17.52
C LYS D 238 -22.25 30.61 17.57
N THR D 239 -21.98 29.82 18.60
CA THR D 239 -22.66 28.55 18.77
C THR D 239 -22.68 28.15 20.23
N ILE D 240 -23.53 27.18 20.52
CA ILE D 240 -23.61 26.54 21.82
C ILE D 240 -23.26 25.09 21.59
N ASN D 241 -22.10 24.67 22.08
CA ASN D 241 -21.79 23.25 22.04
C ASN D 241 -22.74 22.51 22.96
N LEU D 242 -23.20 21.37 22.50
CA LEU D 242 -24.28 20.64 23.14
C LEU D 242 -23.90 19.17 23.25
N GLN D 243 -22.72 18.93 23.80
CA GLN D 243 -22.22 17.58 23.96
C GLN D 243 -22.06 17.27 25.44
N SER D 244 -23.12 17.51 26.19
CA SER D 244 -23.13 17.36 27.65
C SER D 244 -23.58 15.97 28.06
N LEU D 245 -23.11 14.96 27.34
CA LEU D 245 -23.35 13.56 27.66
C LEU D 245 -22.35 13.02 28.68
N ILE D 246 -21.06 13.25 28.46
CA ILE D 246 -20.05 12.64 29.32
C ILE D 246 -19.65 13.56 30.48
N ASN D 247 -19.71 14.88 30.27
CA ASN D 247 -19.80 15.80 31.40
C ASN D 247 -21.07 15.51 32.18
N ASN D 248 -22.13 15.15 31.47
CA ASN D 248 -23.48 14.77 31.89
C ASN D 248 -24.25 16.01 32.36
N GLU D 249 -23.56 17.14 32.45
CA GLU D 249 -24.05 18.47 32.85
C GLU D 249 -23.21 19.51 32.11
N ILE D 250 -23.18 20.73 32.64
CA ILE D 250 -22.95 22.02 31.96
C ILE D 250 -21.92 22.05 30.83
N PRO D 251 -22.36 22.42 29.62
CA PRO D 251 -21.46 22.52 28.47
C PRO D 251 -20.79 23.87 28.37
N ASP D 252 -20.11 24.12 27.27
CA ASP D 252 -19.42 25.37 27.02
C ASP D 252 -19.97 26.02 25.75
N CYS D 253 -19.58 27.26 25.51
CA CYS D 253 -20.22 28.09 24.49
C CYS D 253 -19.14 28.65 23.59
N TYR D 254 -19.17 28.30 22.29
CA TYR D 254 -18.01 28.49 21.43
C TYR D 254 -18.25 29.58 20.39
N THR D 255 -17.18 29.91 19.68
CA THR D 255 -17.20 30.97 18.68
C THR D 255 -16.23 30.64 17.57
N PHE D 256 -16.71 30.62 16.33
CA PHE D 256 -15.88 30.34 15.17
C PHE D 256 -15.43 31.63 14.50
N SER D 257 -14.59 31.45 13.48
CA SER D 257 -14.22 32.54 12.57
C SER D 257 -13.81 31.89 11.26
N VAL D 258 -14.52 32.20 10.20
CA VAL D 258 -14.40 31.46 8.95
C VAL D 258 -13.79 32.36 7.89
N LEU D 259 -12.75 31.86 7.23
CA LEU D 259 -12.13 32.55 6.12
C LEU D 259 -12.27 31.72 4.85
N ILE D 260 -12.67 32.36 3.77
CA ILE D 260 -12.80 31.71 2.46
C ILE D 260 -11.97 32.50 1.46
N THR D 261 -11.01 31.84 0.83
CA THR D 261 -9.96 32.51 0.08
C THR D 261 -9.98 32.09 -1.37
N PHE D 262 -10.15 33.05 -2.27
CA PHE D 262 -10.05 32.79 -3.70
C PHE D 262 -8.67 33.23 -4.19
N ASP D 263 -7.67 32.49 -3.75
CA ASP D 263 -6.28 32.90 -3.91
C ASP D 263 -5.83 32.87 -5.37
N ASN D 264 -5.01 33.85 -5.75
CA ASN D 264 -4.25 33.74 -7.00
C ASN D 264 -2.85 34.28 -6.72
N LYS D 265 -1.97 33.41 -6.26
CA LYS D 265 -0.55 33.69 -6.27
C LYS D 265 0.13 33.06 -7.47
N ALA D 266 -0.62 32.90 -8.55
CA ALA D 266 -0.11 32.17 -9.69
C ALA D 266 -0.25 32.98 -10.97
N HIS D 267 -1.35 33.73 -11.05
CA HIS D 267 -1.71 34.54 -12.22
C HIS D 267 -1.75 33.71 -13.49
N SER D 268 -2.15 32.44 -13.36
CA SER D 268 -1.96 31.44 -14.40
C SER D 268 -3.26 30.80 -14.81
N GLY D 269 -4.39 31.33 -14.37
CA GLY D 269 -5.65 30.79 -14.82
C GLY D 269 -6.19 29.66 -13.99
N ARG D 270 -5.89 29.64 -12.69
CA ARG D 270 -6.54 28.69 -11.80
C ARG D 270 -6.58 29.30 -10.42
N ILE D 271 -7.74 29.23 -9.80
CA ILE D 271 -7.96 29.88 -8.52
C ILE D 271 -8.32 28.83 -7.49
N PRO D 272 -7.42 28.50 -6.56
CA PRO D 272 -7.79 27.57 -5.49
C PRO D 272 -8.79 28.21 -4.56
N ILE D 273 -9.76 27.41 -4.13
CA ILE D 273 -10.84 27.87 -3.28
C ILE D 273 -10.76 27.08 -1.99
N SER D 274 -10.69 27.78 -0.86
CA SER D 274 -10.35 27.13 0.38
C SER D 274 -11.24 27.62 1.50
N LEU D 275 -11.28 26.86 2.59
CA LEU D 275 -12.03 27.24 3.78
C LEU D 275 -11.22 26.82 4.99
N GLU D 276 -10.95 27.76 5.89
CA GLU D 276 -10.21 27.51 7.12
C GLU D 276 -10.93 28.19 8.26
N THR D 277 -10.99 27.55 9.42
CA THR D 277 -11.62 28.14 10.57
C THR D 277 -10.64 28.20 11.74
N GLN D 278 -11.05 28.91 12.78
CA GLN D 278 -10.47 28.81 14.11
C GLN D 278 -11.61 28.87 15.10
N ALA D 279 -11.57 28.02 16.12
CA ALA D 279 -12.60 28.01 17.14
C ALA D 279 -12.10 28.73 18.37
N HIS D 280 -12.95 29.54 18.98
CA HIS D 280 -12.61 30.26 20.19
C HIS D 280 -13.72 30.08 21.22
N ILE D 281 -13.34 30.03 22.50
CA ILE D 281 -14.22 29.56 23.55
C ILE D 281 -14.34 30.66 24.61
N GLN D 282 -15.56 30.84 25.12
CA GLN D 282 -15.73 31.53 26.40
C GLN D 282 -16.87 30.86 27.15
N GLU D 283 -17.33 31.53 28.20
CA GLU D 283 -18.27 30.98 29.17
C GLU D 283 -19.60 31.69 29.05
N CYS D 284 -20.59 31.21 29.79
CA CYS D 284 -21.98 31.58 29.54
C CYS D 284 -22.84 31.22 30.75
N LYS D 285 -24.02 31.83 30.83
CA LYS D 285 -24.90 31.71 32.00
C LYS D 285 -25.99 30.69 31.75
N HIS D 286 -26.18 29.77 32.69
CA HIS D 286 -26.99 28.58 32.53
C HIS D 286 -28.19 28.59 33.47
N PRO D 287 -29.34 28.12 33.01
CA PRO D 287 -30.45 27.83 33.93
C PRO D 287 -30.56 26.35 34.28
N SER D 288 -29.70 25.51 33.72
CA SER D 288 -29.87 24.06 33.82
C SER D 288 -29.57 23.59 35.24
N VAL D 289 -29.91 22.33 35.53
CA VAL D 289 -30.15 21.90 36.90
C VAL D 289 -29.30 20.68 37.26
N PHE D 290 -28.88 20.63 38.52
CA PHE D 290 -28.19 19.50 39.18
C PHE D 290 -26.85 19.16 38.53
N GLN D 291 -25.90 20.09 38.66
CA GLN D 291 -24.61 19.96 37.97
C GLN D 291 -23.68 18.93 38.62
N HIS D 292 -23.25 19.18 39.86
CA HIS D 292 -22.00 18.59 40.37
C HIS D 292 -22.15 17.18 40.94
N GLY D 293 -23.15 16.40 40.53
CA GLY D 293 -23.47 15.12 41.15
C GLY D 293 -22.34 14.11 41.18
N ASP D 294 -21.98 13.57 40.02
CA ASP D 294 -20.71 12.87 39.89
C ASP D 294 -19.60 13.81 39.46
N ASN D 295 -19.90 15.11 39.31
CA ASN D 295 -18.94 16.05 38.74
C ASN D 295 -18.12 16.75 39.83
N SER D 296 -18.62 16.77 41.06
CA SER D 296 -17.74 17.07 42.18
C SER D 296 -16.80 15.90 42.46
N PHE D 297 -17.15 14.70 41.98
CA PHE D 297 -16.37 13.52 42.30
C PHE D 297 -15.10 13.45 41.45
N ARG D 298 -15.17 13.97 40.22
CA ARG D 298 -13.98 14.01 39.38
C ARG D 298 -12.96 15.00 39.92
N LEU D 299 -13.43 16.13 40.44
CA LEU D 299 -12.54 17.12 41.04
C LEU D 299 -11.86 16.57 42.27
N LEU D 300 -12.60 15.84 43.10
CA LEU D 300 -12.00 15.16 44.23
C LEU D 300 -11.10 14.03 43.77
N PHE D 301 -11.37 13.46 42.59
CA PHE D 301 -10.49 12.42 42.08
C PHE D 301 -9.17 13.00 41.60
N ASP D 302 -9.18 14.22 41.08
CA ASP D 302 -7.93 14.82 40.62
C ASP D 302 -7.04 15.19 41.79
N VAL D 303 -7.64 15.41 42.96
CA VAL D 303 -6.83 15.54 44.16
C VAL D 303 -6.17 14.21 44.48
N VAL D 304 -6.88 13.10 44.27
CA VAL D 304 -6.32 11.78 44.49
C VAL D 304 -5.22 11.48 43.48
N VAL D 305 -5.37 11.99 42.26
CA VAL D 305 -4.28 11.96 41.30
C VAL D 305 -3.09 12.75 41.81
N ILE D 306 -3.35 13.96 42.30
CA ILE D 306 -2.24 14.80 42.76
C ILE D 306 -1.84 14.44 44.18
N LEU D 307 -2.59 13.56 44.85
CA LEU D 307 -2.09 12.96 46.07
C LEU D 307 -0.89 12.08 45.80
N THR D 308 -1.06 11.04 44.99
CA THR D 308 -0.04 9.99 44.87
C THR D 308 1.20 10.46 44.14
N CYS D 309 1.11 11.55 43.42
CA CYS D 309 2.30 12.08 42.77
C CYS D 309 3.07 12.98 43.71
N SER D 310 2.37 13.58 44.67
CA SER D 310 2.97 14.59 45.55
C SER D 310 4.04 13.96 46.43
N LEU D 311 3.72 12.87 47.11
CA LEU D 311 4.71 12.23 47.96
C LEU D 311 5.72 11.47 47.14
N SER D 312 5.41 11.19 45.88
CA SER D 312 6.34 10.49 45.01
C SER D 312 7.56 11.34 44.70
N PHE D 313 7.36 12.64 44.60
CA PHE D 313 8.50 13.55 44.41
C PHE D 313 9.37 13.60 45.65
N LEU D 314 8.77 13.45 46.82
CA LEU D 314 9.49 13.66 48.06
C LEU D 314 10.49 12.54 48.32
N LEU D 315 10.03 11.31 48.19
CA LEU D 315 10.82 10.17 48.62
C LEU D 315 11.90 9.85 47.59
N CYS D 316 11.57 10.01 46.30
CA CYS D 316 12.55 9.76 45.24
C CYS D 316 13.68 10.77 45.29
N ALA D 317 13.37 12.01 45.68
CA ALA D 317 14.42 12.98 45.95
C ALA D 317 15.20 12.58 47.19
N ARG D 318 14.50 12.07 48.20
CA ARG D 318 15.16 11.66 49.44
C ARG D 318 16.05 10.45 49.20
N SER D 319 15.65 9.58 48.27
CA SER D 319 16.51 8.47 47.87
C SER D 319 17.75 8.99 47.17
N LEU D 320 17.58 10.03 46.36
CA LEU D 320 18.73 10.62 45.70
C LEU D 320 19.50 11.50 46.67
N LEU D 321 18.85 11.94 47.75
CA LEU D 321 19.49 12.72 48.80
C LEU D 321 20.53 11.89 49.53
N ARG D 322 20.36 10.57 49.50
CA ARG D 322 21.35 9.67 50.07
C ARG D 322 22.65 9.74 49.28
N GLY D 323 22.54 10.00 47.97
CA GLY D 323 23.73 10.14 47.15
C GLY D 323 24.56 11.35 47.53
N PHE D 324 23.91 12.43 47.95
CA PHE D 324 24.61 13.58 48.54
C PHE D 324 25.33 13.19 49.82
N LEU D 325 24.79 12.23 50.58
CA LEU D 325 25.41 11.79 51.81
C LEU D 325 26.47 10.72 51.57
N LEU D 326 26.60 10.20 50.36
CA LEU D 326 27.58 9.15 50.12
C LEU D 326 28.70 9.58 49.21
N GLN D 327 28.53 10.68 48.49
CA GLN D 327 29.51 11.05 47.49
C GLN D 327 30.74 11.69 48.10
N ASN D 328 30.60 12.25 49.29
CA ASN D 328 31.75 12.81 49.98
C ASN D 328 32.42 11.79 50.88
N GLU D 329 31.73 10.72 51.22
CA GLU D 329 32.34 9.70 52.04
C GLU D 329 33.32 8.87 51.24
N PHE D 330 33.00 8.64 49.95
CA PHE D 330 33.86 7.82 49.10
C PHE D 330 35.21 8.49 48.86
N VAL D 331 35.22 9.82 48.84
CA VAL D 331 36.46 10.56 48.62
C VAL D 331 37.40 10.36 49.80
N GLY D 332 36.85 10.14 50.99
CA GLY D 332 37.63 9.84 52.17
C GLY D 332 38.08 8.39 52.25
N PHE D 333 38.33 7.76 51.11
CA PHE D 333 38.94 6.44 51.05
C PHE D 333 40.40 6.59 51.44
N MET D 334 40.67 6.50 52.74
CA MET D 334 41.99 6.71 53.35
C MET D 334 42.57 8.09 53.00
N TRP D 335 41.68 9.07 52.81
CA TRP D 335 42.01 10.48 52.61
C TRP D 335 42.90 10.70 51.37
N ARG D 336 42.29 10.40 50.22
CA ARG D 336 42.91 10.32 48.88
C ARG D 336 44.27 9.61 48.89
N GLN D 337 44.27 8.36 49.37
CA GLN D 337 45.47 7.54 49.24
C GLN D 337 45.76 7.22 47.78
N ARG D 338 44.73 7.13 46.95
CA ARG D 338 44.86 7.07 45.50
C ARG D 338 44.52 8.40 44.85
N GLY D 339 43.34 8.93 45.09
CA GLY D 339 42.99 10.26 44.58
C GLY D 339 42.58 10.35 43.14
N ARG D 340 43.32 9.70 42.24
CA ARG D 340 43.06 9.81 40.81
C ARG D 340 42.05 8.79 40.30
N VAL D 341 41.30 8.13 41.20
CA VAL D 341 40.10 7.40 40.78
C VAL D 341 39.07 8.38 40.23
N ILE D 342 39.02 9.57 40.80
CA ILE D 342 37.93 10.52 40.61
C ILE D 342 38.01 11.09 39.20
N SER D 343 37.06 10.68 38.34
CA SER D 343 36.90 11.18 36.98
C SER D 343 35.45 11.37 36.62
N LEU D 344 34.54 11.14 37.58
CA LEU D 344 33.14 11.55 37.57
C LEU D 344 32.25 10.79 36.59
N TRP D 345 32.83 9.95 35.73
CA TRP D 345 32.01 9.05 34.91
C TRP D 345 31.78 7.74 35.63
N GLU D 346 32.77 7.31 36.39
CA GLU D 346 32.58 6.24 37.36
C GLU D 346 31.65 6.69 38.49
N ARG D 347 31.57 8.01 38.74
CA ARG D 347 30.62 8.52 39.71
C ARG D 347 29.22 8.58 39.11
N LEU D 348 29.11 8.53 37.78
CA LEU D 348 27.79 8.51 37.15
C LEU D 348 27.11 7.16 37.36
N GLU D 349 27.89 6.08 37.49
CA GLU D 349 27.30 4.83 37.98
C GLU D 349 26.98 4.96 39.46
N PHE D 350 27.80 5.68 40.20
CA PHE D 350 27.51 5.99 41.59
C PHE D 350 26.32 6.95 41.71
N VAL D 351 26.07 7.76 40.67
CA VAL D 351 24.80 8.46 40.58
C VAL D 351 23.67 7.45 40.42
N ASN D 352 22.58 7.63 41.17
CA ASN D 352 21.38 6.84 40.98
C ASN D 352 20.83 7.03 39.58
N GLY D 353 20.76 5.94 38.83
CA GLY D 353 20.53 6.05 37.40
C GLY D 353 19.11 6.39 37.03
N TRP D 354 18.17 5.47 37.23
CA TRP D 354 16.87 5.63 36.63
C TRP D 354 15.93 6.40 37.55
N TYR D 355 16.43 6.90 38.67
CA TYR D 355 15.62 7.72 39.57
C TYR D 355 15.38 9.10 38.98
N ILE D 356 16.22 9.52 38.04
CA ILE D 356 16.00 10.79 37.36
C ILE D 356 14.80 10.68 36.42
N LEU D 357 14.44 9.46 36.04
CA LEU D 357 13.35 9.29 35.09
C LEU D 357 12.01 9.46 35.79
N LEU D 358 11.90 8.96 37.02
CA LEU D 358 10.63 9.03 37.75
C LEU D 358 10.33 10.46 38.15
N VAL D 359 11.36 11.21 38.55
CA VAL D 359 11.15 12.59 38.96
C VAL D 359 10.86 13.46 37.74
N THR D 360 11.34 13.03 36.57
CA THR D 360 11.00 13.73 35.34
C THR D 360 9.56 13.46 34.96
N SER D 361 9.10 12.24 35.21
CA SER D 361 7.70 11.89 34.96
C SER D 361 6.77 12.62 35.92
N ASP D 362 7.23 12.86 37.15
CA ASP D 362 6.36 13.39 38.19
C ASP D 362 6.09 14.88 38.01
N VAL D 363 7.10 15.64 37.61
CA VAL D 363 6.93 17.07 37.40
C VAL D 363 5.99 17.32 36.23
N LEU D 364 6.15 16.55 35.16
CA LEU D 364 5.25 16.68 34.02
C LEU D 364 3.86 16.11 34.32
N THR D 365 3.73 15.32 35.39
CA THR D 365 2.42 14.80 35.73
C THR D 365 1.55 15.86 36.37
N ILE D 366 2.10 16.57 37.36
CA ILE D 366 1.32 17.60 38.05
C ILE D 366 1.11 18.82 37.18
N SER D 367 1.94 19.00 36.15
CA SER D 367 1.74 20.12 35.23
C SER D 367 0.55 19.91 34.32
N GLY D 368 0.03 18.69 34.24
CA GLY D 368 -1.17 18.48 33.45
C GLY D 368 -2.42 18.72 34.27
N THR D 369 -2.45 18.18 35.48
CA THR D 369 -3.66 18.23 36.31
C THR D 369 -3.94 19.64 36.80
N ILE D 370 -2.89 20.39 37.14
CA ILE D 370 -3.00 21.82 37.36
C ILE D 370 -3.56 22.50 36.11
N MET D 371 -3.04 22.13 34.96
CA MET D 371 -3.54 22.68 33.71
C MET D 371 -4.92 22.14 33.40
N LYS D 372 -5.25 20.95 33.92
CA LYS D 372 -6.52 20.33 33.58
C LYS D 372 -7.68 21.05 34.24
N ILE D 373 -7.52 21.48 35.49
CA ILE D 373 -8.65 22.07 36.21
C ILE D 373 -8.94 23.49 35.74
N GLY D 374 -8.17 24.01 34.78
CA GLY D 374 -8.52 25.21 34.07
C GLY D 374 -9.59 25.03 33.02
N ILE D 375 -10.09 23.81 32.84
CA ILE D 375 -11.25 23.57 31.99
C ILE D 375 -12.50 24.21 32.59
N GLU D 376 -12.53 24.40 33.91
CA GLU D 376 -13.78 24.75 34.58
C GLU D 376 -14.11 26.22 34.37
N ALA D 377 -13.30 27.10 34.94
CA ALA D 377 -13.62 28.52 34.94
C ALA D 377 -12.40 29.37 34.69
N LYS D 378 -11.45 28.89 33.92
CA LYS D 378 -10.31 29.71 33.54
C LYS D 378 -10.36 29.90 32.04
N ASN D 379 -9.81 31.04 31.59
CA ASN D 379 -9.77 31.40 30.18
C ASN D 379 -8.99 30.42 29.33
N LEU D 380 -8.08 29.66 29.93
CA LEU D 380 -7.38 28.62 29.21
C LEU D 380 -8.30 27.45 28.93
N ALA D 381 -8.42 27.08 27.66
CA ALA D 381 -9.17 25.90 27.28
C ALA D 381 -8.50 25.14 26.14
N SER D 382 -7.29 25.53 25.76
CA SER D 382 -6.51 24.83 24.75
C SER D 382 -6.13 23.46 25.29
N TYR D 383 -6.73 22.42 24.74
CA TYR D 383 -6.48 21.05 25.15
C TYR D 383 -5.18 20.49 24.62
N ASP D 384 -4.36 21.28 23.94
CA ASP D 384 -3.11 20.76 23.41
C ASP D 384 -2.12 20.45 24.51
N VAL D 385 -1.89 21.40 25.40
CA VAL D 385 -0.80 21.23 26.36
C VAL D 385 -1.21 20.29 27.47
N CYS D 386 -2.51 20.10 27.67
CA CYS D 386 -2.96 19.00 28.52
C CYS D 386 -2.74 17.66 27.85
N SER D 387 -2.79 17.62 26.52
CA SER D 387 -2.64 16.35 25.82
C SER D 387 -1.20 15.88 25.82
N ILE D 388 -0.26 16.80 25.63
CA ILE D 388 1.14 16.39 25.61
C ILE D 388 1.60 16.00 27.00
N LEU D 389 1.26 16.83 28.00
CA LEU D 389 1.79 16.62 29.33
C LEU D 389 1.16 15.44 30.05
N LEU D 390 -0.11 15.16 29.79
CA LEU D 390 -0.68 13.90 30.23
C LEU D 390 -0.42 12.80 29.23
N GLY D 391 0.18 13.13 28.08
CA GLY D 391 0.56 12.08 27.15
C GLY D 391 2.00 11.65 27.32
N THR D 392 2.89 12.61 27.58
CA THR D 392 4.29 12.26 27.71
C THR D 392 4.56 11.62 29.05
N SER D 393 3.89 12.12 30.10
CA SER D 393 4.15 11.62 31.44
C SER D 393 3.68 10.18 31.61
N THR D 394 2.67 9.78 30.86
CA THR D 394 2.26 8.37 30.90
C THR D 394 3.27 7.48 30.22
N LEU D 395 3.98 8.01 29.23
CA LEU D 395 4.99 7.20 28.57
C LEU D 395 6.19 6.98 29.48
N LEU D 396 6.46 7.91 30.38
CA LEU D 396 7.60 7.74 31.25
C LEU D 396 7.28 6.88 32.46
N VAL D 397 5.99 6.72 32.77
CA VAL D 397 5.61 5.89 33.91
C VAL D 397 5.85 4.42 33.58
N TRP D 398 5.34 3.96 32.44
CA TRP D 398 5.42 2.55 32.09
C TRP D 398 6.85 2.11 31.85
N VAL D 399 7.71 3.00 31.36
CA VAL D 399 9.10 2.62 31.20
C VAL D 399 9.85 2.67 32.51
N GLY D 400 9.25 3.27 33.55
CA GLY D 400 9.90 3.26 34.84
C GLY D 400 9.85 1.92 35.53
N VAL D 401 8.91 1.07 35.10
CA VAL D 401 8.72 -0.24 35.72
C VAL D 401 9.80 -1.20 35.24
N ILE D 402 10.48 -0.84 34.15
CA ILE D 402 11.50 -1.68 33.55
C ILE D 402 12.68 -1.90 34.50
N ARG D 403 12.99 -0.85 35.27
CA ARG D 403 14.07 -0.91 36.24
C ARG D 403 13.79 -1.99 37.27
N TYR D 404 12.53 -2.10 37.68
CA TYR D 404 12.18 -3.12 38.67
C TYR D 404 11.89 -4.45 38.00
N LEU D 405 12.06 -4.52 36.69
CA LEU D 405 11.91 -5.78 35.99
C LEU D 405 13.24 -6.50 35.84
N THR D 406 14.36 -5.77 35.87
CA THR D 406 15.67 -6.39 35.68
C THR D 406 16.33 -6.73 37.01
N PHE D 407 15.74 -7.69 37.71
CA PHE D 407 16.44 -8.37 38.80
C PHE D 407 16.25 -9.87 38.76
N PHE D 408 15.20 -10.35 38.10
CA PHE D 408 15.16 -11.74 37.66
C PHE D 408 16.25 -11.94 36.61
N HIS D 409 17.04 -13.01 36.76
CA HIS D 409 18.32 -13.08 36.05
C HIS D 409 18.16 -13.29 34.56
N ASN D 410 17.06 -13.91 34.12
CA ASN D 410 16.81 -14.01 32.69
C ASN D 410 16.10 -12.76 32.17
N TYR D 411 15.93 -11.74 33.01
CA TYR D 411 15.51 -10.42 32.56
C TYR D 411 16.66 -9.44 32.69
N ASN D 412 17.63 -9.74 33.56
CA ASN D 412 18.80 -8.90 33.74
C ASN D 412 19.62 -8.80 32.47
N ILE D 413 19.78 -9.92 31.76
CA ILE D 413 20.84 -10.03 30.77
C ILE D 413 20.35 -9.73 29.36
N LEU D 414 19.13 -9.21 29.21
CA LEU D 414 18.60 -8.95 27.87
C LEU D 414 18.50 -7.46 27.56
N ILE D 415 17.88 -6.68 28.44
CA ILE D 415 17.85 -5.23 28.25
C ILE D 415 19.21 -4.59 28.52
N ALA D 416 20.06 -5.23 29.32
CA ALA D 416 21.42 -4.74 29.54
C ALA D 416 22.26 -4.75 28.28
N THR D 417 21.88 -5.55 27.27
CA THR D 417 22.53 -5.51 25.97
C THR D 417 22.35 -4.15 25.31
N LEU D 418 21.17 -3.56 25.47
CA LEU D 418 20.92 -2.23 24.92
C LEU D 418 21.75 -1.19 25.65
N ARG D 419 22.09 -1.44 26.90
CA ARG D 419 22.93 -0.51 27.64
C ARG D 419 24.36 -0.51 27.11
N VAL D 420 24.93 -1.70 26.86
CA VAL D 420 26.33 -1.76 26.48
C VAL D 420 26.52 -1.59 24.98
N ALA D 421 25.45 -1.65 24.20
CA ALA D 421 25.59 -1.47 22.76
C ALA D 421 25.54 -0.01 22.35
N LEU D 422 24.62 0.75 22.97
CA LEU D 422 24.33 2.14 22.62
C LEU D 422 25.54 3.08 22.57
N PRO D 423 26.64 2.86 23.31
CA PRO D 423 27.90 3.55 22.93
C PRO D 423 28.38 3.22 21.52
N SER D 424 28.46 1.95 21.15
CA SER D 424 28.91 1.60 19.82
C SER D 424 27.85 1.86 18.76
N VAL D 425 26.58 1.94 19.14
CA VAL D 425 25.52 2.28 18.21
C VAL D 425 25.64 3.72 17.78
N MET D 426 25.79 4.62 18.76
CA MET D 426 25.78 6.05 18.51
C MET D 426 26.99 6.48 17.69
N ARG D 427 28.08 5.73 17.79
CA ARG D 427 29.29 6.08 17.06
C ARG D 427 29.20 5.66 15.60
N PHE D 428 28.53 4.54 15.31
CA PHE D 428 28.25 4.18 13.93
C PHE D 428 27.19 5.09 13.33
N CYS D 429 26.26 5.53 14.17
CA CYS D 429 25.07 6.22 13.70
C CYS D 429 25.40 7.58 13.10
N CYS D 430 26.49 8.21 13.55
CA CYS D 430 26.86 9.51 13.03
C CYS D 430 27.54 9.39 11.68
N CYS D 431 28.01 8.20 11.33
CA CYS D 431 28.57 8.00 9.99
C CYS D 431 27.46 7.96 8.96
N VAL D 432 26.33 7.36 9.30
CA VAL D 432 25.27 7.17 8.32
C VAL D 432 24.43 8.43 8.21
N ALA D 433 24.21 9.11 9.33
CA ALA D 433 23.25 10.22 9.35
C ALA D 433 23.78 11.45 8.65
N VAL D 434 25.09 11.50 8.40
CA VAL D 434 25.61 12.47 7.45
C VAL D 434 25.06 12.17 6.06
N ILE D 435 25.06 10.90 5.69
CA ILE D 435 24.73 10.53 4.32
C ILE D 435 23.23 10.66 4.08
N TYR D 436 22.40 10.37 5.10
CA TYR D 436 20.96 10.54 4.93
C TYR D 436 20.62 11.99 4.70
N LEU D 437 21.17 12.87 5.55
CA LEU D 437 20.96 14.29 5.38
C LEU D 437 21.64 14.77 4.11
N GLY D 438 22.78 14.20 3.77
CA GLY D 438 23.45 14.56 2.54
C GLY D 438 22.79 14.04 1.31
N TYR D 439 21.80 13.18 1.45
CA TYR D 439 21.11 12.65 0.28
C TYR D 439 19.73 13.25 0.11
N CYS D 440 19.16 13.81 1.18
CA CYS D 440 17.87 14.48 1.06
C CYS D 440 17.97 15.71 0.19
N PHE D 441 19.04 16.50 0.36
CA PHE D 441 19.11 17.82 -0.26
C PHE D 441 19.24 17.74 -1.77
N CYS D 442 19.67 16.59 -2.28
CA CYS D 442 19.59 16.40 -3.72
C CYS D 442 18.16 16.32 -4.18
N GLY D 443 17.39 15.37 -3.66
CA GLY D 443 16.04 15.17 -4.17
C GLY D 443 15.05 16.23 -3.73
N TRP D 444 15.43 17.08 -2.77
CA TRP D 444 14.46 18.01 -2.20
C TRP D 444 14.15 19.16 -3.14
N ILE D 445 15.07 19.50 -4.03
CA ILE D 445 14.75 20.47 -5.06
C ILE D 445 14.79 19.86 -6.45
N VAL D 446 15.59 18.81 -6.66
CA VAL D 446 15.66 18.20 -7.99
C VAL D 446 14.39 17.45 -8.29
N LEU D 447 13.97 16.57 -7.39
CA LEU D 447 12.71 15.88 -7.53
C LEU D 447 11.59 16.61 -6.78
N GLY D 448 11.74 17.92 -6.61
CA GLY D 448 10.77 18.69 -5.86
C GLY D 448 9.42 18.82 -6.52
N PRO D 449 9.32 19.55 -7.62
CA PRO D 449 8.00 19.79 -8.20
C PRO D 449 7.55 18.65 -9.10
N TYR D 450 8.51 17.94 -9.69
CA TYR D 450 8.22 16.87 -10.64
C TYR D 450 7.48 15.72 -9.97
N HIS D 451 7.81 15.45 -8.72
CA HIS D 451 7.16 14.43 -7.92
C HIS D 451 6.00 15.09 -7.19
N VAL D 452 5.38 14.35 -6.28
CA VAL D 452 4.34 14.89 -5.41
C VAL D 452 4.73 14.76 -3.95
N LYS D 453 5.19 13.59 -3.55
CA LYS D 453 5.53 13.31 -2.16
C LYS D 453 6.95 13.72 -1.80
N PHE D 454 7.67 14.35 -2.72
CA PHE D 454 8.93 15.04 -2.44
C PHE D 454 8.76 16.56 -2.48
N ARG D 455 7.60 17.05 -2.09
CA ARG D 455 7.34 18.48 -2.25
C ARG D 455 7.98 19.27 -1.12
N SER D 456 7.52 19.06 0.10
CA SER D 456 7.78 19.99 1.18
C SER D 456 9.11 19.68 1.84
N LEU D 457 9.33 20.32 2.99
CA LEU D 457 10.61 20.21 3.69
C LEU D 457 10.72 18.85 4.38
N SER D 458 9.84 18.59 5.34
CA SER D 458 9.99 17.45 6.21
C SER D 458 9.38 16.18 5.65
N MET D 459 8.61 16.27 4.58
CA MET D 459 8.03 15.07 4.00
C MET D 459 9.07 14.24 3.26
N VAL D 460 10.09 14.90 2.71
CA VAL D 460 11.19 14.17 2.08
C VAL D 460 11.97 13.40 3.13
N SER D 461 12.13 13.99 4.33
CA SER D 461 12.75 13.29 5.43
C SER D 461 11.92 12.11 5.90
N GLU D 462 10.60 12.19 5.71
CA GLU D 462 9.76 11.03 5.92
C GLU D 462 9.89 10.04 4.77
N CYS D 463 10.07 10.54 3.55
CA CYS D 463 9.84 9.71 2.38
C CYS D 463 10.96 8.70 2.16
N LEU D 464 12.21 9.12 2.33
CA LEU D 464 13.32 8.19 2.16
C LEU D 464 13.36 7.19 3.31
N PHE D 465 13.08 7.65 4.53
CA PHE D 465 13.09 6.76 5.68
C PHE D 465 11.89 5.82 5.66
N SER D 466 10.82 6.20 4.97
CA SER D 466 9.77 5.24 4.71
C SER D 466 10.17 4.26 3.63
N LEU D 467 11.14 4.64 2.83
CA LEU D 467 11.47 3.85 1.66
C LEU D 467 12.56 2.84 1.97
N ILE D 468 13.26 3.01 3.09
CA ILE D 468 14.26 2.02 3.50
C ILE D 468 13.65 0.91 4.33
N ASN D 469 12.33 0.82 4.39
CA ASN D 469 11.72 -0.33 5.04
C ASN D 469 10.78 -1.09 4.11
N GLY D 470 10.15 -0.42 3.17
CA GLY D 470 9.34 -1.11 2.20
C GLY D 470 7.88 -0.73 2.11
N ASP D 471 7.51 0.49 2.45
CA ASP D 471 6.17 0.98 2.16
C ASP D 471 6.27 2.26 1.35
N ASP D 472 5.32 2.40 0.41
CA ASP D 472 5.30 3.43 -0.63
C ASP D 472 6.62 3.43 -1.38
N MET D 473 7.02 2.26 -1.85
CA MET D 473 8.26 2.18 -2.60
C MET D 473 8.00 2.16 -4.09
N PHE D 474 7.12 1.25 -4.53
CA PHE D 474 6.87 1.12 -5.96
C PHE D 474 6.15 2.32 -6.53
N VAL D 475 5.29 2.96 -5.75
CA VAL D 475 4.52 4.10 -6.26
C VAL D 475 5.45 5.27 -6.53
N THR D 476 6.50 5.42 -5.72
CA THR D 476 7.52 6.43 -5.97
C THR D 476 8.33 6.13 -7.21
N PHE D 477 8.47 4.86 -7.56
CA PHE D 477 9.03 4.56 -8.87
C PHE D 477 8.05 4.91 -9.97
N ALA D 478 6.78 4.59 -9.77
CA ALA D 478 5.84 4.63 -10.88
C ALA D 478 5.41 6.05 -11.23
N ALA D 479 5.48 6.99 -10.27
CA ALA D 479 4.96 8.33 -10.49
C ALA D 479 5.82 9.13 -11.46
N MET D 480 7.07 8.72 -11.65
CA MET D 480 7.94 9.42 -12.58
C MET D 480 7.60 9.10 -14.04
N GLN D 481 6.98 7.95 -14.30
CA GLN D 481 6.89 7.48 -15.68
C GLN D 481 5.84 8.20 -16.51
N ALA D 482 5.07 9.10 -15.91
CA ALA D 482 4.31 10.04 -16.73
C ALA D 482 5.20 11.12 -17.31
N GLN D 483 6.40 11.30 -16.74
CA GLN D 483 7.44 12.17 -17.28
C GLN D 483 8.49 11.39 -18.05
N GLN D 484 8.10 10.31 -18.73
CA GLN D 484 9.05 9.46 -19.41
C GLN D 484 9.66 10.14 -20.63
N GLY D 485 8.86 10.95 -21.33
CA GLY D 485 9.36 11.72 -22.45
C GLY D 485 9.48 13.18 -22.11
N ARG D 486 8.49 13.70 -21.38
CA ARG D 486 8.52 15.06 -20.86
C ARG D 486 9.60 15.15 -19.80
N SER D 487 10.63 15.97 -20.05
CA SER D 487 11.85 16.04 -19.24
C SER D 487 12.48 14.66 -19.08
N SER D 488 12.79 14.03 -20.22
CA SER D 488 13.24 12.65 -20.24
C SER D 488 14.62 12.49 -19.63
N LEU D 489 15.39 13.58 -19.53
CA LEU D 489 16.67 13.52 -18.84
C LEU D 489 16.47 13.32 -17.35
N VAL D 490 15.41 13.89 -16.78
CA VAL D 490 15.28 13.91 -15.33
C VAL D 490 14.88 12.54 -14.81
N TRP D 491 14.06 11.82 -15.59
CA TRP D 491 13.72 10.45 -15.23
C TRP D 491 14.92 9.52 -15.29
N LEU D 492 15.86 9.83 -16.19
CA LEU D 492 17.12 9.08 -16.22
C LEU D 492 17.93 9.31 -14.96
N PHE D 493 17.71 10.44 -14.30
CA PHE D 493 18.39 10.72 -13.05
C PHE D 493 17.67 10.10 -11.86
N SER D 494 16.34 10.14 -11.86
CA SER D 494 15.59 9.59 -10.73
C SER D 494 15.67 8.08 -10.68
N GLN D 495 15.86 7.45 -11.82
CA GLN D 495 15.97 6.00 -11.84
C GLN D 495 17.29 5.56 -11.27
N LEU D 496 18.32 6.39 -11.44
CA LEU D 496 19.61 6.12 -10.82
C LEU D 496 19.61 6.59 -9.38
N TYR D 497 18.68 7.49 -9.04
CA TYR D 497 18.65 8.05 -7.69
C TYR D 497 18.16 7.02 -6.69
N LEU D 498 17.12 6.28 -7.05
CA LEU D 498 16.53 5.35 -6.11
C LEU D 498 17.18 3.98 -6.19
N TYR D 499 17.81 3.66 -7.32
CA TYR D 499 18.54 2.40 -7.42
C TYR D 499 19.83 2.45 -6.61
N SER D 500 20.49 3.62 -6.58
CA SER D 500 21.75 3.72 -5.85
C SER D 500 21.50 3.76 -4.36
N PHE D 501 20.32 4.23 -3.97
CA PHE D 501 20.08 4.57 -2.58
C PHE D 501 19.86 3.35 -1.72
N ILE D 502 18.84 2.55 -2.00
CA ILE D 502 18.49 1.45 -1.11
C ILE D 502 19.49 0.31 -1.27
N SER D 503 20.24 0.32 -2.36
CA SER D 503 21.38 -0.59 -2.48
C SER D 503 22.49 -0.19 -1.51
N LEU D 504 22.46 1.05 -1.02
CA LEU D 504 23.45 1.47 -0.04
C LEU D 504 22.95 1.25 1.39
N PHE D 505 21.76 1.73 1.72
CA PHE D 505 21.32 1.63 3.11
C PHE D 505 20.83 0.24 3.45
N ILE D 506 19.94 -0.32 2.64
CA ILE D 506 19.32 -1.59 2.99
C ILE D 506 20.30 -2.75 2.81
N TYR D 507 21.01 -2.77 1.69
CA TYR D 507 21.81 -3.95 1.40
C TYR D 507 23.23 -3.85 1.94
N MET D 508 23.66 -2.69 2.40
CA MET D 508 25.02 -2.60 2.89
C MET D 508 25.10 -2.03 4.30
N VAL D 509 24.31 -1.01 4.61
CA VAL D 509 24.47 -0.34 5.90
C VAL D 509 23.75 -1.10 7.00
N LEU D 510 22.48 -1.45 6.76
CA LEU D 510 21.64 -2.01 7.82
C LEU D 510 22.08 -3.42 8.19
N SER D 511 22.82 -4.08 7.30
CA SER D 511 23.40 -5.37 7.64
C SER D 511 24.46 -5.23 8.71
N LEU D 512 25.21 -4.12 8.70
CA LEU D 512 26.08 -3.83 9.83
C LEU D 512 25.27 -3.47 11.06
N PHE D 513 24.08 -2.93 10.86
CA PHE D 513 23.31 -2.46 11.99
C PHE D 513 22.64 -3.61 12.72
N ILE D 514 22.51 -4.76 12.04
CA ILE D 514 22.16 -5.99 12.74
C ILE D 514 23.37 -6.57 13.44
N ALA D 515 24.51 -6.60 12.76
CA ALA D 515 25.69 -7.28 13.27
C ALA D 515 26.33 -6.51 14.40
N LEU D 516 25.94 -5.25 14.61
CA LEU D 516 26.47 -4.51 15.74
C LEU D 516 25.67 -4.84 16.99
N ILE D 517 24.41 -5.22 16.83
CA ILE D 517 23.57 -5.56 17.98
C ILE D 517 23.67 -7.05 18.29
N THR D 518 23.83 -7.88 17.26
CA THR D 518 24.04 -9.31 17.45
C THR D 518 25.31 -9.58 18.25
N GLY D 519 26.34 -8.78 18.03
CA GLY D 519 27.55 -8.90 18.84
C GLY D 519 27.33 -8.58 20.31
N ALA D 520 26.51 -7.58 20.59
CA ALA D 520 26.32 -7.16 21.98
C ALA D 520 25.53 -8.18 22.78
N TYR D 521 24.66 -8.94 22.12
CA TYR D 521 24.06 -10.10 22.76
C TYR D 521 25.05 -11.25 22.86
N ASP D 522 25.99 -11.31 21.93
CA ASP D 522 26.90 -12.44 21.86
C ASP D 522 27.97 -12.34 22.93
N THR D 523 28.46 -11.13 23.18
CA THR D 523 29.53 -10.95 24.15
C THR D 523 29.02 -11.07 25.57
N ILE D 524 27.77 -10.65 25.82
CA ILE D 524 27.29 -10.52 27.18
C ILE D 524 26.77 -11.83 27.73
N LYS D 525 26.57 -12.85 26.88
CA LYS D 525 26.08 -14.12 27.40
C LYS D 525 27.22 -15.09 27.73
N HIS D 526 28.47 -14.69 27.52
CA HIS D 526 29.62 -15.48 27.96
C HIS D 526 30.51 -14.65 28.87
C2 HZ7 E . 48.45 18.78 3.07
C3 HZ7 E . 49.68 19.67 3.01
C4 HZ7 E . 50.81 18.89 2.39
C5 HZ7 E . 51.21 17.90 3.46
C6 HZ7 E . 50.11 16.86 3.56
C1 HZ7 E . 48.75 17.51 3.87
C10 HZ7 E . 57.07 21.11 0.80
C11 HZ7 E . 56.28 20.19 -0.12
C12 HZ7 E . 54.63 24.83 1.82
C13 HZ7 E . 55.09 25.66 0.64
C14 HZ7 E . 56.64 20.52 -1.56
C15 HZ7 E . 56.65 19.30 -2.48
C16 HZ7 E . 57.74 18.29 -2.16
C17 HZ7 E . 59.13 18.91 -2.07
C18 HZ7 E . 59.66 19.40 -3.42
C19 HZ7 E . 60.90 20.24 -3.21
C20 HZ7 E . 54.30 26.96 0.52
C21 HZ7 E . 53.53 27.00 -0.78
C22 HZ7 E . 53.84 28.25 -1.58
C23 HZ7 E . 52.86 29.37 -1.29
C24 HZ7 E . 53.23 30.64 -2.05
C25 HZ7 E . 52.25 31.76 -1.78
C7 HZ7 E . 54.94 20.34 3.67
C8 HZ7 E . 55.24 21.21 2.44
C9 HZ7 E . 54.86 22.65 2.78
O1 HZ7 E . 50.09 16.16 2.32
O10 HZ7 E . 47.80 16.16 1.22
O11 HZ7 E . 46.43 14.70 2.60
O12 HZ7 E . 45.71 17.02 2.26
O13 HZ7 E . 51.55 21.94 3.27
O14 HZ7 E . 49.96 23.32 1.97
O15 HZ7 E . 49.35 22.48 4.23
O16 HZ7 E . 54.96 23.46 1.61
O17 HZ7 E . 56.64 21.05 2.18
O18 HZ7 E . 56.98 22.45 0.29
O19 HZ7 E . 53.22 24.95 1.95
O2 HZ7 E . 47.70 16.53 3.77
O3 HZ7 E . 52.48 17.31 3.19
O4 HZ7 E . 49.47 20.87 2.30
O5 HZ7 E . 47.37 19.49 3.67
O6 HZ7 E . 51.90 19.73 2.02
O7 HZ7 E . 53.70 17.86 5.35
O8 HZ7 E . 53.87 19.48 3.34
O9 HZ7 E . 55.00 17.20 3.33
P1 HZ7 E . 53.81 17.95 3.84
P2 HZ7 E . 46.91 16.12 2.43
P3 HZ7 E . 50.10 22.20 2.95
C1 AQV F . 19.14 -6.16 -11.27
C2 AQV F . 19.42 -5.88 -12.67
C3 AQV F . 19.58 -4.54 -13.11
C4 AQV F . 19.46 -3.47 -12.19
C5 AQV F . 19.19 -3.75 -10.80
C6 AQV F . 19.03 -5.12 -10.37
N1 AQV F . 18.71 -7.05 -9.26
N2 AQV F . 20.73 -7.33 -6.65
O1 AQV F . 18.59 -8.16 -5.97
C7 AQV F . 18.97 -7.38 -10.54
C8 AQV F . 18.75 -5.74 -9.10
C9 AQV F . 18.47 -8.03 -8.19
C10 AQV F . 19.29 -7.82 -6.85
C11 AQV F . 21.43 -7.10 -5.40
C12 AQV F . 21.57 -5.57 -5.26
C13 AQV F . 21.95 -4.73 -6.47
C14 AQV F . 22.13 -5.56 -7.77
C15 AQV F . 21.56 -6.86 -7.80
O2 AQV F . 18.54 -5.04 -7.85
O3 AQV F . 18.94 -8.73 -11.10
C16 AQV F . 21.81 -7.65 -8.94
C17 AQV F . 22.54 -7.19 -10.05
C18 AQV F . 23.11 -5.88 -9.97
C19 AQV F . 22.92 -5.08 -8.82
C20 AQV F . 21.05 -3.44 -6.67
C22 AQV F . 20.92 -7.65 -4.01
C21 AQV F . 22.79 -7.84 -5.41
C2 HZ7 G . 33.07 -31.52 -24.93
C3 HZ7 G . 33.83 -32.31 -25.99
C4 HZ7 G . 34.00 -33.73 -25.50
C5 HZ7 G . 35.06 -33.61 -24.41
C6 HZ7 G . 34.41 -32.93 -23.23
C1 HZ7 G . 33.84 -31.55 -23.60
C10 HZ7 G . 36.70 -39.02 -28.85
C11 HZ7 G . 35.46 -39.16 -27.99
C12 HZ7 G . 36.15 -35.72 -31.95
C13 HZ7 G . 35.53 -36.61 -33.02
C14 HZ7 G . 34.57 -40.23 -28.60
C15 HZ7 G . 33.79 -41.04 -27.57
C16 HZ7 G . 34.69 -41.93 -26.69
C17 HZ7 G . 35.64 -42.81 -27.49
C18 HZ7 G . 34.92 -43.91 -28.26
C19 HZ7 G . 35.89 -44.56 -29.23
C20 HZ7 G . 35.01 -35.78 -34.20
C21 HZ7 G . 33.51 -35.94 -34.33
C22 HZ7 G . 33.12 -36.40 -35.73
C23 HZ7 G . 32.78 -35.22 -36.63
C24 HZ7 G . 32.46 -35.69 -38.05
C25 HZ7 G . 32.12 -34.52 -38.95
C7 HZ7 G . 37.62 -35.84 -27.32
C8 HZ7 G . 36.87 -36.61 -28.40
C9 HZ7 G . 36.95 -35.80 -29.70
O1 HZ7 G . 33.39 -33.80 -22.75
O10 HZ7 G . 31.13 -32.69 -22.58
O11 HZ7 G . 31.31 -31.13 -20.73
O12 HZ7 G . 30.68 -30.26 -22.95
O13 HZ7 G . 35.27 -33.11 -28.45
O14 HZ7 G . 33.32 -32.35 -29.76
O15 HZ7 G . 34.69 -30.71 -28.48
O16 HZ7 G . 36.14 -36.40 -30.71
O17 HZ7 G . 37.52 -37.89 -28.52
O18 HZ7 G . 36.30 -38.96 -30.23
O19 HZ7 G . 35.38 -34.52 -31.84
O2 HZ7 G . 33.08 -31.01 -22.51
O3 HZ7 G . 35.61 -34.88 -24.07
O4 HZ7 G . 33.18 -32.31 -27.25
O5 HZ7 G . 32.91 -30.17 -25.37
O6 HZ7 G . 34.42 -34.60 -26.55
O7 HZ7 G . 38.08 -34.42 -24.44
O8 HZ7 G . 36.67 -35.39 -26.36
O9 HZ7 G . 37.27 -36.77 -24.32
P1 HZ7 G . 36.95 -35.38 -24.79
P2 HZ7 G . 31.51 -31.29 -22.21
P3 HZ7 G . 34.13 -32.11 -28.53
C1 AQV H . 2.74 -22.84 1.37
C2 AQV H . 1.83 -23.84 0.81
C3 AQV H . 1.64 -23.94 -0.59
C4 AQV H . 2.33 -23.06 -1.46
C5 AQV H . 3.23 -22.09 -0.92
C6 AQV H . 3.43 -21.99 0.51
N1 AQV H . 4.03 -21.51 2.63
N2 AQV H . 7.31 -21.58 3.03
O1 AQV H . 6.48 -19.70 4.27
C7 AQV H . 3.17 -22.55 2.70
C8 AQV H . 4.23 -21.16 1.37
C9 AQV H . 4.67 -20.91 3.80
C10 AQV H . 6.25 -20.69 3.69
C11 AQV H . 8.73 -21.32 2.91
C12 AQV H . 8.99 -21.01 1.41
C13 AQV H . 8.31 -21.85 0.34
C14 AQV H . 7.36 -22.94 0.91
C15 AQV H . 6.94 -22.80 2.26
O2 AQV H . 5.11 -20.10 0.92
O3 AQV H . 2.65 -23.15 3.93
C16 AQV H . 6.17 -23.85 2.80
C17 AQV H . 5.77 -24.97 2.06
C18 AQV H . 6.23 -25.09 0.72
C19 AQV H . 7.04 -24.07 0.16
C20 AQV H . 7.64 -20.99 -0.81
C22 AQV H . 9.49 -20.22 3.75
C21 AQV H . 9.55 -22.54 3.43
C2 HZ7 I . -0.35 -47.27 21.75
C3 HZ7 I . -0.75 -48.65 22.24
C4 HZ7 I . -0.31 -48.81 23.68
C5 HZ7 I . 1.20 -48.95 23.59
C6 HZ7 I . 1.76 -47.58 23.22
C1 HZ7 I . 1.16 -47.07 21.90
C10 HZ7 I . -1.49 -54.05 27.89
C11 HZ7 I . -1.58 -52.60 28.35
C12 HZ7 I . -4.12 -54.75 24.23
C13 HZ7 I . -5.39 -55.11 25.01
C14 HZ7 I . -2.67 -52.52 29.42
C15 HZ7 I . -2.36 -51.48 30.50
C16 HZ7 I . -1.16 -51.83 31.37
C17 HZ7 I . -1.23 -53.23 31.97
C18 HZ7 I . -2.33 -53.39 33.01
C19 HZ7 I . -2.52 -54.85 33.34
C20 HZ7 I . -6.58 -55.23 24.08
C21 HZ7 I . -7.64 -54.19 24.44
C22 HZ7 I . -9.00 -54.83 24.70
C23 HZ7 I . -9.86 -54.84 23.45
C24 HZ7 I . -11.18 -55.54 23.72
C25 HZ7 I . -12.05 -55.56 22.49
C7 HZ7 I . 0.41 -53.14 24.91
C8 HZ7 I . -0.93 -53.39 25.59
C9 HZ7 I . -1.86 -54.04 24.57
O1 HZ7 I . 1.46 -46.70 24.30
O10 HZ7 I . 0.23 -44.61 23.58
O11 HZ7 I . 1.86 -43.31 22.34
O12 HZ7 I . -0.22 -43.96 21.22
O13 HZ7 I . -1.82 -51.41 22.40
O14 HZ7 I . -4.03 -50.53 21.73
O15 HZ7 I . -2.10 -50.45 20.15
O16 HZ7 I . -3.18 -54.14 25.11
O17 HZ7 I . -0.67 -54.23 26.71
O18 HZ7 I . -2.81 -54.55 27.65
O19 HZ7 I . -4.46 -53.83 23.20
O2 HZ7 I . 1.57 -45.72 21.67
O3 HZ7 I . 1.76 -49.45 24.80
O4 HZ7 I . -2.14 -48.91 22.12
O5 HZ7 I . -0.74 -47.10 20.39
O6 HZ7 I . -0.92 -49.94 24.31
O7 HZ7 I . 3.02 -51.47 23.93
O8 HZ7 I . 0.59 -51.74 24.77
O9 HZ7 I . 2.51 -51.28 26.36
P1 HZ7 I . 2.01 -51.01 24.97
P2 HZ7 I . 0.83 -44.39 22.21
P3 HZ7 I . -2.53 -50.37 21.58
C1 AQV J . 1.84 -6.25 22.15
C2 AQV J . 0.80 -6.10 23.15
C3 AQV J . -0.42 -6.80 23.05
C4 AQV J . -0.65 -7.68 21.93
C5 AQV J . 0.38 -7.84 20.95
C6 AQV J . 1.63 -7.10 21.07
N1 AQV J . 3.68 -6.20 20.86
N2 AQV J . 6.02 -8.51 20.51
O1 AQV J . 6.56 -6.71 19.02
C7 AQV J . 3.16 -5.72 22.01
C8 AQV J . 2.82 -7.03 20.29
C9 AQV J . 5.02 -5.88 20.38
C10 AQV J . 5.92 -7.10 19.92
C11 AQV J . 6.82 -9.62 20.04
C12 AQV J . 5.83 -10.64 19.45
C13 AQV J . 4.52 -10.95 20.18
C14 AQV J . 4.34 -10.11 21.48
C15 AQV J . 5.14 -8.95 21.63
O2 AQV J . 3.07 -7.75 19.05
O3 AQV J . 3.78 -4.72 22.88
C16 AQV J . 5.04 -8.26 22.87
C17 AQV J . 4.17 -8.64 23.89
C18 AQV J . 3.40 -9.82 23.71
C19 AQV J . 3.50 -10.56 22.51
C20 AQV J . 3.25 -10.93 19.25
C22 AQV J . 7.98 -9.45 19.00
C21 AQV J . 7.68 -10.20 21.19
C2 HZ7 K . 14.93 2.96 49.77
C3 HZ7 K . 15.01 3.26 51.26
C4 HZ7 K . 16.41 3.74 51.57
C5 HZ7 K . 17.26 2.48 51.48
C6 HZ7 K . 17.37 2.13 50.01
C1 HZ7 K . 15.98 1.90 49.38
C10 HZ7 K . 18.77 6.02 57.56
C11 HZ7 K . 19.14 6.68 56.23
C12 HZ7 K . 14.25 5.73 58.03
C13 HZ7 K . 14.07 7.09 58.68
C14 HZ7 K . 19.31 8.17 56.49
C15 HZ7 K . 20.40 8.81 55.61
C16 HZ7 K . 21.81 8.31 55.92
C17 HZ7 K . 22.17 8.42 57.40
C18 HZ7 K . 22.31 9.86 57.88
C19 HZ7 K . 22.40 9.88 59.39
C20 HZ7 K . 12.59 7.44 58.83
C21 HZ7 K . 12.26 8.70 58.02
C22 HZ7 K . 11.61 9.77 58.88
C23 HZ7 K . 10.09 9.69 58.82
C24 HZ7 K . 9.46 10.72 59.74
C25 HZ7 K . 7.95 10.66 59.69
C7 HZ7 K . 17.63 2.98 55.90
C8 HZ7 K . 17.34 4.36 56.44
C9 HZ7 K . 15.94 4.34 57.06
O1 HZ7 K . 18.08 3.19 49.36
O10 HZ7 K . 16.83 4.17 47.39
O11 HZ7 K . 16.92 2.45 45.67
O12 HZ7 K . 14.71 3.25 46.43
O13 HZ7 K . 14.37 3.57 54.12
O14 HZ7 K . 12.51 5.08 53.48
O15 HZ7 K . 12.45 2.66 52.86
O16 HZ7 K . 15.54 5.66 57.44
O17 HZ7 K . 18.35 4.65 57.42
O18 HZ7 K . 17.76 6.79 58.20
O19 HZ7 K . 13.26 5.57 57.00
O2 HZ7 K . 16.11 1.76 47.95
O3 HZ7 K . 18.54 2.67 52.08
O4 HZ7 K . 14.05 4.20 51.69
O5 HZ7 K . 13.62 2.48 49.44
O6 HZ7 K . 16.48 4.33 52.88
O7 HZ7 K . 18.54 0.75 53.73
O8 HZ7 K . 17.69 3.06 54.48
O9 HZ7 K . 20.15 2.62 54.02
P1 HZ7 K . 18.76 2.23 53.61
P2 HZ7 K . 16.13 2.94 46.86
P3 HZ7 K . 13.32 3.88 53.08
C1 AQV L . 18.25 10.37 9.51
C2 AQV L . 18.41 11.81 9.67
C3 AQV L . 17.54 12.53 10.52
C4 AQV L . 16.50 11.86 11.21
C5 AQV L . 16.35 10.44 11.06
C6 AQV L . 17.24 9.71 10.19
N1 AQV L . 18.38 8.19 8.97
N2 AQV L . 19.46 5.67 10.82
O1 AQV L . 18.68 4.75 8.76
C7 AQV L . 18.99 9.38 8.78
C8 AQV L . 17.37 8.33 9.81
C9 AQV L . 18.83 6.94 8.37
C10 AQV L . 18.98 5.70 9.36
C11 AQV L . 19.53 4.53 11.71
C12 AQV L . 18.40 4.73 12.76
C13 AQV L . 18.18 6.11 13.36
C14 AQV L . 19.12 7.20 12.79
C15 AQV L . 19.78 6.93 11.57
O2 AQV L . 16.51 7.25 10.27
O3 AQV L . 20.09 9.63 7.84
C16 AQV L . 20.71 7.88 11.11
C17 AQV L . 20.97 9.09 11.77
C18 AQV L . 20.30 9.32 13.02
C19 AQV L . 19.39 8.36 13.52
C20 AQV L . 16.65 6.54 13.38
C22 AQV L . 19.44 3.04 11.21
C21 AQV L . 20.94 4.42 12.34
#